data_2DNW
#
_entry.id   2DNW
#
_entity_poly.entity_id   1
_entity_poly.type   'polypeptide(L)'
_entity_poly.pdbx_seq_one_letter_code
;GSSGSSGMPPLTLEGIQDRVLYVLKLYDKIDPEKLSVNSHFMKDLGLDSLDQVEIIMAMEDEFGFEIPDIDAEKLMCPQE
IVDYIADKKDVYESGPSSG
;
_entity_poly.pdbx_strand_id   A
#
# COMPACT_ATOMS: atom_id res chain seq x y z
N GLY A 1 25.60 -9.28 5.43
CA GLY A 1 25.94 -9.91 6.69
C GLY A 1 25.72 -8.95 7.86
N SER A 2 26.51 -9.15 8.90
CA SER A 2 26.42 -8.31 10.08
C SER A 2 24.98 -8.24 10.57
N SER A 3 24.62 -9.24 11.37
CA SER A 3 23.27 -9.30 11.92
C SER A 3 23.21 -8.58 13.26
N GLY A 4 22.00 -8.23 13.65
CA GLY A 4 21.78 -7.53 14.90
C GLY A 4 20.46 -7.95 15.55
N SER A 5 19.43 -7.18 15.27
CA SER A 5 18.11 -7.46 15.82
C SER A 5 17.05 -6.68 15.06
N SER A 6 15.88 -7.29 14.92
CA SER A 6 14.77 -6.67 14.21
C SER A 6 13.47 -7.41 14.51
N GLY A 7 12.67 -6.81 15.38
CA GLY A 7 11.40 -7.41 15.76
C GLY A 7 10.26 -6.87 14.90
N MET A 8 9.10 -7.47 15.07
CA MET A 8 7.92 -7.05 14.31
C MET A 8 6.75 -6.72 15.25
N PRO A 9 6.72 -5.44 15.68
CA PRO A 9 5.68 -4.94 16.57
C PRO A 9 4.28 -5.34 16.12
N PRO A 10 3.29 -5.12 17.00
CA PRO A 10 1.89 -5.46 16.72
C PRO A 10 1.44 -4.94 15.36
N LEU A 11 0.21 -5.27 14.98
CA LEU A 11 -0.32 -4.83 13.71
C LEU A 11 -1.28 -3.66 13.93
N THR A 12 -0.86 -2.50 13.45
CA THR A 12 -1.67 -1.29 13.59
C THR A 12 -1.63 -0.46 12.31
N LEU A 13 -2.55 0.48 12.22
CA LEU A 13 -2.62 1.35 11.05
C LEU A 13 -1.23 1.90 10.75
N GLU A 14 -0.53 2.26 11.80
CA GLU A 14 0.81 2.81 11.66
C GLU A 14 1.65 1.90 10.75
N GLY A 15 1.23 0.64 10.67
CA GLY A 15 1.94 -0.33 9.86
C GLY A 15 1.42 -0.30 8.41
N ILE A 16 0.13 -0.10 8.28
CA ILE A 16 -0.50 -0.05 6.97
C ILE A 16 0.13 1.08 6.15
N GLN A 17 0.02 2.29 6.69
CA GLN A 17 0.57 3.46 6.03
C GLN A 17 2.03 3.23 5.68
N ASP A 18 2.84 3.10 6.72
CA ASP A 18 4.27 2.89 6.55
C ASP A 18 4.49 1.91 5.39
N ARG A 19 3.70 0.84 5.41
CA ARG A 19 3.80 -0.18 4.38
C ARG A 19 3.43 0.42 3.02
N VAL A 20 2.35 1.17 3.01
CA VAL A 20 1.88 1.81 1.79
C VAL A 20 3.02 2.62 1.17
N LEU A 21 3.75 3.31 2.04
CA LEU A 21 4.86 4.12 1.59
C LEU A 21 6.07 3.22 1.30
N TYR A 22 6.39 2.39 2.28
CA TYR A 22 7.52 1.47 2.15
C TYR A 22 7.46 0.74 0.82
N VAL A 23 6.30 0.18 0.52
CA VAL A 23 6.11 -0.56 -0.71
C VAL A 23 6.33 0.38 -1.90
N LEU A 24 5.75 1.58 -1.79
CA LEU A 24 5.87 2.58 -2.83
C LEU A 24 7.34 2.99 -2.96
N LYS A 25 8.03 2.96 -1.83
CA LYS A 25 9.44 3.33 -1.81
C LYS A 25 10.26 2.28 -2.56
N LEU A 26 9.99 1.02 -2.24
CA LEU A 26 10.69 -0.09 -2.86
C LEU A 26 10.76 0.16 -4.37
N TYR A 27 9.77 0.90 -4.87
CA TYR A 27 9.72 1.22 -6.28
C TYR A 27 10.59 2.42 -6.62
N ASP A 28 11.78 2.13 -7.12
CA ASP A 28 12.72 3.17 -7.49
C ASP A 28 12.01 4.21 -8.35
N LYS A 29 11.15 3.71 -9.23
CA LYS A 29 10.41 4.58 -10.12
C LYS A 29 9.71 5.68 -9.30
N ILE A 30 9.27 5.28 -8.11
CA ILE A 30 8.59 6.21 -7.23
C ILE A 30 9.60 6.76 -6.20
N ASP A 31 9.76 8.07 -6.24
CA ASP A 31 10.69 8.72 -5.33
C ASP A 31 10.02 8.92 -3.97
N PRO A 32 10.80 8.70 -2.91
CA PRO A 32 10.32 8.84 -1.53
C PRO A 32 10.04 10.30 -1.16
N GLU A 33 10.97 11.17 -1.48
CA GLU A 33 10.81 12.59 -1.18
C GLU A 33 9.46 13.09 -1.69
N LYS A 34 9.22 12.83 -2.97
CA LYS A 34 7.98 13.24 -3.60
C LYS A 34 6.81 12.45 -3.01
N LEU A 35 7.04 11.14 -2.87
CA LEU A 35 6.02 10.27 -2.32
C LEU A 35 5.46 10.89 -1.05
N SER A 36 4.15 10.72 -0.87
CA SER A 36 3.48 11.26 0.30
C SER A 36 2.09 10.63 0.44
N VAL A 37 1.70 10.39 1.68
CA VAL A 37 0.41 9.79 1.97
C VAL A 37 -0.66 10.49 1.13
N ASN A 38 -0.41 11.75 0.83
CA ASN A 38 -1.34 12.53 0.04
C ASN A 38 -0.63 13.03 -1.23
N SER A 39 -0.10 12.07 -1.98
CA SER A 39 0.60 12.39 -3.21
C SER A 39 0.08 11.53 -4.36
N HIS A 40 -0.48 12.19 -5.36
CA HIS A 40 -1.02 11.49 -6.51
C HIS A 40 0.09 10.68 -7.19
N PHE A 41 -0.31 9.93 -8.21
CA PHE A 41 0.64 9.11 -8.95
C PHE A 41 0.73 9.58 -10.41
N MET A 42 -0.34 10.20 -10.87
CA MET A 42 -0.38 10.70 -12.23
C MET A 42 -0.46 12.23 -12.26
N LYS A 43 -0.98 12.78 -11.17
CA LYS A 43 -1.11 14.22 -11.06
C LYS A 43 0.18 14.80 -10.49
N ASP A 44 0.85 14.01 -9.68
CA ASP A 44 2.10 14.43 -9.07
C ASP A 44 3.25 13.64 -9.68
N LEU A 45 3.33 12.38 -9.30
CA LEU A 45 4.39 11.51 -9.80
C LEU A 45 4.36 11.51 -11.34
N GLY A 46 3.18 11.24 -11.88
CA GLY A 46 3.01 11.20 -13.32
C GLY A 46 3.37 9.84 -13.89
N LEU A 47 2.94 8.80 -13.18
CA LEU A 47 3.21 7.44 -13.60
C LEU A 47 2.15 7.00 -14.61
N ASP A 48 2.26 5.75 -15.04
CA ASP A 48 1.32 5.19 -16.00
C ASP A 48 0.52 4.07 -15.34
N SER A 49 -0.62 3.76 -15.96
CA SER A 49 -1.48 2.71 -15.44
C SER A 49 -0.66 1.44 -15.18
N LEU A 50 0.22 1.14 -16.11
CA LEU A 50 1.07 -0.03 -16.00
C LEU A 50 1.74 -0.04 -14.63
N ASP A 51 1.90 1.15 -14.07
CA ASP A 51 2.53 1.30 -12.77
C ASP A 51 1.45 1.20 -11.68
N GLN A 52 0.24 1.59 -12.05
CA GLN A 52 -0.88 1.55 -11.12
C GLN A 52 -1.21 0.10 -10.75
N VAL A 53 -1.22 -0.74 -11.77
CA VAL A 53 -1.53 -2.15 -11.57
C VAL A 53 -0.49 -2.76 -10.63
N GLU A 54 0.75 -2.31 -10.79
CA GLU A 54 1.83 -2.80 -9.96
C GLU A 54 1.68 -2.29 -8.53
N ILE A 55 1.76 -0.97 -8.39
CA ILE A 55 1.63 -0.35 -7.08
C ILE A 55 0.51 -1.03 -6.31
N ILE A 56 -0.66 -1.12 -6.95
CA ILE A 56 -1.81 -1.74 -6.32
C ILE A 56 -1.46 -3.17 -5.93
N MET A 57 -1.12 -3.96 -6.94
CA MET A 57 -0.76 -5.36 -6.72
C MET A 57 0.23 -5.49 -5.56
N ALA A 58 1.03 -4.45 -5.38
CA ALA A 58 2.02 -4.44 -4.33
C ALA A 58 1.31 -4.48 -2.97
N MET A 59 0.25 -3.70 -2.87
CA MET A 59 -0.52 -3.64 -1.64
C MET A 59 -1.36 -4.90 -1.45
N GLU A 60 -1.81 -5.45 -2.57
CA GLU A 60 -2.62 -6.65 -2.55
C GLU A 60 -1.80 -7.83 -2.00
N ASP A 61 -0.49 -7.71 -2.15
CA ASP A 61 0.42 -8.75 -1.68
C ASP A 61 0.91 -8.39 -0.28
N GLU A 62 1.42 -7.17 -0.16
CA GLU A 62 1.92 -6.69 1.12
C GLU A 62 0.87 -6.89 2.21
N PHE A 63 -0.39 -6.89 1.79
CA PHE A 63 -1.49 -7.06 2.73
C PHE A 63 -2.21 -8.39 2.48
N GLY A 64 -2.13 -8.85 1.23
CA GLY A 64 -2.77 -10.09 0.86
C GLY A 64 -4.27 -9.90 0.64
N PHE A 65 -4.61 -9.19 -0.42
CA PHE A 65 -5.99 -8.92 -0.75
C PHE A 65 -6.24 -9.07 -2.26
N GLU A 66 -7.47 -8.75 -2.66
CA GLU A 66 -7.84 -8.85 -4.05
C GLU A 66 -8.58 -7.58 -4.49
N ILE A 67 -7.80 -6.58 -4.88
CA ILE A 67 -8.37 -5.32 -5.32
C ILE A 67 -8.56 -5.36 -6.84
N PRO A 68 -9.83 -5.27 -7.25
CA PRO A 68 -10.22 -5.29 -8.66
C PRO A 68 -9.80 -4.02 -9.40
N ASP A 69 -9.71 -4.10 -10.72
CA ASP A 69 -9.32 -2.95 -11.51
C ASP A 69 -10.31 -1.81 -11.28
N ILE A 70 -11.52 -2.20 -10.89
CA ILE A 70 -12.57 -1.22 -10.62
C ILE A 70 -12.19 -0.39 -9.39
N ASP A 71 -11.38 -1.00 -8.54
CA ASP A 71 -10.93 -0.32 -7.33
C ASP A 71 -9.56 0.29 -7.57
N ALA A 72 -8.64 -0.53 -8.05
CA ALA A 72 -7.29 -0.07 -8.32
C ALA A 72 -7.35 1.22 -9.14
N GLU A 73 -8.40 1.32 -9.95
CA GLU A 73 -8.58 2.49 -10.79
C GLU A 73 -9.07 3.67 -9.95
N LYS A 74 -9.83 3.34 -8.91
CA LYS A 74 -10.37 4.36 -8.03
C LYS A 74 -9.28 4.82 -7.06
N LEU A 75 -8.21 4.03 -7.00
CA LEU A 75 -7.10 4.34 -6.12
C LEU A 75 -6.04 5.12 -6.91
N MET A 76 -5.85 6.37 -6.49
CA MET A 76 -4.87 7.23 -7.15
C MET A 76 -3.92 7.85 -6.12
N CYS A 77 -3.94 7.28 -4.92
CA CYS A 77 -3.09 7.78 -3.85
C CYS A 77 -2.87 6.64 -2.85
N PRO A 78 -1.79 6.78 -2.06
CA PRO A 78 -1.43 5.78 -1.05
C PRO A 78 -2.41 5.76 0.13
N GLN A 79 -2.90 6.94 0.49
CA GLN A 79 -3.84 7.04 1.59
C GLN A 79 -5.16 6.34 1.24
N GLU A 80 -5.49 6.40 -0.04
CA GLU A 80 -6.72 5.79 -0.53
C GLU A 80 -6.70 4.28 -0.28
N ILE A 81 -5.49 3.73 -0.27
CA ILE A 81 -5.32 2.31 -0.04
C ILE A 81 -5.43 2.03 1.46
N VAL A 82 -4.68 2.80 2.23
CA VAL A 82 -4.69 2.64 3.68
C VAL A 82 -6.13 2.46 4.16
N ASP A 83 -7.01 3.29 3.62
CA ASP A 83 -8.41 3.22 3.98
C ASP A 83 -8.96 1.84 3.66
N TYR A 84 -8.58 1.33 2.50
CA TYR A 84 -9.02 0.01 2.07
C TYR A 84 -8.48 -1.07 2.99
N ILE A 85 -7.29 -0.82 3.52
CA ILE A 85 -6.66 -1.78 4.41
C ILE A 85 -7.29 -1.66 5.81
N ALA A 86 -7.20 -0.46 6.36
CA ALA A 86 -7.75 -0.20 7.68
C ALA A 86 -9.09 -0.92 7.81
N ASP A 87 -9.94 -0.72 6.80
CA ASP A 87 -11.25 -1.34 6.79
C ASP A 87 -11.10 -2.84 7.03
N LYS A 88 -10.26 -3.46 6.21
CA LYS A 88 -10.02 -4.89 6.32
C LYS A 88 -9.67 -5.24 7.76
N LYS A 89 -8.92 -4.34 8.38
CA LYS A 89 -8.51 -4.54 9.76
C LYS A 89 -8.10 -6.00 9.96
N ASP A 90 -6.87 -6.30 9.59
CA ASP A 90 -6.35 -7.65 9.72
C ASP A 90 -7.19 -8.60 8.86
N VAL A 91 -6.52 -9.63 8.37
CA VAL A 91 -7.20 -10.62 7.54
C VAL A 91 -7.24 -11.96 8.27
N TYR A 92 -7.36 -11.86 9.58
CA TYR A 92 -7.42 -13.06 10.41
C TYR A 92 -8.86 -13.55 10.58
N GLU A 93 -9.62 -13.41 9.50
CA GLU A 93 -11.00 -13.83 9.51
C GLU A 93 -11.18 -15.16 8.76
N SER A 94 -12.17 -15.93 9.18
CA SER A 94 -12.44 -17.21 8.57
C SER A 94 -12.57 -17.04 7.05
N GLY A 95 -12.63 -18.18 6.37
CA GLY A 95 -12.76 -18.18 4.92
C GLY A 95 -11.88 -19.27 4.28
N PRO A 96 -12.30 -19.70 3.09
CA PRO A 96 -11.59 -20.75 2.34
C PRO A 96 -10.26 -20.26 1.80
N SER A 97 -9.25 -20.21 2.67
CA SER A 97 -7.94 -19.77 2.27
C SER A 97 -6.99 -20.97 2.17
N SER A 98 -6.59 -21.27 0.94
CA SER A 98 -5.69 -22.38 0.70
C SER A 98 -4.33 -21.86 0.25
N GLY A 99 -3.32 -22.70 0.43
CA GLY A 99 -1.97 -22.34 0.06
C GLY A 99 -1.63 -22.84 -1.35
N GLY A 1 13.18 10.51 6.74
CA GLY A 1 12.35 9.73 7.64
C GLY A 1 13.16 8.59 8.28
N SER A 2 13.09 8.55 9.61
CA SER A 2 13.80 7.52 10.36
C SER A 2 13.40 7.57 11.82
N SER A 3 12.96 6.42 12.32
CA SER A 3 12.53 6.31 13.71
C SER A 3 12.79 4.90 14.22
N GLY A 4 12.69 4.76 15.54
CA GLY A 4 12.90 3.47 16.18
C GLY A 4 11.80 2.47 15.79
N SER A 5 12.23 1.30 15.38
CA SER A 5 11.30 0.25 14.99
C SER A 5 12.01 -1.09 14.92
N SER A 6 11.76 -1.92 15.91
CA SER A 6 12.36 -3.24 15.97
C SER A 6 11.28 -4.32 16.13
N GLY A 7 11.37 -5.32 15.27
CA GLY A 7 10.41 -6.42 15.30
C GLY A 7 9.32 -6.20 14.26
N MET A 8 8.17 -6.82 14.53
CA MET A 8 7.03 -6.71 13.63
C MET A 8 5.76 -6.36 14.40
N PRO A 9 5.64 -5.07 14.75
CA PRO A 9 4.49 -4.56 15.50
C PRO A 9 3.16 -5.00 14.89
N PRO A 10 2.09 -4.91 15.69
CA PRO A 10 0.74 -5.30 15.26
C PRO A 10 0.39 -4.74 13.88
N LEU A 11 -0.76 -5.15 13.35
CA LEU A 11 -1.20 -4.68 12.05
C LEU A 11 -2.26 -3.60 12.24
N THR A 12 -1.81 -2.35 12.17
CA THR A 12 -2.71 -1.23 12.33
C THR A 12 -2.43 -0.17 11.27
N LEU A 13 -3.34 0.80 11.17
CA LEU A 13 -3.19 1.88 10.21
C LEU A 13 -1.73 2.32 10.17
N GLU A 14 -1.22 2.68 11.34
CA GLU A 14 0.16 3.12 11.46
C GLU A 14 1.08 2.24 10.62
N GLY A 15 0.85 0.93 10.74
CA GLY A 15 1.65 -0.03 10.01
C GLY A 15 1.23 -0.08 8.53
N ILE A 16 -0.07 0.03 8.31
CA ILE A 16 -0.60 0.01 6.97
C ILE A 16 0.04 1.12 6.14
N GLN A 17 -0.05 2.33 6.68
CA GLN A 17 0.51 3.49 6.00
C GLN A 17 1.99 3.25 5.68
N ASP A 18 2.78 3.13 6.74
CA ASP A 18 4.21 2.90 6.57
C ASP A 18 4.43 1.85 5.48
N ARG A 19 3.59 0.82 5.52
CA ARG A 19 3.69 -0.25 4.54
C ARG A 19 3.37 0.28 3.13
N VAL A 20 2.30 1.06 3.06
CA VAL A 20 1.88 1.64 1.79
C VAL A 20 3.06 2.35 1.14
N LEU A 21 3.72 3.18 1.94
CA LEU A 21 4.87 3.92 1.45
C LEU A 21 6.05 2.97 1.28
N TYR A 22 6.40 2.31 2.37
CA TYR A 22 7.52 1.37 2.36
C TYR A 22 7.48 0.51 1.10
N VAL A 23 6.29 -0.01 0.81
CA VAL A 23 6.11 -0.85 -0.36
C VAL A 23 6.34 -0.02 -1.63
N LEU A 24 5.71 1.14 -1.66
CA LEU A 24 5.84 2.03 -2.80
C LEU A 24 7.32 2.38 -3.01
N LYS A 25 7.98 2.66 -1.90
CA LYS A 25 9.38 3.01 -1.94
C LYS A 25 10.15 1.97 -2.76
N LEU A 26 9.87 0.71 -2.44
CA LEU A 26 10.52 -0.39 -3.15
C LEU A 26 10.63 -0.06 -4.63
N TYR A 27 9.66 0.73 -5.09
CA TYR A 27 9.63 1.13 -6.49
C TYR A 27 10.57 2.31 -6.74
N ASP A 28 11.75 1.99 -7.27
CA ASP A 28 12.73 3.01 -7.57
C ASP A 28 12.08 4.14 -8.37
N LYS A 29 11.20 3.73 -9.27
CA LYS A 29 10.50 4.69 -10.11
C LYS A 29 9.85 5.77 -9.23
N ILE A 30 9.43 5.34 -8.05
CA ILE A 30 8.80 6.25 -7.11
C ILE A 30 9.85 6.72 -6.09
N ASP A 31 9.88 8.02 -5.89
CA ASP A 31 10.82 8.61 -4.95
C ASP A 31 10.11 8.87 -3.62
N PRO A 32 10.82 8.57 -2.52
CA PRO A 32 10.31 8.75 -1.17
C PRO A 32 10.16 10.22 -0.79
N GLU A 33 11.19 11.01 -1.09
CA GLU A 33 11.16 12.43 -0.78
C GLU A 33 9.98 13.10 -1.49
N LYS A 34 9.53 12.46 -2.56
CA LYS A 34 8.42 12.99 -3.33
C LYS A 34 7.11 12.36 -2.83
N LEU A 35 7.13 11.04 -2.76
CA LEU A 35 5.96 10.29 -2.31
C LEU A 35 5.31 11.05 -1.14
N SER A 36 4.00 10.90 -1.05
CA SER A 36 3.25 11.56 0.01
C SER A 36 1.91 10.84 0.24
N VAL A 37 1.65 10.52 1.49
CA VAL A 37 0.42 9.84 1.85
C VAL A 37 -0.73 10.40 1.02
N ASN A 38 -0.61 11.67 0.68
CA ASN A 38 -1.63 12.35 -0.11
C ASN A 38 -1.01 12.88 -1.40
N SER A 39 -0.48 11.97 -2.20
CA SER A 39 0.15 12.34 -3.45
C SER A 39 -0.39 11.46 -4.58
N HIS A 40 -0.73 12.11 -5.69
CA HIS A 40 -1.25 11.40 -6.85
C HIS A 40 -0.09 10.77 -7.62
N PHE A 41 -0.35 9.56 -8.13
CA PHE A 41 0.66 8.85 -8.90
C PHE A 41 0.72 9.35 -10.34
N MET A 42 -0.28 10.16 -10.69
CA MET A 42 -0.36 10.72 -12.03
C MET A 42 -0.49 12.24 -11.98
N LYS A 43 -1.30 12.70 -11.03
CA LYS A 43 -1.52 14.13 -10.87
C LYS A 43 -0.51 14.69 -9.87
N ASP A 44 0.61 13.99 -9.76
CA ASP A 44 1.66 14.41 -8.84
C ASP A 44 2.99 13.81 -9.30
N LEU A 45 3.09 12.49 -9.16
CA LEU A 45 4.30 11.79 -9.56
C LEU A 45 4.48 11.90 -11.07
N GLY A 46 3.57 11.25 -11.79
CA GLY A 46 3.62 11.27 -13.24
C GLY A 46 3.85 9.86 -13.80
N LEU A 47 3.31 8.88 -13.08
CA LEU A 47 3.45 7.49 -13.49
C LEU A 47 2.29 7.13 -14.43
N ASP A 48 2.45 6.00 -15.10
CA ASP A 48 1.44 5.52 -16.04
C ASP A 48 0.55 4.50 -15.33
N SER A 49 -0.46 4.03 -16.06
CA SER A 49 -1.37 3.05 -15.53
C SER A 49 -0.62 1.78 -15.13
N LEU A 50 0.31 1.39 -16.00
CA LEU A 50 1.11 0.20 -15.76
C LEU A 50 1.64 0.23 -14.32
N ASP A 51 1.99 1.43 -13.89
CA ASP A 51 2.51 1.60 -12.54
C ASP A 51 1.37 1.45 -11.53
N GLN A 52 0.19 1.90 -11.95
CA GLN A 52 -0.98 1.82 -11.10
C GLN A 52 -1.29 0.36 -10.74
N VAL A 53 -1.19 -0.48 -11.76
CA VAL A 53 -1.45 -1.91 -11.56
C VAL A 53 -0.39 -2.50 -10.63
N GLU A 54 0.86 -2.18 -10.92
CA GLU A 54 1.96 -2.67 -10.13
C GLU A 54 1.84 -2.18 -8.68
N ILE A 55 1.71 -0.87 -8.54
CA ILE A 55 1.57 -0.26 -7.23
C ILE A 55 0.46 -0.98 -6.46
N ILE A 56 -0.69 -1.07 -7.10
CA ILE A 56 -1.85 -1.72 -6.50
C ILE A 56 -1.47 -3.15 -6.09
N MET A 57 -1.14 -3.95 -7.10
CA MET A 57 -0.75 -5.33 -6.86
C MET A 57 0.15 -5.44 -5.63
N ALA A 58 1.18 -4.62 -5.61
CA ALA A 58 2.12 -4.61 -4.50
C ALA A 58 1.34 -4.71 -3.18
N MET A 59 0.32 -3.88 -3.08
CA MET A 59 -0.51 -3.86 -1.88
C MET A 59 -1.32 -5.16 -1.75
N GLU A 60 -1.71 -5.69 -2.90
CA GLU A 60 -2.49 -6.92 -2.93
C GLU A 60 -1.66 -8.09 -2.41
N ASP A 61 -0.34 -7.90 -2.45
CA ASP A 61 0.57 -8.93 -1.99
C ASP A 61 1.07 -8.58 -0.59
N GLU A 62 1.53 -7.34 -0.46
CA GLU A 62 2.03 -6.86 0.82
C GLU A 62 1.01 -7.11 1.93
N PHE A 63 -0.26 -6.97 1.55
CA PHE A 63 -1.34 -7.18 2.49
C PHE A 63 -2.08 -8.49 2.21
N GLY A 64 -1.92 -8.96 0.98
CA GLY A 64 -2.57 -10.19 0.55
C GLY A 64 -4.07 -9.97 0.30
N PHE A 65 -4.35 -9.06 -0.63
CA PHE A 65 -5.72 -8.75 -0.97
C PHE A 65 -5.94 -8.84 -2.48
N GLU A 66 -7.22 -8.84 -2.86
CA GLU A 66 -7.58 -8.93 -4.26
C GLU A 66 -8.45 -7.74 -4.66
N ILE A 67 -7.79 -6.65 -5.00
CA ILE A 67 -8.50 -5.43 -5.39
C ILE A 67 -8.74 -5.46 -6.90
N PRO A 68 -10.02 -5.29 -7.27
CA PRO A 68 -10.44 -5.28 -8.68
C PRO A 68 -9.94 -4.05 -9.43
N ASP A 69 -10.29 -3.97 -10.71
CA ASP A 69 -9.88 -2.83 -11.52
C ASP A 69 -10.79 -1.64 -11.23
N ILE A 70 -11.99 -1.95 -10.77
CA ILE A 70 -12.96 -0.92 -10.45
C ILE A 70 -12.44 -0.10 -9.27
N ASP A 71 -11.59 -0.73 -8.47
CA ASP A 71 -11.03 -0.07 -7.31
C ASP A 71 -9.64 0.47 -7.65
N ALA A 72 -8.81 -0.41 -8.19
CA ALA A 72 -7.46 -0.04 -8.57
C ALA A 72 -7.51 1.24 -9.42
N GLU A 73 -8.63 1.42 -10.08
CA GLU A 73 -8.82 2.60 -10.92
C GLU A 73 -9.20 3.81 -10.06
N LYS A 74 -9.92 3.53 -8.98
CA LYS A 74 -10.35 4.57 -8.08
C LYS A 74 -9.20 4.94 -7.14
N LEU A 75 -8.23 4.04 -7.06
CA LEU A 75 -7.07 4.26 -6.21
C LEU A 75 -6.01 5.01 -7.00
N MET A 76 -5.71 6.23 -6.53
CA MET A 76 -4.71 7.05 -7.18
C MET A 76 -3.77 7.68 -6.15
N CYS A 77 -3.81 7.13 -4.94
CA CYS A 77 -2.98 7.63 -3.87
C CYS A 77 -2.80 6.51 -2.84
N PRO A 78 -1.72 6.62 -2.05
CA PRO A 78 -1.39 5.65 -1.01
C PRO A 78 -2.38 5.69 0.15
N GLN A 79 -2.80 6.89 0.53
CA GLN A 79 -3.74 7.04 1.62
C GLN A 79 -5.05 6.35 1.29
N GLU A 80 -5.40 6.36 0.01
CA GLU A 80 -6.63 5.74 -0.44
C GLU A 80 -6.61 4.24 -0.16
N ILE A 81 -5.43 3.65 -0.35
CA ILE A 81 -5.26 2.23 -0.12
C ILE A 81 -5.38 1.94 1.38
N VAL A 82 -4.60 2.68 2.16
CA VAL A 82 -4.62 2.52 3.60
C VAL A 82 -6.06 2.36 4.08
N ASP A 83 -6.91 3.26 3.58
CA ASP A 83 -8.31 3.24 3.96
C ASP A 83 -8.90 1.85 3.64
N TYR A 84 -8.54 1.35 2.47
CA TYR A 84 -9.02 0.05 2.04
C TYR A 84 -8.45 -1.06 2.92
N ILE A 85 -7.22 -0.86 3.36
CA ILE A 85 -6.55 -1.83 4.21
C ILE A 85 -7.11 -1.73 5.63
N ALA A 86 -6.98 -0.53 6.20
CA ALA A 86 -7.47 -0.29 7.54
C ALA A 86 -8.80 -1.02 7.74
N ASP A 87 -9.69 -0.87 6.76
CA ASP A 87 -10.98 -1.50 6.80
C ASP A 87 -10.81 -3.00 7.06
N LYS A 88 -9.96 -3.61 6.26
CA LYS A 88 -9.69 -5.03 6.38
C LYS A 88 -9.19 -5.33 7.79
N LYS A 89 -8.40 -4.40 8.31
CA LYS A 89 -7.84 -4.55 9.64
C LYS A 89 -7.40 -6.00 9.85
N ASP A 90 -6.21 -6.30 9.35
CA ASP A 90 -5.66 -7.63 9.47
C ASP A 90 -5.94 -8.17 10.87
N VAL A 91 -6.75 -9.22 10.93
CA VAL A 91 -7.10 -9.83 12.19
C VAL A 91 -6.80 -11.33 12.13
N TYR A 92 -5.71 -11.66 11.45
CA TYR A 92 -5.30 -13.04 11.31
C TYR A 92 -4.38 -13.46 12.45
N GLU A 93 -4.66 -12.91 13.63
CA GLU A 93 -3.87 -13.23 14.81
C GLU A 93 -4.59 -14.25 15.68
N SER A 94 -5.83 -13.93 16.02
CA SER A 94 -6.63 -14.81 16.84
C SER A 94 -8.10 -14.77 16.39
N GLY A 95 -8.59 -15.94 16.01
CA GLY A 95 -9.97 -16.06 15.55
C GLY A 95 -10.24 -17.45 15.00
N PRO A 96 -11.36 -17.56 14.26
CA PRO A 96 -11.79 -18.82 13.65
C PRO A 96 -10.87 -19.25 12.51
N SER A 97 -10.49 -20.52 12.52
CA SER A 97 -9.63 -21.05 11.48
C SER A 97 -10.46 -21.55 10.31
N SER A 98 -9.77 -21.86 9.22
CA SER A 98 -10.43 -22.35 8.02
C SER A 98 -11.31 -21.26 7.43
N GLY A 99 -11.77 -21.51 6.21
CA GLY A 99 -12.63 -20.55 5.53
C GLY A 99 -13.21 -21.17 4.24
N GLY A 1 17.42 7.59 11.92
CA GLY A 1 18.79 7.13 11.81
C GLY A 1 19.09 6.00 12.80
N SER A 2 18.41 4.89 12.58
CA SER A 2 18.58 3.72 13.44
C SER A 2 17.92 2.50 12.81
N SER A 3 18.21 1.34 13.38
CA SER A 3 17.66 0.10 12.89
C SER A 3 17.88 -1.02 13.91
N GLY A 4 16.86 -1.85 14.07
CA GLY A 4 16.92 -2.96 15.01
C GLY A 4 15.66 -3.04 15.85
N SER A 5 15.17 -4.25 16.02
CA SER A 5 13.97 -4.48 16.80
C SER A 5 13.58 -5.97 16.77
N SER A 6 12.68 -6.33 17.66
CA SER A 6 12.22 -7.70 17.74
C SER A 6 10.72 -7.74 18.02
N GLY A 7 10.00 -8.44 17.17
CA GLY A 7 8.56 -8.58 17.31
C GLY A 7 7.88 -7.20 17.21
N MET A 8 6.61 -7.24 16.87
CA MET A 8 5.83 -6.01 16.73
C MET A 8 4.33 -6.31 16.72
N PRO A 9 3.57 -5.43 17.39
CA PRO A 9 2.11 -5.54 17.48
C PRO A 9 1.47 -5.81 16.13
N PRO A 10 0.17 -6.14 16.16
CA PRO A 10 -0.60 -6.42 14.95
C PRO A 10 -0.39 -5.36 13.87
N LEU A 11 -1.05 -5.55 12.73
CA LEU A 11 -0.92 -4.60 11.63
C LEU A 11 -2.10 -3.63 11.67
N THR A 12 -1.80 -2.40 12.05
CA THR A 12 -2.82 -1.36 12.13
C THR A 12 -2.54 -0.25 11.12
N LEU A 13 -3.48 0.68 11.04
CA LEU A 13 -3.34 1.80 10.12
C LEU A 13 -1.90 2.29 10.12
N GLU A 14 -1.43 2.62 11.32
CA GLU A 14 -0.07 3.10 11.48
C GLU A 14 0.91 2.20 10.71
N GLY A 15 0.72 0.90 10.89
CA GLY A 15 1.57 -0.07 10.23
C GLY A 15 1.23 -0.18 8.73
N ILE A 16 -0.05 0.00 8.44
CA ILE A 16 -0.52 -0.08 7.07
C ILE A 16 0.08 1.08 6.27
N GLN A 17 -0.11 2.28 6.78
CA GLN A 17 0.41 3.47 6.12
C GLN A 17 1.90 3.32 5.85
N ASP A 18 2.66 3.15 6.92
CA ASP A 18 4.09 2.99 6.81
C ASP A 18 4.41 1.99 5.69
N ARG A 19 3.62 0.93 5.66
CA ARG A 19 3.80 -0.11 4.65
C ARG A 19 3.48 0.45 3.26
N VAL A 20 2.38 1.20 3.21
CA VAL A 20 1.94 1.79 1.95
C VAL A 20 3.10 2.60 1.35
N LEU A 21 3.67 3.46 2.18
CA LEU A 21 4.77 4.30 1.74
C LEU A 21 6.00 3.42 1.49
N TYR A 22 6.24 2.51 2.42
CA TYR A 22 7.39 1.61 2.31
C TYR A 22 7.34 0.83 1.00
N VAL A 23 6.19 0.24 0.73
CA VAL A 23 6.00 -0.54 -0.48
C VAL A 23 6.17 0.39 -1.70
N LEU A 24 5.53 1.55 -1.61
CA LEU A 24 5.61 2.52 -2.69
C LEU A 24 7.06 2.95 -2.89
N LYS A 25 7.79 3.00 -1.78
CA LYS A 25 9.18 3.39 -1.81
C LYS A 25 10.00 2.32 -2.53
N LEU A 26 9.65 1.07 -2.25
CA LEU A 26 10.34 -0.06 -2.85
C LEU A 26 10.39 0.14 -4.37
N TYR A 27 9.35 0.78 -4.88
CA TYR A 27 9.27 1.04 -6.31
C TYR A 27 10.15 2.23 -6.70
N ASP A 28 11.26 1.91 -7.36
CA ASP A 28 12.19 2.93 -7.80
C ASP A 28 11.43 3.98 -8.63
N LYS A 29 10.43 3.49 -9.35
CA LYS A 29 9.63 4.37 -10.20
C LYS A 29 8.98 5.46 -9.32
N ILE A 30 8.79 5.11 -8.06
CA ILE A 30 8.19 6.04 -7.11
C ILE A 30 9.28 6.66 -6.24
N ASP A 31 9.49 7.95 -6.44
CA ASP A 31 10.50 8.66 -5.68
C ASP A 31 9.98 8.93 -4.26
N PRO A 32 10.85 8.69 -3.28
CA PRO A 32 10.53 8.89 -1.86
C PRO A 32 10.38 10.36 -1.50
N GLU A 33 11.33 11.17 -1.95
CA GLU A 33 11.29 12.59 -1.66
C GLU A 33 9.96 13.19 -2.15
N LYS A 34 9.29 12.45 -3.02
CA LYS A 34 8.02 12.89 -3.56
C LYS A 34 6.89 12.11 -2.90
N LEU A 35 7.12 10.81 -2.75
CA LEU A 35 6.14 9.94 -2.14
C LEU A 35 5.51 10.65 -0.93
N SER A 36 4.21 10.84 -1.01
CA SER A 36 3.48 11.50 0.07
C SER A 36 2.15 10.78 0.31
N VAL A 37 1.77 10.73 1.58
CA VAL A 37 0.52 10.09 1.96
C VAL A 37 -0.63 10.71 1.18
N ASN A 38 -0.40 11.93 0.71
CA ASN A 38 -1.41 12.64 -0.05
C ASN A 38 -0.80 13.11 -1.37
N SER A 39 -0.28 12.16 -2.13
CA SER A 39 0.33 12.45 -3.41
C SER A 39 -0.30 11.59 -4.51
N HIS A 40 -0.42 12.19 -5.69
CA HIS A 40 -1.01 11.49 -6.82
C HIS A 40 0.08 10.73 -7.56
N PHE A 41 -0.30 9.56 -8.07
CA PHE A 41 0.64 8.72 -8.81
C PHE A 41 0.64 9.09 -10.30
N MET A 42 -0.23 10.02 -10.65
CA MET A 42 -0.33 10.48 -12.02
C MET A 42 0.00 11.97 -12.15
N LYS A 43 -0.39 12.70 -11.12
CA LYS A 43 -0.16 14.14 -11.11
C LYS A 43 1.24 14.40 -10.53
N ASP A 44 1.37 14.17 -9.24
CA ASP A 44 2.64 14.37 -8.55
C ASP A 44 3.69 13.44 -9.15
N LEU A 45 3.69 12.21 -8.65
CA LEU A 45 4.64 11.21 -9.13
C LEU A 45 4.77 11.33 -10.64
N GLY A 46 3.65 11.17 -11.31
CA GLY A 46 3.61 11.25 -12.77
C GLY A 46 3.90 9.88 -13.40
N LEU A 47 3.22 8.87 -12.87
CA LEU A 47 3.39 7.51 -13.36
C LEU A 47 2.28 7.20 -14.36
N ASP A 48 2.28 5.97 -14.83
CA ASP A 48 1.28 5.52 -15.78
C ASP A 48 0.39 4.47 -15.13
N SER A 49 -0.67 4.11 -15.84
CA SER A 49 -1.60 3.10 -15.35
C SER A 49 -0.88 1.77 -15.14
N LEU A 50 -0.09 1.40 -16.13
CA LEU A 50 0.66 0.16 -16.06
C LEU A 50 1.41 0.09 -14.73
N ASP A 51 1.88 1.25 -14.30
CA ASP A 51 2.61 1.33 -13.04
C ASP A 51 1.62 1.29 -11.87
N GLN A 52 0.40 1.72 -12.15
CA GLN A 52 -0.64 1.75 -11.14
C GLN A 52 -1.10 0.33 -10.83
N VAL A 53 -1.10 -0.50 -11.86
CA VAL A 53 -1.52 -1.89 -11.71
C VAL A 53 -0.48 -2.64 -10.87
N GLU A 54 0.75 -2.15 -10.94
CA GLU A 54 1.84 -2.77 -10.20
C GLU A 54 1.84 -2.28 -8.75
N ILE A 55 1.49 -1.01 -8.58
CA ILE A 55 1.44 -0.42 -7.26
C ILE A 55 0.39 -1.14 -6.42
N ILE A 56 -0.80 -1.25 -6.98
CA ILE A 56 -1.90 -1.92 -6.30
C ILE A 56 -1.48 -3.34 -5.94
N MET A 57 -1.14 -4.10 -6.98
CA MET A 57 -0.73 -5.49 -6.78
C MET A 57 0.25 -5.60 -5.62
N ALA A 58 1.14 -4.62 -5.53
CA ALA A 58 2.14 -4.60 -4.46
C ALA A 58 1.42 -4.69 -3.12
N MET A 59 0.37 -3.91 -2.97
CA MET A 59 -0.40 -3.88 -1.74
C MET A 59 -1.19 -5.18 -1.58
N GLU A 60 -1.64 -5.71 -2.70
CA GLU A 60 -2.42 -6.93 -2.70
C GLU A 60 -1.58 -8.09 -2.15
N ASP A 61 -0.26 -7.90 -2.20
CA ASP A 61 0.66 -8.92 -1.72
C ASP A 61 1.09 -8.56 -0.30
N GLU A 62 1.58 -7.34 -0.15
CA GLU A 62 2.04 -6.86 1.15
C GLU A 62 0.94 -7.05 2.20
N PHE A 63 -0.30 -6.93 1.74
CA PHE A 63 -1.45 -7.09 2.63
C PHE A 63 -2.14 -8.43 2.39
N GLY A 64 -1.96 -8.94 1.19
CA GLY A 64 -2.57 -10.22 0.82
C GLY A 64 -4.07 -10.06 0.60
N PHE A 65 -4.42 -9.11 -0.24
CA PHE A 65 -5.81 -8.85 -0.55
C PHE A 65 -6.09 -9.00 -2.04
N GLU A 66 -7.33 -8.71 -2.42
CA GLU A 66 -7.73 -8.82 -3.82
C GLU A 66 -8.55 -7.60 -4.22
N ILE A 67 -7.85 -6.56 -4.63
CA ILE A 67 -8.50 -5.33 -5.06
C ILE A 67 -8.78 -5.40 -6.56
N PRO A 68 -10.06 -5.19 -6.90
CA PRO A 68 -10.53 -5.21 -8.28
C PRO A 68 -10.02 -4.03 -9.09
N ASP A 69 -10.22 -4.07 -10.40
CA ASP A 69 -9.78 -2.98 -11.26
C ASP A 69 -10.65 -1.75 -11.02
N ILE A 70 -11.86 -2.01 -10.54
CA ILE A 70 -12.80 -0.93 -10.27
C ILE A 70 -12.27 -0.09 -9.10
N ASP A 71 -11.46 -0.72 -8.27
CA ASP A 71 -10.89 -0.05 -7.12
C ASP A 71 -9.50 0.48 -7.49
N ALA A 72 -8.69 -0.40 -8.05
CA ALA A 72 -7.34 -0.04 -8.45
C ALA A 72 -7.39 1.27 -9.24
N GLU A 73 -8.49 1.45 -9.97
CA GLU A 73 -8.67 2.65 -10.77
C GLU A 73 -9.08 3.83 -9.88
N LYS A 74 -9.80 3.50 -8.83
CA LYS A 74 -10.26 4.52 -7.89
C LYS A 74 -9.12 4.87 -6.92
N LEU A 75 -8.09 4.04 -6.97
CA LEU A 75 -6.94 4.25 -6.10
C LEU A 75 -5.87 5.04 -6.86
N MET A 76 -5.67 6.28 -6.43
CA MET A 76 -4.69 7.14 -7.05
C MET A 76 -3.79 7.80 -6.00
N CYS A 77 -3.81 7.24 -4.81
CA CYS A 77 -3.01 7.76 -3.72
C CYS A 77 -2.79 6.64 -2.70
N PRO A 78 -1.75 6.81 -1.88
CA PRO A 78 -1.39 5.85 -0.83
C PRO A 78 -2.41 5.81 0.30
N GLN A 79 -2.86 6.97 0.71
CA GLN A 79 -3.83 7.06 1.79
C GLN A 79 -5.12 6.34 1.40
N GLU A 80 -5.46 6.45 0.12
CA GLU A 80 -6.65 5.81 -0.40
C GLU A 80 -6.61 4.30 -0.16
N ILE A 81 -5.44 3.73 -0.42
CA ILE A 81 -5.24 2.31 -0.24
C ILE A 81 -5.41 1.95 1.23
N VAL A 82 -4.65 2.64 2.07
CA VAL A 82 -4.71 2.41 3.50
C VAL A 82 -6.17 2.27 3.93
N ASP A 83 -7.00 3.16 3.40
CA ASP A 83 -8.42 3.14 3.72
C ASP A 83 -8.98 1.74 3.43
N TYR A 84 -8.61 1.22 2.28
CA TYR A 84 -9.08 -0.10 1.88
C TYR A 84 -8.53 -1.19 2.81
N ILE A 85 -7.33 -0.92 3.31
CA ILE A 85 -6.69 -1.87 4.21
C ILE A 85 -7.34 -1.79 5.59
N ALA A 86 -7.22 -0.62 6.20
CA ALA A 86 -7.80 -0.39 7.51
C ALA A 86 -9.18 -1.06 7.57
N ASP A 87 -9.93 -0.91 6.49
CA ASP A 87 -11.25 -1.49 6.41
C ASP A 87 -11.17 -2.98 6.73
N LYS A 88 -10.26 -3.66 6.05
CA LYS A 88 -10.07 -5.08 6.24
C LYS A 88 -9.71 -5.34 7.71
N LYS A 89 -8.88 -4.46 8.25
CA LYS A 89 -8.45 -4.59 9.63
C LYS A 89 -8.19 -6.06 9.95
N ASP A 90 -7.15 -6.59 9.33
CA ASP A 90 -6.78 -7.98 9.53
C ASP A 90 -5.50 -8.29 8.76
N VAL A 91 -4.80 -9.32 9.21
CA VAL A 91 -3.57 -9.73 8.56
C VAL A 91 -3.36 -11.23 8.76
N TYR A 92 -4.46 -11.95 8.73
CA TYR A 92 -4.42 -13.40 8.90
C TYR A 92 -3.86 -14.09 7.66
N GLU A 93 -3.54 -13.28 6.66
CA GLU A 93 -3.01 -13.79 5.42
C GLU A 93 -2.00 -14.91 5.69
N SER A 94 -2.01 -15.89 4.80
CA SER A 94 -1.10 -17.02 4.94
C SER A 94 -0.80 -17.63 3.56
N GLY A 95 0.26 -18.41 3.51
CA GLY A 95 0.66 -19.06 2.28
C GLY A 95 1.61 -20.22 2.54
N PRO A 96 1.57 -21.21 1.63
CA PRO A 96 2.42 -22.41 1.73
C PRO A 96 3.89 -22.10 1.47
N SER A 97 4.17 -21.39 0.39
CA SER A 97 5.53 -21.04 0.06
C SER A 97 5.57 -20.22 -1.24
N SER A 98 6.74 -19.69 -1.54
CA SER A 98 6.92 -18.90 -2.74
C SER A 98 8.36 -18.95 -3.20
N GLY A 99 8.64 -19.90 -4.10
CA GLY A 99 9.97 -20.07 -4.63
C GLY A 99 10.87 -20.79 -3.61
N GLY A 1 19.53 11.95 23.35
CA GLY A 1 18.48 11.30 22.59
C GLY A 1 19.08 10.45 21.47
N SER A 2 18.33 10.33 20.38
CA SER A 2 18.77 9.55 19.24
C SER A 2 18.92 8.08 19.65
N SER A 3 18.80 7.21 18.66
CA SER A 3 18.92 5.78 18.90
C SER A 3 17.79 5.31 19.82
N GLY A 4 17.47 4.02 19.69
CA GLY A 4 16.42 3.43 20.50
C GLY A 4 15.98 2.08 19.93
N SER A 5 14.72 1.75 20.16
CA SER A 5 14.17 0.50 19.67
C SER A 5 13.13 0.77 18.58
N SER A 6 12.72 -0.31 17.93
CA SER A 6 11.73 -0.20 16.86
C SER A 6 10.79 -1.42 16.89
N GLY A 7 11.40 -2.58 16.77
CA GLY A 7 10.64 -3.83 16.78
C GLY A 7 9.61 -3.84 15.64
N MET A 8 8.62 -4.70 15.80
CA MET A 8 7.57 -4.83 14.81
C MET A 8 6.21 -5.05 15.47
N PRO A 9 5.71 -3.98 16.10
CA PRO A 9 4.42 -4.01 16.80
C PRO A 9 3.32 -4.62 15.95
N PRO A 10 2.13 -4.80 16.54
CA PRO A 10 0.97 -5.38 15.86
C PRO A 10 0.72 -4.73 14.50
N LEU A 11 -0.31 -5.20 13.81
CA LEU A 11 -0.63 -4.65 12.50
C LEU A 11 -1.80 -3.66 12.64
N THR A 12 -1.52 -2.42 12.27
CA THR A 12 -2.52 -1.37 12.34
C THR A 12 -2.26 -0.31 11.28
N LEU A 13 -3.18 0.64 11.20
CA LEU A 13 -3.07 1.72 10.24
C LEU A 13 -1.61 2.20 10.18
N GLU A 14 -1.08 2.48 11.36
CA GLU A 14 0.30 2.95 11.47
C GLU A 14 1.22 2.05 10.63
N GLY A 15 0.99 0.75 10.73
CA GLY A 15 1.79 -0.20 9.99
C GLY A 15 1.39 -0.24 8.52
N ILE A 16 0.10 -0.04 8.29
CA ILE A 16 -0.43 -0.04 6.93
C ILE A 16 0.18 1.12 6.15
N GLN A 17 0.04 2.31 6.71
CA GLN A 17 0.57 3.51 6.08
C GLN A 17 2.03 3.30 5.69
N ASP A 18 2.86 3.12 6.72
CA ASP A 18 4.28 2.91 6.50
C ASP A 18 4.48 1.90 5.38
N ARG A 19 3.72 0.81 5.47
CA ARG A 19 3.80 -0.24 4.46
C ARG A 19 3.43 0.31 3.08
N VAL A 20 2.32 1.03 3.05
CA VAL A 20 1.85 1.62 1.80
C VAL A 20 2.98 2.38 1.14
N LEU A 21 3.57 3.30 1.90
CA LEU A 21 4.67 4.11 1.39
C LEU A 21 5.88 3.21 1.16
N TYR A 22 6.24 2.47 2.19
CA TYR A 22 7.38 1.56 2.11
C TYR A 22 7.32 0.72 0.84
N VAL A 23 6.18 0.06 0.67
CA VAL A 23 5.99 -0.79 -0.49
C VAL A 23 6.16 0.05 -1.76
N LEU A 24 5.61 1.24 -1.72
CA LEU A 24 5.71 2.15 -2.86
C LEU A 24 7.16 2.55 -3.08
N LYS A 25 7.84 2.82 -1.96
CA LYS A 25 9.24 3.21 -2.02
C LYS A 25 10.04 2.12 -2.72
N LEU A 26 9.75 0.88 -2.36
CA LEU A 26 10.43 -0.25 -2.94
C LEU A 26 10.54 -0.06 -4.46
N TYR A 27 9.58 0.69 -4.99
CA TYR A 27 9.55 0.96 -6.42
C TYR A 27 10.42 2.17 -6.76
N ASP A 28 11.61 1.89 -7.26
CA ASP A 28 12.55 2.94 -7.64
C ASP A 28 11.82 3.96 -8.53
N LYS A 29 10.99 3.43 -9.41
CA LYS A 29 10.23 4.27 -10.33
C LYS A 29 9.54 5.39 -9.53
N ILE A 30 9.23 5.07 -8.28
CA ILE A 30 8.56 6.03 -7.42
C ILE A 30 9.58 6.62 -6.44
N ASP A 31 9.62 7.94 -6.40
CA ASP A 31 10.55 8.63 -5.52
C ASP A 31 9.82 9.01 -4.23
N PRO A 32 10.51 8.77 -3.10
CA PRO A 32 9.97 9.07 -1.77
C PRO A 32 9.87 10.57 -1.50
N GLU A 33 10.93 11.28 -1.82
CA GLU A 33 10.97 12.72 -1.62
C GLU A 33 9.72 13.37 -2.22
N LYS A 34 9.22 12.73 -3.28
CA LYS A 34 8.04 13.23 -3.97
C LYS A 34 6.80 12.58 -3.37
N LEU A 35 6.84 11.26 -3.30
CA LEU A 35 5.72 10.50 -2.76
C LEU A 35 5.17 11.23 -1.54
N SER A 36 3.88 11.01 -1.29
CA SER A 36 3.23 11.63 -0.16
C SER A 36 1.90 10.92 0.14
N VAL A 37 1.73 10.56 1.41
CA VAL A 37 0.53 9.87 1.84
C VAL A 37 -0.69 10.49 1.12
N ASN A 38 -0.56 11.78 0.83
CA ASN A 38 -1.64 12.49 0.16
C ASN A 38 -1.11 13.07 -1.15
N SER A 39 -0.65 12.18 -2.02
CA SER A 39 -0.12 12.58 -3.30
C SER A 39 -0.57 11.60 -4.39
N HIS A 40 -0.88 12.16 -5.55
CA HIS A 40 -1.33 11.35 -6.68
C HIS A 40 -0.13 10.62 -7.28
N PHE A 41 -0.44 9.76 -8.24
CA PHE A 41 0.60 8.99 -8.91
C PHE A 41 0.88 9.54 -10.30
N MET A 42 0.32 10.71 -10.56
CA MET A 42 0.50 11.37 -11.85
C MET A 42 0.57 12.88 -11.69
N LYS A 43 -0.34 13.41 -10.88
CA LYS A 43 -0.39 14.84 -10.64
C LYS A 43 0.99 15.33 -10.20
N ASP A 44 1.56 14.62 -9.22
CA ASP A 44 2.87 14.97 -8.71
C ASP A 44 3.88 13.92 -9.16
N LEU A 45 3.69 12.71 -8.67
CA LEU A 45 4.58 11.61 -9.01
C LEU A 45 4.89 11.66 -10.51
N GLY A 46 3.92 11.21 -11.29
CA GLY A 46 4.07 11.20 -12.74
C GLY A 46 4.33 9.78 -13.25
N LEU A 47 3.40 8.90 -12.93
CA LEU A 47 3.52 7.51 -13.35
C LEU A 47 2.47 7.22 -14.42
N ASP A 48 2.36 5.95 -14.77
CA ASP A 48 1.40 5.53 -15.78
C ASP A 48 0.55 4.38 -15.23
N SER A 49 -0.54 4.11 -15.94
CA SER A 49 -1.44 3.04 -15.52
C SER A 49 -0.68 1.74 -15.35
N LEU A 50 0.26 1.51 -16.27
CA LEU A 50 1.07 0.31 -16.22
C LEU A 50 1.70 0.18 -14.83
N ASP A 51 1.91 1.32 -14.20
CA ASP A 51 2.51 1.34 -12.88
C ASP A 51 1.41 1.20 -11.83
N GLN A 52 0.21 1.60 -12.22
CA GLN A 52 -0.93 1.53 -11.33
C GLN A 52 -1.25 0.08 -10.99
N VAL A 53 -1.06 -0.79 -11.97
CA VAL A 53 -1.33 -2.20 -11.80
C VAL A 53 -0.28 -2.79 -10.85
N GLU A 54 0.91 -2.23 -10.91
CA GLU A 54 2.00 -2.69 -10.06
C GLU A 54 1.81 -2.19 -8.62
N ILE A 55 1.70 -0.87 -8.51
CA ILE A 55 1.51 -0.25 -7.20
C ILE A 55 0.46 -1.03 -6.42
N ILE A 56 -0.70 -1.20 -7.04
CA ILE A 56 -1.79 -1.92 -6.41
C ILE A 56 -1.31 -3.32 -6.02
N MET A 57 -0.78 -4.03 -7.01
CA MET A 57 -0.28 -5.38 -6.78
C MET A 57 0.64 -5.42 -5.57
N ALA A 58 1.27 -4.29 -5.30
CA ALA A 58 2.18 -4.18 -4.18
C ALA A 58 1.40 -4.31 -2.87
N MET A 59 0.23 -3.67 -2.86
CA MET A 59 -0.61 -3.71 -1.69
C MET A 59 -1.40 -5.02 -1.61
N GLU A 60 -1.55 -5.65 -2.77
CA GLU A 60 -2.28 -6.89 -2.86
C GLU A 60 -1.40 -8.06 -2.38
N ASP A 61 -0.10 -7.81 -2.40
CA ASP A 61 0.85 -8.82 -1.97
C ASP A 61 1.25 -8.57 -0.51
N GLU A 62 1.50 -7.30 -0.22
CA GLU A 62 1.88 -6.91 1.14
C GLU A 62 0.76 -7.27 2.12
N PHE A 63 -0.46 -6.96 1.71
CA PHE A 63 -1.61 -7.24 2.55
C PHE A 63 -2.37 -8.47 2.05
N GLY A 64 -1.73 -9.18 1.13
CA GLY A 64 -2.33 -10.39 0.56
C GLY A 64 -3.84 -10.21 0.37
N PHE A 65 -4.19 -9.20 -0.41
CA PHE A 65 -5.58 -8.92 -0.69
C PHE A 65 -5.90 -9.09 -2.17
N GLU A 66 -7.13 -8.76 -2.53
CA GLU A 66 -7.57 -8.88 -3.91
C GLU A 66 -8.41 -7.67 -4.30
N ILE A 67 -7.71 -6.62 -4.71
CA ILE A 67 -8.38 -5.39 -5.12
C ILE A 67 -8.68 -5.45 -6.62
N PRO A 68 -9.97 -5.33 -6.95
CA PRO A 68 -10.45 -5.37 -8.34
C PRO A 68 -10.04 -4.14 -9.12
N ASP A 69 -10.09 -4.23 -10.44
CA ASP A 69 -9.72 -3.12 -11.29
C ASP A 69 -10.67 -1.95 -11.03
N ILE A 70 -11.86 -2.28 -10.54
CA ILE A 70 -12.86 -1.27 -10.25
C ILE A 70 -12.38 -0.42 -9.08
N ASP A 71 -11.52 -1.02 -8.26
CA ASP A 71 -10.98 -0.32 -7.11
C ASP A 71 -9.61 0.27 -7.47
N ALA A 72 -8.75 -0.58 -8.00
CA ALA A 72 -7.43 -0.15 -8.39
C ALA A 72 -7.53 1.16 -9.18
N GLU A 73 -8.61 1.29 -9.92
CA GLU A 73 -8.84 2.48 -10.72
C GLU A 73 -9.26 3.65 -9.82
N LYS A 74 -10.01 3.31 -8.78
CA LYS A 74 -10.49 4.32 -7.85
C LYS A 74 -9.34 4.73 -6.93
N LEU A 75 -8.33 3.89 -6.89
CA LEU A 75 -7.17 4.15 -6.04
C LEU A 75 -6.13 4.94 -6.84
N MET A 76 -5.90 6.17 -6.40
CA MET A 76 -4.94 7.03 -7.06
C MET A 76 -4.00 7.68 -6.04
N CYS A 77 -3.93 7.07 -4.87
CA CYS A 77 -3.08 7.58 -3.81
C CYS A 77 -2.90 6.47 -2.77
N PRO A 78 -1.82 6.61 -1.98
CA PRO A 78 -1.48 5.65 -0.92
C PRO A 78 -2.46 5.69 0.23
N GLN A 79 -2.87 6.89 0.62
CA GLN A 79 -3.80 7.05 1.72
C GLN A 79 -5.11 6.33 1.41
N GLU A 80 -5.52 6.42 0.15
CA GLU A 80 -6.75 5.79 -0.29
C GLU A 80 -6.68 4.28 -0.05
N ILE A 81 -5.48 3.74 -0.20
CA ILE A 81 -5.28 2.32 0.00
C ILE A 81 -5.34 1.99 1.50
N VAL A 82 -4.56 2.75 2.26
CA VAL A 82 -4.54 2.56 3.70
C VAL A 82 -5.97 2.40 4.23
N ASP A 83 -6.86 3.22 3.68
CA ASP A 83 -8.25 3.18 4.08
C ASP A 83 -8.84 1.81 3.75
N TYR A 84 -8.48 1.31 2.58
CA TYR A 84 -8.96 0.01 2.14
C TYR A 84 -8.44 -1.10 3.04
N ILE A 85 -7.22 -0.91 3.52
CA ILE A 85 -6.59 -1.89 4.40
C ILE A 85 -7.22 -1.80 5.79
N ALA A 86 -7.06 -0.64 6.40
CA ALA A 86 -7.61 -0.40 7.72
C ALA A 86 -9.00 -1.04 7.81
N ASP A 87 -9.86 -0.62 6.91
CA ASP A 87 -11.23 -1.14 6.87
C ASP A 87 -11.18 -2.67 6.94
N LYS A 88 -10.45 -3.25 6.00
CA LYS A 88 -10.32 -4.69 5.95
C LYS A 88 -9.88 -5.22 7.31
N LYS A 89 -9.03 -4.44 7.97
CA LYS A 89 -8.53 -4.82 9.28
C LYS A 89 -8.23 -6.32 9.30
N ASP A 90 -7.20 -6.70 8.55
CA ASP A 90 -6.81 -8.10 8.48
C ASP A 90 -6.27 -8.55 9.83
N VAL A 91 -6.93 -9.54 10.40
CA VAL A 91 -6.52 -10.06 11.70
C VAL A 91 -6.63 -11.59 11.68
N TYR A 92 -6.39 -12.16 10.51
CA TYR A 92 -6.47 -13.60 10.36
C TYR A 92 -5.08 -14.21 10.18
N GLU A 93 -4.16 -13.75 11.03
CA GLU A 93 -2.79 -14.25 10.97
C GLU A 93 -2.07 -13.69 9.74
N SER A 94 -2.65 -13.99 8.58
CA SER A 94 -2.07 -13.54 7.33
C SER A 94 -3.13 -13.56 6.22
N GLY A 95 -3.76 -14.71 6.08
CA GLY A 95 -4.81 -14.88 5.08
C GLY A 95 -4.29 -15.70 3.89
N PRO A 96 -5.21 -16.46 3.28
CA PRO A 96 -4.90 -17.30 2.13
C PRO A 96 -4.60 -16.49 0.88
N SER A 97 -4.30 -17.19 -0.21
CA SER A 97 -3.99 -16.53 -1.46
C SER A 97 -3.57 -17.55 -2.52
N SER A 98 -2.44 -18.19 -2.26
CA SER A 98 -1.92 -19.20 -3.17
C SER A 98 -1.80 -18.61 -4.58
N GLY A 99 -0.59 -18.17 -4.91
CA GLY A 99 -0.33 -17.60 -6.21
C GLY A 99 0.74 -16.50 -6.12
N GLY A 1 28.48 -16.49 6.27
CA GLY A 1 27.20 -16.97 6.75
C GLY A 1 26.55 -15.97 7.71
N SER A 2 25.39 -15.48 7.30
CA SER A 2 24.67 -14.51 8.12
C SER A 2 23.20 -14.46 7.68
N SER A 3 22.33 -14.84 8.60
CA SER A 3 20.90 -14.85 8.33
C SER A 3 20.13 -15.12 9.62
N GLY A 4 19.03 -14.38 9.78
CA GLY A 4 18.20 -14.52 10.96
C GLY A 4 16.72 -14.37 10.60
N SER A 5 15.90 -14.28 11.65
CA SER A 5 14.47 -14.14 11.47
C SER A 5 14.09 -12.66 11.37
N SER A 6 13.22 -12.36 10.42
CA SER A 6 12.78 -10.98 10.23
C SER A 6 11.76 -10.92 9.09
N GLY A 7 10.49 -11.00 9.47
CA GLY A 7 9.41 -10.95 8.49
C GLY A 7 8.05 -11.16 9.16
N MET A 8 7.65 -10.17 9.94
CA MET A 8 6.38 -10.22 10.63
C MET A 8 5.39 -9.22 10.06
N PRO A 9 4.09 -9.56 10.17
CA PRO A 9 3.00 -8.72 9.68
C PRO A 9 3.15 -7.27 10.11
N PRO A 10 2.59 -6.34 9.32
CA PRO A 10 2.65 -4.91 9.60
C PRO A 10 2.26 -4.59 11.04
N LEU A 11 2.78 -3.50 11.56
CA LEU A 11 2.50 -3.09 12.93
C LEU A 11 1.24 -2.21 12.94
N THR A 12 0.10 -2.84 13.14
CA THR A 12 -1.16 -2.13 13.18
C THR A 12 -1.25 -1.16 12.00
N LEU A 13 -2.22 -0.27 12.09
CA LEU A 13 -2.43 0.73 11.05
C LEU A 13 -1.09 1.38 10.69
N GLU A 14 -0.39 1.81 11.73
CA GLU A 14 0.90 2.45 11.55
C GLU A 14 1.81 1.58 10.67
N GLY A 15 1.47 0.30 10.62
CA GLY A 15 2.23 -0.65 9.82
C GLY A 15 1.75 -0.66 8.38
N ILE A 16 0.50 -0.26 8.21
CA ILE A 16 -0.11 -0.23 6.88
C ILE A 16 0.49 0.92 6.08
N GLN A 17 0.38 2.12 6.65
CA GLN A 17 0.90 3.31 6.00
C GLN A 17 2.37 3.10 5.60
N ASP A 18 3.20 2.94 6.62
CA ASP A 18 4.62 2.73 6.39
C ASP A 18 4.81 1.78 5.22
N ARG A 19 4.07 0.67 5.26
CA ARG A 19 4.15 -0.33 4.22
C ARG A 19 3.76 0.29 2.86
N VAL A 20 2.60 0.94 2.86
CA VAL A 20 2.11 1.58 1.65
C VAL A 20 3.24 2.38 1.01
N LEU A 21 3.89 3.19 1.82
CA LEU A 21 4.99 4.01 1.34
C LEU A 21 6.19 3.12 1.02
N TYR A 22 6.58 2.32 2.01
CA TYR A 22 7.70 1.42 1.84
C TYR A 22 7.63 0.70 0.49
N VAL A 23 6.49 0.08 0.24
CA VAL A 23 6.28 -0.65 -0.99
C VAL A 23 6.45 0.31 -2.17
N LEU A 24 5.88 1.49 -2.03
CA LEU A 24 5.96 2.51 -3.07
C LEU A 24 7.43 2.89 -3.27
N LYS A 25 8.12 3.06 -2.15
CA LYS A 25 9.52 3.43 -2.19
C LYS A 25 10.31 2.40 -2.99
N LEU A 26 10.02 1.14 -2.70
CA LEU A 26 10.69 0.04 -3.37
C LEU A 26 10.72 0.32 -4.87
N TYR A 27 9.75 1.11 -5.32
CA TYR A 27 9.66 1.46 -6.73
C TYR A 27 10.51 2.69 -7.04
N ASP A 28 11.71 2.42 -7.55
CA ASP A 28 12.63 3.49 -7.89
C ASP A 28 11.87 4.61 -8.59
N LYS A 29 11.10 4.22 -9.60
CA LYS A 29 10.32 5.17 -10.36
C LYS A 29 9.70 6.20 -9.40
N ILE A 30 9.27 5.70 -8.26
CA ILE A 30 8.67 6.56 -7.25
C ILE A 30 9.76 7.10 -6.32
N ASP A 31 9.68 8.40 -6.08
CA ASP A 31 10.65 9.05 -5.21
C ASP A 31 10.02 9.29 -3.83
N PRO A 32 10.82 9.01 -2.79
CA PRO A 32 10.39 9.17 -1.40
C PRO A 32 10.23 10.64 -1.02
N GLU A 33 11.24 11.45 -1.34
CA GLU A 33 11.20 12.86 -1.03
C GLU A 33 10.00 13.53 -1.72
N LYS A 34 9.45 12.82 -2.69
CA LYS A 34 8.31 13.34 -3.44
C LYS A 34 7.03 12.66 -2.92
N LEU A 35 7.08 11.34 -2.83
CA LEU A 35 5.95 10.58 -2.35
C LEU A 35 5.29 11.33 -1.19
N SER A 36 3.99 11.10 -1.03
CA SER A 36 3.24 11.74 0.03
C SER A 36 1.89 11.04 0.21
N VAL A 37 1.60 10.70 1.46
CA VAL A 37 0.35 10.03 1.78
C VAL A 37 -0.78 10.65 0.96
N ASN A 38 -0.61 11.93 0.66
CA ASN A 38 -1.62 12.64 -0.12
C ASN A 38 -0.98 13.14 -1.42
N SER A 39 -0.46 12.21 -2.19
CA SER A 39 0.18 12.54 -3.45
C SER A 39 -0.28 11.56 -4.54
N HIS A 40 -0.86 12.14 -5.59
CA HIS A 40 -1.35 11.34 -6.69
C HIS A 40 -0.16 10.70 -7.42
N PHE A 41 -0.43 9.54 -8.02
CA PHE A 41 0.60 8.82 -8.75
C PHE A 41 0.67 9.29 -10.21
N MET A 42 -0.15 10.29 -10.52
CA MET A 42 -0.20 10.83 -11.86
C MET A 42 -0.30 12.35 -11.84
N LYS A 43 -1.17 12.84 -10.97
CA LYS A 43 -1.38 14.27 -10.83
C LYS A 43 -0.16 14.90 -10.15
N ASP A 44 0.45 14.12 -9.27
CA ASP A 44 1.61 14.58 -8.54
C ASP A 44 2.86 13.88 -9.09
N LEU A 45 2.96 12.59 -8.79
CA LEU A 45 4.09 11.81 -9.25
C LEU A 45 4.20 11.93 -10.77
N GLY A 46 3.23 11.36 -11.45
CA GLY A 46 3.21 11.39 -12.91
C GLY A 46 3.60 10.04 -13.50
N LEU A 47 3.01 8.99 -12.93
CA LEU A 47 3.28 7.64 -13.39
C LEU A 47 2.21 7.23 -14.41
N ASP A 48 2.39 6.03 -14.96
CA ASP A 48 1.46 5.51 -15.94
C ASP A 48 0.54 4.48 -15.27
N SER A 49 -0.44 4.03 -16.04
CA SER A 49 -1.38 3.04 -15.55
C SER A 49 -0.65 1.74 -15.20
N LEU A 50 0.13 1.28 -16.16
CA LEU A 50 0.89 0.04 -15.98
C LEU A 50 1.68 0.13 -14.67
N ASP A 51 1.93 1.36 -14.24
CA ASP A 51 2.68 1.58 -13.02
C ASP A 51 1.70 1.64 -11.85
N GLN A 52 0.47 2.03 -12.15
CA GLN A 52 -0.56 2.13 -11.13
C GLN A 52 -1.13 0.75 -10.81
N VAL A 53 -1.10 -0.11 -11.82
CA VAL A 53 -1.61 -1.46 -11.67
C VAL A 53 -0.63 -2.28 -10.84
N GLU A 54 0.65 -2.08 -11.13
CA GLU A 54 1.70 -2.78 -10.41
C GLU A 54 1.72 -2.37 -8.94
N ILE A 55 1.72 -1.07 -8.73
CA ILE A 55 1.74 -0.53 -7.38
C ILE A 55 0.68 -1.23 -6.54
N ILE A 56 -0.55 -1.18 -7.01
CA ILE A 56 -1.66 -1.80 -6.32
C ILE A 56 -1.30 -3.27 -6.02
N MET A 57 -0.94 -3.97 -7.09
CA MET A 57 -0.57 -5.38 -6.95
C MET A 57 0.44 -5.58 -5.82
N ALA A 58 1.28 -4.57 -5.65
CA ALA A 58 2.30 -4.62 -4.62
C ALA A 58 1.63 -4.70 -3.25
N MET A 59 0.57 -3.92 -3.09
CA MET A 59 -0.17 -3.88 -1.84
C MET A 59 -0.97 -5.17 -1.65
N GLU A 60 -1.35 -5.77 -2.77
CA GLU A 60 -2.12 -7.01 -2.73
C GLU A 60 -1.25 -8.15 -2.21
N ASP A 61 0.05 -7.98 -2.37
CA ASP A 61 1.00 -9.00 -1.93
C ASP A 61 1.52 -8.63 -0.55
N GLU A 62 1.95 -7.38 -0.43
CA GLU A 62 2.49 -6.88 0.83
C GLU A 62 1.49 -7.16 1.97
N PHE A 63 0.22 -7.23 1.61
CA PHE A 63 -0.83 -7.49 2.57
C PHE A 63 -1.50 -8.84 2.31
N GLY A 64 -1.47 -9.24 1.05
CA GLY A 64 -2.07 -10.51 0.65
C GLY A 64 -3.59 -10.37 0.50
N PHE A 65 -3.99 -9.50 -0.42
CA PHE A 65 -5.40 -9.26 -0.68
C PHE A 65 -5.73 -9.44 -2.16
N GLU A 66 -6.98 -9.14 -2.50
CA GLU A 66 -7.43 -9.26 -3.87
C GLU A 66 -8.20 -8.01 -4.29
N ILE A 67 -7.46 -7.01 -4.72
CA ILE A 67 -8.06 -5.75 -5.15
C ILE A 67 -8.26 -5.79 -6.66
N PRO A 68 -9.55 -5.76 -7.06
CA PRO A 68 -9.93 -5.78 -8.47
C PRO A 68 -9.58 -4.48 -9.19
N ASP A 69 -9.58 -4.53 -10.51
CA ASP A 69 -9.27 -3.35 -11.31
C ASP A 69 -10.31 -2.26 -11.04
N ILE A 70 -11.49 -2.71 -10.64
CA ILE A 70 -12.57 -1.78 -10.34
C ILE A 70 -12.20 -0.94 -9.12
N ASP A 71 -11.31 -1.50 -8.30
CA ASP A 71 -10.87 -0.81 -7.10
C ASP A 71 -9.55 -0.08 -7.39
N ALA A 72 -8.59 -0.82 -7.89
CA ALA A 72 -7.29 -0.26 -8.21
C ALA A 72 -7.49 1.04 -9.00
N GLU A 73 -8.50 1.03 -9.85
CA GLU A 73 -8.81 2.20 -10.66
C GLU A 73 -9.27 3.36 -9.77
N LYS A 74 -10.01 3.01 -8.73
CA LYS A 74 -10.51 4.00 -7.79
C LYS A 74 -9.39 4.42 -6.84
N LEU A 75 -8.32 3.64 -6.87
CA LEU A 75 -7.17 3.92 -6.02
C LEU A 75 -6.12 4.67 -6.82
N MET A 76 -5.90 5.93 -6.42
CA MET A 76 -4.92 6.77 -7.09
C MET A 76 -4.01 7.46 -6.08
N CYS A 77 -4.00 6.92 -4.87
CA CYS A 77 -3.18 7.48 -3.80
C CYS A 77 -2.91 6.38 -2.78
N PRO A 78 -1.86 6.59 -1.98
CA PRO A 78 -1.45 5.65 -0.94
C PRO A 78 -2.43 5.61 0.22
N GLN A 79 -2.81 6.78 0.70
CA GLN A 79 -3.76 6.86 1.82
C GLN A 79 -5.03 6.09 1.48
N GLU A 80 -5.42 6.17 0.23
CA GLU A 80 -6.63 5.49 -0.23
C GLU A 80 -6.52 3.98 0.05
N ILE A 81 -5.34 3.45 -0.27
CA ILE A 81 -5.10 2.03 -0.07
C ILE A 81 -5.18 1.71 1.42
N VAL A 82 -4.41 2.45 2.20
CA VAL A 82 -4.39 2.26 3.65
C VAL A 82 -5.82 2.05 4.14
N ASP A 83 -6.71 2.90 3.66
CA ASP A 83 -8.10 2.83 4.05
C ASP A 83 -8.64 1.43 3.75
N TYR A 84 -8.28 0.94 2.57
CA TYR A 84 -8.72 -0.38 2.15
C TYR A 84 -8.12 -1.47 3.05
N ILE A 85 -6.92 -1.19 3.54
CA ILE A 85 -6.23 -2.13 4.40
C ILE A 85 -6.77 -2.00 5.83
N ALA A 86 -6.58 -0.82 6.40
CA ALA A 86 -7.04 -0.56 7.74
C ALA A 86 -8.41 -1.20 7.95
N ASP A 87 -9.22 -1.14 6.89
CA ASP A 87 -10.55 -1.71 6.93
C ASP A 87 -10.45 -3.23 6.97
N LYS A 88 -9.68 -3.76 6.03
CA LYS A 88 -9.49 -5.20 5.94
C LYS A 88 -9.06 -5.74 7.31
N LYS A 89 -8.36 -4.90 8.05
CA LYS A 89 -7.90 -5.27 9.38
C LYS A 89 -9.08 -5.33 10.34
N ASP A 90 -10.04 -4.44 10.09
CA ASP A 90 -11.22 -4.37 10.93
C ASP A 90 -12.46 -4.57 10.06
N VAL A 91 -12.94 -5.81 10.05
CA VAL A 91 -14.13 -6.15 9.27
C VAL A 91 -14.91 -7.26 9.99
N TYR A 92 -14.89 -7.18 11.31
CA TYR A 92 -15.60 -8.16 12.11
C TYR A 92 -17.11 -7.90 12.12
N GLU A 93 -17.49 -6.85 11.41
CA GLU A 93 -18.89 -6.48 11.31
C GLU A 93 -19.65 -7.47 10.43
N SER A 94 -19.08 -7.73 9.26
CA SER A 94 -19.69 -8.65 8.31
C SER A 94 -18.75 -8.87 7.13
N GLY A 95 -18.74 -10.11 6.64
CA GLY A 95 -17.91 -10.47 5.52
C GLY A 95 -18.17 -9.56 4.32
N PRO A 96 -17.15 -9.44 3.46
CA PRO A 96 -17.22 -8.60 2.26
C PRO A 96 -18.16 -9.18 1.21
N SER A 97 -18.90 -8.31 0.53
CA SER A 97 -19.83 -8.76 -0.49
C SER A 97 -19.57 -7.99 -1.79
N SER A 98 -19.44 -8.76 -2.87
CA SER A 98 -19.18 -8.17 -4.17
C SER A 98 -17.90 -7.34 -4.14
N GLY A 99 -16.81 -7.99 -4.50
CA GLY A 99 -15.51 -7.33 -4.51
C GLY A 99 -14.96 -7.17 -3.08
N GLY A 1 20.01 3.29 -0.44
CA GLY A 1 18.57 3.53 -0.49
C GLY A 1 17.83 2.61 0.47
N SER A 2 17.22 3.22 1.47
CA SER A 2 16.46 2.46 2.46
C SER A 2 17.37 1.42 3.13
N SER A 3 17.88 1.78 4.29
CA SER A 3 18.77 0.88 5.03
C SER A 3 18.34 0.84 6.50
N GLY A 4 18.22 -0.38 7.01
CA GLY A 4 17.82 -0.57 8.39
C GLY A 4 17.69 -2.07 8.72
N SER A 5 17.61 -2.35 10.01
CA SER A 5 17.49 -3.72 10.47
C SER A 5 16.66 -3.77 11.76
N SER A 6 15.48 -4.38 11.65
CA SER A 6 14.60 -4.49 12.79
C SER A 6 13.72 -5.73 12.64
N GLY A 7 13.20 -6.19 13.77
CA GLY A 7 12.34 -7.37 13.79
C GLY A 7 10.99 -7.07 13.15
N MET A 8 9.94 -7.28 13.93
CA MET A 8 8.59 -7.05 13.45
C MET A 8 7.77 -6.30 14.51
N PRO A 9 7.90 -4.96 14.49
CA PRO A 9 7.19 -4.09 15.42
C PRO A 9 5.70 -4.42 15.51
N PRO A 10 5.01 -3.80 16.48
CA PRO A 10 3.57 -4.02 16.69
C PRO A 10 2.78 -3.92 15.39
N LEU A 11 1.60 -4.52 15.39
CA LEU A 11 0.75 -4.50 14.21
C LEU A 11 -0.32 -3.42 14.39
N THR A 12 -0.07 -2.26 13.80
CA THR A 12 -1.00 -1.15 13.89
C THR A 12 -1.08 -0.42 12.54
N LEU A 13 -2.12 0.38 12.40
CA LEU A 13 -2.33 1.14 11.18
C LEU A 13 -1.00 1.75 10.74
N GLU A 14 -0.33 2.37 11.70
CA GLU A 14 0.94 3.02 11.43
C GLU A 14 1.80 2.12 10.52
N GLY A 15 1.68 0.82 10.75
CA GLY A 15 2.44 -0.14 9.97
C GLY A 15 1.93 -0.20 8.53
N ILE A 16 0.61 -0.16 8.40
CA ILE A 16 -0.01 -0.21 7.09
C ILE A 16 0.52 0.94 6.24
N GLN A 17 0.43 2.14 6.79
CA GLN A 17 0.89 3.32 6.09
C GLN A 17 2.36 3.15 5.67
N ASP A 18 3.22 3.09 6.66
CA ASP A 18 4.65 2.93 6.41
C ASP A 18 4.83 1.93 5.27
N ARG A 19 4.08 0.83 5.34
CA ARG A 19 4.16 -0.20 4.32
C ARG A 19 3.74 0.35 2.97
N VAL A 20 2.60 1.04 2.98
CA VAL A 20 2.06 1.62 1.76
C VAL A 20 3.16 2.44 1.08
N LEU A 21 3.84 3.26 1.87
CA LEU A 21 4.91 4.10 1.35
C LEU A 21 6.13 3.22 1.04
N TYR A 22 6.52 2.44 2.04
CA TYR A 22 7.67 1.55 1.89
C TYR A 22 7.59 0.77 0.57
N VAL A 23 6.43 0.17 0.35
CA VAL A 23 6.21 -0.60 -0.87
C VAL A 23 6.33 0.32 -2.08
N LEU A 24 5.73 1.49 -1.96
CA LEU A 24 5.76 2.46 -3.04
C LEU A 24 7.20 2.94 -3.25
N LYS A 25 7.96 2.94 -2.17
CA LYS A 25 9.35 3.36 -2.22
C LYS A 25 10.14 2.38 -3.09
N LEU A 26 9.85 1.10 -2.90
CA LEU A 26 10.53 0.05 -3.66
C LEU A 26 10.52 0.42 -5.14
N TYR A 27 9.48 1.15 -5.53
CA TYR A 27 9.34 1.57 -6.91
C TYR A 27 10.19 2.81 -7.20
N ASP A 28 11.36 2.56 -7.79
CA ASP A 28 12.28 3.64 -8.12
C ASP A 28 11.49 4.78 -8.76
N LYS A 29 10.60 4.42 -9.67
CA LYS A 29 9.79 5.39 -10.38
C LYS A 29 9.19 6.37 -9.36
N ILE A 30 8.83 5.83 -8.20
CA ILE A 30 8.25 6.64 -7.15
C ILE A 30 9.36 7.11 -6.20
N ASP A 31 9.65 8.40 -6.27
CA ASP A 31 10.68 8.99 -5.44
C ASP A 31 10.16 9.10 -4.00
N PRO A 32 11.05 8.76 -3.04
CA PRO A 32 10.72 8.81 -1.62
C PRO A 32 10.56 10.24 -1.10
N GLU A 33 11.49 11.11 -1.49
CA GLU A 33 11.44 12.49 -1.07
C GLU A 33 10.15 13.15 -1.56
N LYS A 34 9.52 12.51 -2.53
CA LYS A 34 8.29 13.02 -3.10
C LYS A 34 7.11 12.22 -2.53
N LEU A 35 7.31 10.90 -2.46
CA LEU A 35 6.28 10.02 -1.95
C LEU A 35 5.60 10.68 -0.74
N SER A 36 4.28 10.83 -0.86
CA SER A 36 3.50 11.45 0.20
C SER A 36 2.16 10.72 0.35
N VAL A 37 1.78 10.54 1.60
CA VAL A 37 0.52 9.87 1.90
C VAL A 37 -0.60 10.48 1.08
N ASN A 38 -0.40 11.76 0.74
CA ASN A 38 -1.39 12.47 -0.05
C ASN A 38 -0.77 12.91 -1.37
N SER A 39 -0.25 11.93 -2.10
CA SER A 39 0.38 12.19 -3.37
C SER A 39 -0.28 11.34 -4.46
N HIS A 40 -0.48 11.97 -5.62
CA HIS A 40 -1.10 11.29 -6.75
C HIS A 40 -0.02 10.60 -7.59
N PHE A 41 -0.42 9.52 -8.24
CA PHE A 41 0.49 8.77 -9.09
C PHE A 41 0.52 9.33 -10.50
N MET A 42 -0.22 10.41 -10.70
CA MET A 42 -0.29 11.06 -12.00
C MET A 42 -0.28 12.57 -11.86
N LYS A 43 -1.13 13.06 -10.98
CA LYS A 43 -1.23 14.50 -10.74
C LYS A 43 0.15 15.04 -10.37
N ASP A 44 0.61 14.66 -9.19
CA ASP A 44 1.91 15.10 -8.72
C ASP A 44 3.00 14.21 -9.29
N LEU A 45 3.04 12.97 -8.79
CA LEU A 45 4.03 12.01 -9.25
C LEU A 45 4.18 12.13 -10.77
N GLY A 46 3.18 11.63 -11.47
CA GLY A 46 3.20 11.68 -12.93
C GLY A 46 3.64 10.34 -13.51
N LEU A 47 3.06 9.27 -12.98
CA LEU A 47 3.39 7.93 -13.43
C LEU A 47 2.40 7.51 -14.53
N ASP A 48 2.48 6.24 -14.88
CA ASP A 48 1.60 5.70 -15.92
C ASP A 48 0.67 4.66 -15.29
N SER A 49 -0.40 4.36 -16.01
CA SER A 49 -1.37 3.39 -15.53
C SER A 49 -0.70 2.05 -15.26
N LEU A 50 0.20 1.67 -16.17
CA LEU A 50 0.92 0.42 -16.04
C LEU A 50 1.58 0.37 -14.66
N ASP A 51 1.99 1.53 -14.18
CA ASP A 51 2.63 1.62 -12.88
C ASP A 51 1.57 1.47 -11.78
N GLN A 52 0.34 1.76 -12.15
CA GLN A 52 -0.76 1.67 -11.22
C GLN A 52 -1.11 0.20 -10.96
N VAL A 53 -1.05 -0.59 -12.04
CA VAL A 53 -1.36 -2.00 -11.94
C VAL A 53 -0.30 -2.69 -11.07
N GLU A 54 0.89 -2.11 -11.06
CA GLU A 54 1.97 -2.65 -10.28
C GLU A 54 1.87 -2.19 -8.82
N ILE A 55 1.65 -0.89 -8.67
CA ILE A 55 1.53 -0.30 -7.34
C ILE A 55 0.50 -1.10 -6.53
N ILE A 56 -0.64 -1.35 -7.15
CA ILE A 56 -1.70 -2.09 -6.51
C ILE A 56 -1.20 -3.50 -6.17
N MET A 57 -0.66 -4.16 -7.19
CA MET A 57 -0.14 -5.52 -7.02
C MET A 57 0.83 -5.57 -5.84
N ALA A 58 1.45 -4.44 -5.55
CA ALA A 58 2.39 -4.36 -4.46
C ALA A 58 1.65 -4.52 -3.13
N MET A 59 0.50 -3.86 -3.06
CA MET A 59 -0.31 -3.93 -1.85
C MET A 59 -1.07 -5.25 -1.77
N GLU A 60 -1.26 -5.87 -2.92
CA GLU A 60 -1.96 -7.15 -3.00
C GLU A 60 -1.05 -8.28 -2.53
N ASP A 61 0.25 -8.03 -2.62
CA ASP A 61 1.23 -9.02 -2.22
C ASP A 61 1.70 -8.71 -0.79
N GLU A 62 2.04 -7.45 -0.57
CA GLU A 62 2.50 -7.02 0.73
C GLU A 62 1.48 -7.39 1.81
N PHE A 63 0.22 -7.19 1.47
CA PHE A 63 -0.87 -7.51 2.40
C PHE A 63 -1.66 -8.73 1.92
N GLY A 64 -1.06 -9.45 0.98
CA GLY A 64 -1.70 -10.64 0.44
C GLY A 64 -3.21 -10.44 0.29
N PHE A 65 -3.56 -9.49 -0.55
CA PHE A 65 -4.97 -9.18 -0.80
C PHE A 65 -5.31 -9.33 -2.28
N GLU A 66 -6.57 -9.03 -2.59
CA GLU A 66 -7.04 -9.13 -3.97
C GLU A 66 -7.92 -7.93 -4.31
N ILE A 67 -7.28 -6.89 -4.85
CA ILE A 67 -7.98 -5.68 -5.22
C ILE A 67 -8.29 -5.72 -6.72
N PRO A 68 -9.59 -5.68 -7.04
CA PRO A 68 -10.07 -5.71 -8.42
C PRO A 68 -9.75 -4.42 -9.17
N ASP A 69 -9.88 -4.45 -10.49
CA ASP A 69 -9.60 -3.29 -11.31
C ASP A 69 -10.61 -2.19 -10.97
N ILE A 70 -11.77 -2.62 -10.47
CA ILE A 70 -12.82 -1.68 -10.12
C ILE A 70 -12.40 -0.90 -8.88
N ASP A 71 -11.52 -1.51 -8.09
CA ASP A 71 -11.04 -0.88 -6.88
C ASP A 71 -9.65 -0.30 -7.13
N ALA A 72 -8.84 -1.07 -7.84
CA ALA A 72 -7.48 -0.64 -8.16
C ALA A 72 -7.54 0.65 -8.98
N GLU A 73 -8.68 0.85 -9.63
CA GLU A 73 -8.88 2.04 -10.44
C GLU A 73 -9.28 3.23 -9.56
N LYS A 74 -10.01 2.92 -8.51
CA LYS A 74 -10.47 3.95 -7.59
C LYS A 74 -9.31 4.36 -6.68
N LEU A 75 -8.24 3.58 -6.75
CA LEU A 75 -7.07 3.86 -5.94
C LEU A 75 -6.04 4.63 -6.78
N MET A 76 -5.78 5.85 -6.35
CA MET A 76 -4.83 6.71 -7.05
C MET A 76 -3.85 7.36 -6.07
N CYS A 77 -3.94 6.92 -4.82
CA CYS A 77 -3.07 7.45 -3.78
C CYS A 77 -2.81 6.34 -2.76
N PRO A 78 -1.74 6.53 -1.97
CA PRO A 78 -1.34 5.58 -0.93
C PRO A 78 -2.31 5.55 0.23
N GLN A 79 -2.83 6.72 0.60
CA GLN A 79 -3.77 6.81 1.70
C GLN A 79 -5.06 6.05 1.36
N GLU A 80 -5.43 6.11 0.09
CA GLU A 80 -6.62 5.44 -0.38
C GLU A 80 -6.52 3.94 -0.14
N ILE A 81 -5.29 3.44 -0.24
CA ILE A 81 -5.04 2.02 -0.05
C ILE A 81 -5.13 1.69 1.44
N VAL A 82 -4.39 2.46 2.23
CA VAL A 82 -4.39 2.27 3.67
C VAL A 82 -5.82 2.07 4.17
N ASP A 83 -6.72 2.86 3.61
CA ASP A 83 -8.12 2.79 3.97
C ASP A 83 -8.68 1.41 3.62
N TYR A 84 -8.27 0.94 2.45
CA TYR A 84 -8.71 -0.37 1.98
C TYR A 84 -8.16 -1.49 2.86
N ILE A 85 -6.96 -1.26 3.38
CA ILE A 85 -6.32 -2.24 4.24
C ILE A 85 -7.03 -2.26 5.59
N ALA A 86 -6.99 -1.12 6.27
CA ALA A 86 -7.62 -0.98 7.57
C ALA A 86 -8.96 -1.73 7.55
N ASP A 87 -9.81 -1.35 6.62
CA ASP A 87 -11.11 -1.97 6.49
C ASP A 87 -10.94 -3.50 6.46
N LYS A 88 -10.04 -3.94 5.59
CA LYS A 88 -9.78 -5.37 5.46
C LYS A 88 -9.29 -5.92 6.80
N LYS A 89 -8.73 -5.02 7.60
CA LYS A 89 -8.21 -5.41 8.90
C LYS A 89 -9.38 -5.51 9.90
N ASP A 90 -10.13 -4.43 10.00
CA ASP A 90 -11.27 -4.38 10.89
C ASP A 90 -12.28 -5.47 10.49
N VAL A 91 -13.01 -5.94 11.48
CA VAL A 91 -14.01 -6.98 11.24
C VAL A 91 -15.41 -6.36 11.35
N TYR A 92 -15.50 -5.10 10.94
CA TYR A 92 -16.77 -4.40 10.99
C TYR A 92 -17.43 -4.37 9.62
N GLU A 93 -17.27 -5.47 8.90
CA GLU A 93 -17.85 -5.58 7.58
C GLU A 93 -18.33 -7.01 7.33
N SER A 94 -19.49 -7.11 6.68
CA SER A 94 -20.07 -8.40 6.38
C SER A 94 -20.66 -8.39 4.96
N GLY A 95 -20.09 -9.23 4.11
CA GLY A 95 -20.55 -9.33 2.73
C GLY A 95 -19.85 -10.47 2.00
N PRO A 96 -20.67 -11.34 1.39
CA PRO A 96 -20.18 -12.49 0.63
C PRO A 96 -19.47 -12.09 -0.66
N SER A 97 -18.43 -11.27 -0.53
CA SER A 97 -17.69 -10.82 -1.70
C SER A 97 -18.62 -10.05 -2.63
N SER A 98 -19.33 -10.81 -3.46
CA SER A 98 -20.25 -10.21 -4.41
C SER A 98 -19.50 -9.78 -5.67
N GLY A 99 -20.16 -9.93 -6.81
CA GLY A 99 -19.57 -9.57 -8.08
C GLY A 99 -18.94 -8.17 -8.01
N GLY A 1 19.41 -5.99 4.01
CA GLY A 1 19.97 -7.31 4.11
C GLY A 1 20.11 -7.75 5.57
N SER A 2 19.05 -8.36 6.09
CA SER A 2 19.05 -8.82 7.46
C SER A 2 18.24 -10.11 7.59
N SER A 3 18.70 -10.99 8.47
CA SER A 3 18.02 -12.26 8.68
C SER A 3 18.33 -12.78 10.09
N GLY A 4 17.53 -13.74 10.51
CA GLY A 4 17.72 -14.33 11.83
C GLY A 4 16.63 -13.85 12.79
N SER A 5 17.00 -12.84 13.57
CA SER A 5 16.07 -12.28 14.54
C SER A 5 15.60 -10.91 14.07
N SER A 6 14.46 -10.91 13.38
CA SER A 6 13.89 -9.68 12.87
C SER A 6 12.38 -9.83 12.71
N GLY A 7 11.66 -8.96 13.41
CA GLY A 7 10.20 -8.98 13.36
C GLY A 7 9.64 -7.60 13.07
N MET A 8 8.38 -7.57 12.66
CA MET A 8 7.72 -6.32 12.34
C MET A 8 6.50 -6.09 13.26
N PRO A 9 6.32 -4.82 13.63
CA PRO A 9 5.20 -4.42 14.51
C PRO A 9 3.87 -4.99 14.05
N PRO A 10 2.87 -4.95 14.94
CA PRO A 10 1.53 -5.46 14.65
C PRO A 10 1.00 -4.96 13.32
N LEU A 11 -0.21 -5.39 12.97
CA LEU A 11 -0.82 -4.97 11.72
C LEU A 11 -1.93 -3.96 12.01
N THR A 12 -1.57 -2.69 11.90
CA THR A 12 -2.52 -1.62 12.16
C THR A 12 -2.33 -0.49 11.14
N LEU A 13 -3.31 0.39 11.10
CA LEU A 13 -3.27 1.52 10.18
C LEU A 13 -1.85 2.09 10.15
N GLU A 14 -1.35 2.43 11.31
CA GLU A 14 -0.01 2.98 11.43
C GLU A 14 0.98 2.15 10.62
N GLY A 15 0.81 0.84 10.69
CA GLY A 15 1.68 -0.07 9.97
C GLY A 15 1.33 -0.10 8.48
N ILE A 16 0.02 -0.10 8.21
CA ILE A 16 -0.46 -0.12 6.85
C ILE A 16 0.10 1.08 6.09
N GLN A 17 -0.18 2.25 6.64
CA GLN A 17 0.29 3.49 6.03
C GLN A 17 1.79 3.41 5.74
N ASP A 18 2.56 3.28 6.81
CA ASP A 18 4.01 3.18 6.69
C ASP A 18 4.36 2.24 5.54
N ARG A 19 3.68 1.10 5.52
CA ARG A 19 3.92 0.11 4.48
C ARG A 19 3.59 0.70 3.12
N VAL A 20 2.40 1.26 3.00
CA VAL A 20 1.96 1.86 1.76
C VAL A 20 3.09 2.69 1.17
N LEU A 21 3.81 3.38 2.05
CA LEU A 21 4.91 4.22 1.63
C LEU A 21 6.11 3.33 1.31
N TYR A 22 6.32 2.33 2.17
CA TYR A 22 7.43 1.42 2.00
C TYR A 22 7.36 0.72 0.63
N VAL A 23 6.23 0.10 0.38
CA VAL A 23 6.03 -0.61 -0.87
C VAL A 23 6.20 0.37 -2.03
N LEU A 24 5.67 1.57 -1.85
CA LEU A 24 5.76 2.60 -2.86
C LEU A 24 7.23 3.05 -3.00
N LYS A 25 7.92 3.05 -1.87
CA LYS A 25 9.32 3.44 -1.85
C LYS A 25 10.14 2.45 -2.69
N LEU A 26 9.87 1.18 -2.46
CA LEU A 26 10.57 0.12 -3.18
C LEU A 26 10.51 0.41 -4.68
N TYR A 27 9.49 1.15 -5.07
CA TYR A 27 9.31 1.51 -6.47
C TYR A 27 10.16 2.72 -6.83
N ASP A 28 11.30 2.43 -7.45
CA ASP A 28 12.22 3.49 -7.85
C ASP A 28 11.43 4.61 -8.55
N LYS A 29 10.47 4.18 -9.36
CA LYS A 29 9.64 5.13 -10.09
C LYS A 29 9.07 6.16 -9.11
N ILE A 30 8.73 5.67 -7.93
CA ILE A 30 8.18 6.55 -6.90
C ILE A 30 9.31 6.99 -5.96
N ASP A 31 9.73 8.23 -6.16
CA ASP A 31 10.79 8.79 -5.33
C ASP A 31 10.30 8.94 -3.90
N PRO A 32 11.18 8.60 -2.95
CA PRO A 32 10.88 8.69 -1.52
C PRO A 32 10.77 10.12 -1.03
N GLU A 33 11.71 10.95 -1.43
CA GLU A 33 11.71 12.36 -1.03
C GLU A 33 10.43 13.03 -1.52
N LYS A 34 9.75 12.36 -2.44
CA LYS A 34 8.52 12.90 -3.00
C LYS A 34 7.33 12.11 -2.43
N LEU A 35 7.53 10.81 -2.32
CA LEU A 35 6.49 9.94 -1.80
C LEU A 35 5.79 10.63 -0.62
N SER A 36 4.48 10.78 -0.76
CA SER A 36 3.68 11.42 0.27
C SER A 36 2.32 10.75 0.38
N VAL A 37 1.83 10.66 1.61
CA VAL A 37 0.54 10.05 1.86
C VAL A 37 -0.52 10.72 0.99
N ASN A 38 -0.21 11.92 0.56
CA ASN A 38 -1.12 12.68 -0.28
C ASN A 38 -0.41 13.09 -1.57
N SER A 39 0.04 12.08 -2.30
CA SER A 39 0.75 12.32 -3.55
C SER A 39 0.05 11.58 -4.69
N HIS A 40 -0.21 12.32 -5.76
CA HIS A 40 -0.87 11.75 -6.92
C HIS A 40 0.11 10.87 -7.69
N PHE A 41 -0.42 9.80 -8.28
CA PHE A 41 0.40 8.88 -9.04
C PHE A 41 0.59 9.38 -10.48
N MET A 42 0.15 10.61 -10.72
CA MET A 42 0.27 11.22 -12.02
C MET A 42 0.52 12.72 -11.92
N LYS A 43 -0.38 13.40 -11.23
CA LYS A 43 -0.27 14.83 -11.05
C LYS A 43 1.19 15.19 -10.77
N ASP A 44 1.69 14.67 -9.65
CA ASP A 44 3.06 14.93 -9.26
C ASP A 44 3.95 13.75 -9.69
N LEU A 45 3.70 12.61 -9.07
CA LEU A 45 4.46 11.42 -9.37
C LEU A 45 4.67 11.32 -10.89
N GLY A 46 3.55 11.34 -11.61
CA GLY A 46 3.59 11.26 -13.05
C GLY A 46 3.80 9.82 -13.52
N LEU A 47 3.06 8.92 -12.89
CA LEU A 47 3.15 7.51 -13.22
C LEU A 47 2.05 7.16 -14.23
N ASP A 48 2.21 6.01 -14.86
CA ASP A 48 1.24 5.54 -15.83
C ASP A 48 0.34 4.49 -15.17
N SER A 49 -0.67 4.08 -15.94
CA SER A 49 -1.62 3.09 -15.44
C SER A 49 -0.89 1.77 -15.16
N LEU A 50 -0.12 1.33 -16.15
CA LEU A 50 0.64 0.10 -16.01
C LEU A 50 1.45 0.13 -14.71
N ASP A 51 1.71 1.34 -14.25
CA ASP A 51 2.47 1.53 -13.02
C ASP A 51 1.51 1.55 -11.83
N GLN A 52 0.27 1.95 -12.11
CA GLN A 52 -0.75 2.02 -11.07
C GLN A 52 -1.30 0.62 -10.79
N VAL A 53 -1.29 -0.21 -11.82
CA VAL A 53 -1.79 -1.57 -11.69
C VAL A 53 -0.79 -2.40 -10.88
N GLU A 54 0.48 -2.15 -11.15
CA GLU A 54 1.55 -2.86 -10.46
C GLU A 54 1.58 -2.46 -8.98
N ILE A 55 1.47 -1.17 -8.75
CA ILE A 55 1.50 -0.64 -7.40
C ILE A 55 0.47 -1.39 -6.55
N ILE A 56 -0.76 -1.39 -7.04
CA ILE A 56 -1.84 -2.07 -6.34
C ILE A 56 -1.41 -3.49 -5.99
N MET A 57 -1.12 -4.27 -7.02
CA MET A 57 -0.69 -5.64 -6.83
C MET A 57 0.27 -5.75 -5.64
N ALA A 58 1.19 -4.81 -5.58
CA ALA A 58 2.18 -4.78 -4.52
C ALA A 58 1.46 -4.87 -3.17
N MET A 59 0.44 -4.04 -3.02
CA MET A 59 -0.33 -4.00 -1.80
C MET A 59 -1.12 -5.31 -1.61
N GLU A 60 -1.61 -5.83 -2.71
CA GLU A 60 -2.38 -7.07 -2.68
C GLU A 60 -1.50 -8.22 -2.16
N ASP A 61 -0.20 -8.00 -2.23
CA ASP A 61 0.75 -9.00 -1.77
C ASP A 61 1.22 -8.65 -0.36
N GLU A 62 1.70 -7.42 -0.22
CA GLU A 62 2.19 -6.94 1.06
C GLU A 62 1.13 -7.16 2.15
N PHE A 63 -0.13 -6.96 1.74
CA PHE A 63 -1.24 -7.12 2.67
C PHE A 63 -1.97 -8.44 2.40
N GLY A 64 -1.67 -9.03 1.26
CA GLY A 64 -2.29 -10.29 0.88
C GLY A 64 -3.80 -10.12 0.70
N PHE A 65 -4.16 -9.14 -0.12
CA PHE A 65 -5.56 -8.86 -0.39
C PHE A 65 -5.88 -9.06 -1.87
N GLU A 66 -7.15 -8.86 -2.20
CA GLU A 66 -7.61 -9.01 -3.57
C GLU A 66 -8.46 -7.81 -3.99
N ILE A 67 -7.77 -6.78 -4.45
CA ILE A 67 -8.43 -5.57 -4.89
C ILE A 67 -8.69 -5.64 -6.39
N PRO A 68 -9.98 -5.53 -6.75
CA PRO A 68 -10.41 -5.58 -8.15
C PRO A 68 -9.99 -4.34 -8.93
N ASP A 69 -10.08 -4.42 -10.26
CA ASP A 69 -9.69 -3.31 -11.10
C ASP A 69 -10.66 -2.15 -10.86
N ILE A 70 -11.86 -2.49 -10.40
CA ILE A 70 -12.86 -1.48 -10.11
C ILE A 70 -12.43 -0.65 -8.91
N ASP A 71 -11.59 -1.25 -8.08
CA ASP A 71 -11.09 -0.57 -6.90
C ASP A 71 -9.71 0.01 -7.19
N ALA A 72 -8.87 -0.81 -7.80
CA ALA A 72 -7.53 -0.39 -8.14
C ALA A 72 -7.59 0.91 -8.95
N GLU A 73 -8.71 1.06 -9.66
CA GLU A 73 -8.91 2.25 -10.48
C GLU A 73 -9.30 3.44 -9.60
N LYS A 74 -10.04 3.14 -8.55
CA LYS A 74 -10.48 4.17 -7.63
C LYS A 74 -9.32 4.57 -6.72
N LEU A 75 -8.27 3.78 -6.77
CA LEU A 75 -7.09 4.03 -5.96
C LEU A 75 -6.07 4.82 -6.78
N MET A 76 -5.77 6.02 -6.31
CA MET A 76 -4.82 6.88 -6.99
C MET A 76 -3.70 7.31 -6.04
N CYS A 77 -4.09 7.58 -4.80
CA CYS A 77 -3.13 8.00 -3.79
C CYS A 77 -2.88 6.83 -2.85
N PRO A 78 -1.80 6.95 -2.06
CA PRO A 78 -1.40 5.93 -1.10
C PRO A 78 -2.37 5.83 0.08
N GLN A 79 -2.85 6.98 0.54
CA GLN A 79 -3.78 7.00 1.65
C GLN A 79 -5.11 6.37 1.25
N GLU A 80 -5.42 6.47 -0.04
CA GLU A 80 -6.65 5.90 -0.56
C GLU A 80 -6.67 4.39 -0.36
N ILE A 81 -5.50 3.78 -0.55
CA ILE A 81 -5.37 2.35 -0.40
C ILE A 81 -5.53 1.98 1.07
N VAL A 82 -4.76 2.67 1.91
CA VAL A 82 -4.82 2.43 3.34
C VAL A 82 -6.27 2.31 3.79
N ASP A 83 -7.09 3.22 3.28
CA ASP A 83 -8.50 3.23 3.62
C ASP A 83 -9.09 1.84 3.39
N TYR A 84 -8.76 1.28 2.23
CA TYR A 84 -9.25 -0.04 1.87
C TYR A 84 -8.66 -1.11 2.80
N ILE A 85 -7.40 -0.92 3.16
CA ILE A 85 -6.72 -1.85 4.04
C ILE A 85 -7.37 -1.81 5.43
N ALA A 86 -7.31 -0.63 6.04
CA ALA A 86 -7.88 -0.45 7.35
C ALA A 86 -9.21 -1.19 7.44
N ASP A 87 -10.10 -0.86 6.53
CA ASP A 87 -11.41 -1.49 6.49
C ASP A 87 -11.24 -2.99 6.66
N LYS A 88 -10.41 -3.58 5.81
CA LYS A 88 -10.16 -5.00 5.86
C LYS A 88 -9.73 -5.39 7.28
N LYS A 89 -8.93 -4.53 7.88
CA LYS A 89 -8.45 -4.77 9.24
C LYS A 89 -7.95 -6.21 9.34
N ASP A 90 -6.85 -6.48 8.65
CA ASP A 90 -6.27 -7.81 8.66
C ASP A 90 -6.29 -8.36 10.08
N VAL A 91 -7.10 -9.38 10.28
CA VAL A 91 -7.22 -10.01 11.58
C VAL A 91 -7.09 -11.52 11.44
N TYR A 92 -6.23 -11.92 10.52
CA TYR A 92 -6.01 -13.34 10.27
C TYR A 92 -4.95 -13.91 11.21
N GLU A 93 -5.03 -13.49 12.46
CA GLU A 93 -4.08 -13.95 13.47
C GLU A 93 -4.57 -15.24 14.11
N SER A 94 -4.09 -16.36 13.58
CA SER A 94 -4.48 -17.66 14.10
C SER A 94 -3.58 -18.74 13.49
N GLY A 95 -2.99 -19.54 14.38
CA GLY A 95 -2.12 -20.61 13.95
C GLY A 95 -2.91 -21.74 13.28
N PRO A 96 -2.18 -22.63 12.59
CA PRO A 96 -2.76 -23.76 11.88
C PRO A 96 -3.31 -24.82 12.84
N SER A 97 -4.52 -25.28 12.57
CA SER A 97 -5.14 -26.29 13.40
C SER A 97 -4.29 -27.56 13.40
N SER A 98 -4.34 -28.26 14.53
CA SER A 98 -3.59 -29.50 14.67
C SER A 98 -2.10 -29.23 14.40
N GLY A 99 -1.35 -29.11 15.48
CA GLY A 99 0.08 -28.86 15.37
C GLY A 99 0.49 -27.62 16.17
N GLY A 1 22.89 -2.40 8.53
CA GLY A 1 23.96 -2.04 9.43
C GLY A 1 23.89 -2.86 10.72
N SER A 2 24.48 -2.32 11.77
CA SER A 2 24.51 -2.98 13.06
C SER A 2 23.42 -2.39 13.97
N SER A 3 22.19 -2.84 13.75
CA SER A 3 21.06 -2.38 14.52
C SER A 3 20.08 -3.51 14.75
N GLY A 4 20.30 -4.25 15.83
CA GLY A 4 19.42 -5.36 16.17
C GLY A 4 17.96 -4.96 16.10
N SER A 5 17.13 -5.89 15.63
CA SER A 5 15.71 -5.63 15.52
C SER A 5 14.93 -6.69 16.30
N SER A 6 14.50 -6.30 17.50
CA SER A 6 13.73 -7.20 18.35
C SER A 6 12.44 -6.52 18.80
N GLY A 7 11.34 -7.23 18.60
CA GLY A 7 10.04 -6.71 18.98
C GLY A 7 9.19 -6.38 17.74
N MET A 8 8.07 -7.06 17.63
CA MET A 8 7.18 -6.85 16.50
C MET A 8 5.76 -6.53 16.99
N PRO A 9 5.54 -5.24 17.31
CA PRO A 9 4.24 -4.76 17.79
C PRO A 9 3.08 -5.23 16.92
N PRO A 10 1.88 -5.28 17.50
CA PRO A 10 0.68 -5.71 16.80
C PRO A 10 0.53 -5.04 15.44
N LEU A 11 -0.55 -5.37 14.73
CA LEU A 11 -0.79 -4.80 13.42
C LEU A 11 -1.81 -3.66 13.56
N THR A 12 -1.36 -2.46 13.21
CA THR A 12 -2.22 -1.29 13.28
C THR A 12 -2.10 -0.46 12.00
N LEU A 13 -3.01 0.49 11.86
CA LEU A 13 -3.02 1.35 10.69
C LEU A 13 -1.62 1.91 10.45
N GLU A 14 -0.98 2.28 11.55
CA GLU A 14 0.37 2.83 11.47
C GLU A 14 1.27 1.90 10.65
N GLY A 15 0.88 0.64 10.59
CA GLY A 15 1.63 -0.35 9.85
C GLY A 15 1.24 -0.34 8.36
N ILE A 16 -0.03 -0.01 8.12
CA ILE A 16 -0.54 0.03 6.76
C ILE A 16 0.12 1.20 6.02
N GLN A 17 -0.02 2.38 6.59
CA GLN A 17 0.55 3.58 6.00
C GLN A 17 2.02 3.35 5.64
N ASP A 18 2.82 3.13 6.68
CA ASP A 18 4.24 2.89 6.49
C ASP A 18 4.44 1.95 5.30
N ARG A 19 3.71 0.86 5.32
CA ARG A 19 3.80 -0.12 4.25
C ARG A 19 3.44 0.52 2.91
N VAL A 20 2.28 1.17 2.88
CA VAL A 20 1.82 1.82 1.68
C VAL A 20 2.98 2.58 1.04
N LEU A 21 3.67 3.36 1.86
CA LEU A 21 4.80 4.15 1.40
C LEU A 21 5.98 3.22 1.14
N TYR A 22 6.36 2.50 2.19
CA TYR A 22 7.48 1.57 2.09
C TYR A 22 7.48 0.85 0.74
N VAL A 23 6.35 0.24 0.44
CA VAL A 23 6.20 -0.49 -0.82
C VAL A 23 6.44 0.47 -1.99
N LEU A 24 5.73 1.59 -1.95
CA LEU A 24 5.85 2.59 -2.99
C LEU A 24 7.32 2.99 -3.14
N LYS A 25 8.02 3.00 -2.00
CA LYS A 25 9.43 3.36 -1.99
C LYS A 25 10.23 2.27 -2.70
N LEU A 26 9.88 1.02 -2.40
CA LEU A 26 10.55 -0.11 -3.01
C LEU A 26 10.60 0.08 -4.53
N TYR A 27 9.59 0.74 -5.04
CA TYR A 27 9.50 0.99 -6.47
C TYR A 27 10.38 2.17 -6.88
N ASP A 28 11.52 1.85 -7.49
CA ASP A 28 12.45 2.87 -7.92
C ASP A 28 11.71 3.90 -8.77
N LYS A 29 10.76 3.40 -9.56
CA LYS A 29 9.98 4.27 -10.43
C LYS A 29 9.36 5.39 -9.59
N ILE A 30 9.06 5.05 -8.35
CA ILE A 30 8.45 6.02 -7.44
C ILE A 30 9.56 6.65 -6.58
N ASP A 31 9.41 7.94 -6.35
CA ASP A 31 10.36 8.67 -5.54
C ASP A 31 9.78 8.94 -4.16
N PRO A 32 10.63 8.75 -3.13
CA PRO A 32 10.25 8.96 -1.74
C PRO A 32 10.03 10.43 -1.40
N GLU A 33 10.95 11.27 -1.83
CA GLU A 33 10.85 12.70 -1.58
C GLU A 33 9.54 13.24 -2.14
N LYS A 34 9.16 12.71 -3.31
CA LYS A 34 7.94 13.13 -3.97
C LYS A 34 6.76 12.41 -3.33
N LEU A 35 6.94 11.12 -3.11
CA LEU A 35 5.90 10.30 -2.51
C LEU A 35 5.34 11.01 -1.28
N SER A 36 4.10 10.69 -0.96
CA SER A 36 3.44 11.28 0.19
C SER A 36 2.06 10.65 0.39
N VAL A 37 1.69 10.51 1.66
CA VAL A 37 0.41 9.92 2.00
C VAL A 37 -0.69 10.57 1.14
N ASN A 38 -0.41 11.79 0.70
CA ASN A 38 -1.36 12.51 -0.13
C ASN A 38 -0.64 13.04 -1.37
N SER A 39 -0.20 12.11 -2.20
CA SER A 39 0.51 12.47 -3.41
C SER A 39 0.03 11.58 -4.56
N HIS A 40 -0.56 12.22 -5.57
CA HIS A 40 -1.07 11.51 -6.73
C HIS A 40 0.08 10.75 -7.40
N PHE A 41 -0.28 9.87 -8.31
CA PHE A 41 0.70 9.07 -9.03
C PHE A 41 0.92 9.62 -10.44
N MET A 42 0.38 10.81 -10.67
CA MET A 42 0.52 11.46 -11.97
C MET A 42 0.68 12.96 -11.82
N LYS A 43 -0.18 13.54 -10.99
CA LYS A 43 -0.14 14.98 -10.76
C LYS A 43 1.26 15.38 -10.28
N ASP A 44 1.73 14.65 -9.27
CA ASP A 44 3.04 14.91 -8.72
C ASP A 44 4.04 13.90 -9.28
N LEU A 45 3.82 12.65 -8.94
CA LEU A 45 4.69 11.58 -9.40
C LEU A 45 4.86 11.69 -10.92
N GLY A 46 3.85 11.25 -11.64
CA GLY A 46 3.88 11.30 -13.09
C GLY A 46 4.04 9.90 -13.69
N LEU A 47 3.36 8.94 -13.07
CA LEU A 47 3.42 7.56 -13.52
C LEU A 47 2.26 7.30 -14.49
N ASP A 48 2.09 6.02 -14.81
CA ASP A 48 1.03 5.62 -15.72
C ASP A 48 0.18 4.53 -15.06
N SER A 49 -0.90 4.16 -15.74
CA SER A 49 -1.79 3.13 -15.24
C SER A 49 -1.04 1.80 -15.11
N LEU A 50 -0.23 1.52 -16.13
CA LEU A 50 0.54 0.30 -16.14
C LEU A 50 1.29 0.15 -14.82
N ASP A 51 1.56 1.29 -14.20
CA ASP A 51 2.27 1.30 -12.93
C ASP A 51 1.25 1.16 -11.79
N GLN A 52 0.04 1.64 -12.06
CA GLN A 52 -1.02 1.59 -11.07
C GLN A 52 -1.34 0.13 -10.71
N VAL A 53 -1.28 -0.72 -11.72
CA VAL A 53 -1.55 -2.13 -11.53
C VAL A 53 -0.45 -2.75 -10.67
N GLU A 54 0.77 -2.29 -10.90
CA GLU A 54 1.91 -2.78 -10.16
C GLU A 54 1.86 -2.30 -8.71
N ILE A 55 1.64 -1.00 -8.56
CA ILE A 55 1.56 -0.40 -7.24
C ILE A 55 0.54 -1.18 -6.40
N ILE A 56 -0.70 -1.16 -6.85
CA ILE A 56 -1.77 -1.85 -6.15
C ILE A 56 -1.34 -3.29 -5.86
N MET A 57 -1.01 -3.99 -6.94
CA MET A 57 -0.58 -5.38 -6.82
C MET A 57 0.36 -5.56 -5.64
N ALA A 58 1.23 -4.58 -5.45
CA ALA A 58 2.19 -4.61 -4.36
C ALA A 58 1.44 -4.68 -3.03
N MET A 59 0.44 -3.83 -2.91
CA MET A 59 -0.36 -3.79 -1.70
C MET A 59 -1.16 -5.07 -1.53
N GLU A 60 -1.60 -5.62 -2.65
CA GLU A 60 -2.38 -6.85 -2.64
C GLU A 60 -1.55 -7.99 -2.04
N ASP A 61 -0.25 -7.79 -2.01
CA ASP A 61 0.65 -8.78 -1.47
C ASP A 61 1.04 -8.40 -0.04
N GLU A 62 1.51 -7.17 0.11
CA GLU A 62 1.91 -6.67 1.42
C GLU A 62 0.78 -6.86 2.43
N PHE A 63 -0.46 -6.80 1.92
CA PHE A 63 -1.62 -6.97 2.77
C PHE A 63 -2.31 -8.31 2.49
N GLY A 64 -2.04 -8.85 1.32
CA GLY A 64 -2.62 -10.12 0.92
C GLY A 64 -4.13 -9.99 0.70
N PHE A 65 -4.47 -9.11 -0.24
CA PHE A 65 -5.87 -8.88 -0.57
C PHE A 65 -6.12 -9.06 -2.07
N GLU A 66 -7.35 -8.79 -2.46
CA GLU A 66 -7.73 -8.92 -3.86
C GLU A 66 -8.49 -7.68 -4.33
N ILE A 67 -7.73 -6.66 -4.72
CA ILE A 67 -8.31 -5.42 -5.18
C ILE A 67 -8.48 -5.47 -6.70
N PRO A 68 -9.74 -5.41 -7.13
CA PRO A 68 -10.09 -5.43 -8.56
C PRO A 68 -9.66 -4.16 -9.29
N ASP A 69 -9.59 -4.25 -10.61
CA ASP A 69 -9.19 -3.09 -11.41
C ASP A 69 -10.20 -1.96 -11.19
N ILE A 70 -11.40 -2.34 -10.79
CA ILE A 70 -12.45 -1.36 -10.54
C ILE A 70 -12.10 -0.55 -9.30
N ASP A 71 -11.29 -1.16 -8.44
CA ASP A 71 -10.87 -0.50 -7.21
C ASP A 71 -9.50 0.14 -7.43
N ALA A 72 -8.57 -0.67 -7.92
CA ALA A 72 -7.22 -0.20 -8.18
C ALA A 72 -7.28 1.10 -8.99
N GLU A 73 -8.32 1.19 -9.80
CA GLU A 73 -8.51 2.37 -10.64
C GLU A 73 -9.03 3.53 -9.80
N LYS A 74 -9.78 3.19 -8.76
CA LYS A 74 -10.34 4.20 -7.87
C LYS A 74 -9.25 4.70 -6.92
N LEU A 75 -8.17 3.95 -6.86
CA LEU A 75 -7.06 4.29 -6.00
C LEU A 75 -6.05 5.13 -6.79
N MET A 76 -5.87 6.37 -6.34
CA MET A 76 -4.95 7.28 -7.00
C MET A 76 -3.84 7.71 -6.04
N CYS A 77 -4.17 7.69 -4.76
CA CYS A 77 -3.22 8.08 -3.73
C CYS A 77 -3.02 6.91 -2.78
N PRO A 78 -1.93 6.98 -2.00
CA PRO A 78 -1.59 5.94 -1.03
C PRO A 78 -2.55 5.91 0.16
N GLN A 79 -2.95 7.09 0.61
CA GLN A 79 -3.87 7.18 1.74
C GLN A 79 -5.13 6.36 1.47
N GLU A 80 -5.69 6.57 0.29
CA GLU A 80 -6.89 5.86 -0.12
C GLU A 80 -6.73 4.36 0.14
N ILE A 81 -5.54 3.86 -0.18
CA ILE A 81 -5.25 2.46 0.02
C ILE A 81 -5.30 2.12 1.51
N VAL A 82 -4.63 2.96 2.29
CA VAL A 82 -4.58 2.77 3.73
C VAL A 82 -6.02 2.63 4.26
N ASP A 83 -6.90 3.45 3.70
CA ASP A 83 -8.29 3.43 4.12
C ASP A 83 -8.90 2.06 3.82
N TYR A 84 -8.57 1.55 2.63
CA TYR A 84 -9.06 0.25 2.22
C TYR A 84 -8.58 -0.85 3.16
N ILE A 85 -7.26 -0.99 3.22
CA ILE A 85 -6.65 -2.00 4.07
C ILE A 85 -7.43 -2.07 5.39
N ALA A 86 -7.47 -0.94 6.08
CA ALA A 86 -8.17 -0.87 7.35
C ALA A 86 -9.46 -1.67 7.27
N ASP A 87 -10.27 -1.32 6.29
CA ASP A 87 -11.55 -2.00 6.09
C ASP A 87 -11.34 -3.51 6.27
N LYS A 88 -10.38 -4.04 5.52
CA LYS A 88 -10.08 -5.46 5.60
C LYS A 88 -9.78 -5.84 7.04
N LYS A 89 -9.07 -4.96 7.72
CA LYS A 89 -8.71 -5.20 9.10
C LYS A 89 -8.28 -6.65 9.28
N ASP A 90 -7.17 -6.98 8.66
CA ASP A 90 -6.65 -8.34 8.73
C ASP A 90 -6.22 -8.64 10.17
N VAL A 91 -6.94 -9.56 10.80
CA VAL A 91 -6.64 -9.93 12.17
C VAL A 91 -6.90 -11.43 12.34
N TYR A 92 -6.59 -12.18 11.29
CA TYR A 92 -6.78 -13.61 11.32
C TYR A 92 -5.54 -14.33 11.89
N GLU A 93 -4.99 -13.74 12.93
CA GLU A 93 -3.81 -14.30 13.57
C GLU A 93 -4.20 -15.05 14.85
N SER A 94 -3.41 -16.05 15.17
CA SER A 94 -3.66 -16.85 16.35
C SER A 94 -2.35 -17.12 17.09
N GLY A 95 -1.42 -17.77 16.40
CA GLY A 95 -0.13 -18.09 16.96
C GLY A 95 0.62 -19.11 16.10
N PRO A 96 1.77 -19.55 16.63
CA PRO A 96 2.62 -20.53 15.94
C PRO A 96 1.99 -21.92 15.90
N SER A 97 2.15 -22.59 14.77
CA SER A 97 1.59 -23.93 14.62
C SER A 97 2.72 -24.97 14.56
N SER A 98 3.16 -25.38 15.73
CA SER A 98 4.23 -26.36 15.82
C SER A 98 5.51 -25.80 15.21
N GLY A 99 6.64 -26.30 15.70
CA GLY A 99 7.93 -25.86 15.21
C GLY A 99 8.92 -25.65 16.36
N GLY A 1 22.99 -11.95 16.04
CA GLY A 1 23.60 -11.01 16.96
C GLY A 1 22.91 -11.03 18.32
N SER A 2 23.49 -10.30 19.27
CA SER A 2 22.93 -10.22 20.61
C SER A 2 21.67 -9.34 20.60
N SER A 3 20.57 -9.95 20.20
CA SER A 3 19.30 -9.24 20.15
C SER A 3 18.14 -10.23 20.15
N GLY A 4 16.94 -9.71 20.38
CA GLY A 4 15.75 -10.53 20.40
C GLY A 4 14.62 -9.89 19.59
N SER A 5 13.89 -10.74 18.89
CA SER A 5 12.79 -10.28 18.07
C SER A 5 11.64 -11.28 18.13
N SER A 6 10.47 -10.83 17.70
CA SER A 6 9.29 -11.67 17.69
C SER A 6 8.39 -11.32 16.50
N GLY A 7 8.67 -11.97 15.38
CA GLY A 7 7.90 -11.74 14.17
C GLY A 7 7.87 -10.24 13.82
N MET A 8 6.70 -9.64 14.04
CA MET A 8 6.53 -8.23 13.75
C MET A 8 5.25 -7.69 14.41
N PRO A 9 5.30 -6.40 14.77
CA PRO A 9 4.17 -5.72 15.41
C PRO A 9 2.85 -5.98 14.68
N PRO A 10 1.74 -5.91 15.43
CA PRO A 10 0.40 -6.13 14.88
C PRO A 10 0.17 -5.34 13.60
N LEU A 11 -0.97 -5.57 12.96
CA LEU A 11 -1.31 -4.88 11.73
C LEU A 11 -2.32 -3.77 12.03
N THR A 12 -1.80 -2.54 12.03
CA THR A 12 -2.65 -1.39 12.30
C THR A 12 -2.41 -0.30 11.25
N LEU A 13 -3.33 0.65 11.22
CA LEU A 13 -3.23 1.75 10.28
C LEU A 13 -1.79 2.23 10.21
N GLU A 14 -1.19 2.41 11.38
CA GLU A 14 0.19 2.86 11.46
C GLU A 14 1.08 2.03 10.53
N GLY A 15 0.96 0.72 10.68
CA GLY A 15 1.75 -0.20 9.87
C GLY A 15 1.25 -0.20 8.42
N ILE A 16 -0.06 -0.11 8.28
CA ILE A 16 -0.67 -0.10 6.96
C ILE A 16 -0.07 1.05 6.14
N GLN A 17 -0.21 2.25 6.66
CA GLN A 17 0.31 3.43 6.00
C GLN A 17 1.79 3.25 5.68
N ASP A 18 2.59 3.19 6.74
CA ASP A 18 4.02 3.02 6.58
C ASP A 18 4.30 2.02 5.46
N ARG A 19 3.57 0.91 5.50
CA ARG A 19 3.73 -0.12 4.49
C ARG A 19 3.42 0.43 3.10
N VAL A 20 2.29 1.13 3.02
CA VAL A 20 1.86 1.71 1.76
C VAL A 20 3.02 2.54 1.18
N LEU A 21 3.71 3.23 2.06
CA LEU A 21 4.83 4.06 1.65
C LEU A 21 6.05 3.17 1.40
N TYR A 22 6.32 2.31 2.36
CA TYR A 22 7.45 1.40 2.27
C TYR A 22 7.43 0.63 0.95
N VAL A 23 6.26 0.11 0.62
CA VAL A 23 6.08 -0.64 -0.61
C VAL A 23 6.24 0.31 -1.81
N LEU A 24 5.54 1.43 -1.73
CA LEU A 24 5.58 2.42 -2.78
C LEU A 24 7.03 2.87 -2.99
N LYS A 25 7.80 2.78 -1.92
CA LYS A 25 9.20 3.18 -1.96
C LYS A 25 10.00 2.15 -2.77
N LEU A 26 9.74 0.88 -2.47
CA LEU A 26 10.41 -0.20 -3.17
C LEU A 26 10.46 0.10 -4.67
N TYR A 27 9.48 0.86 -5.11
CA TYR A 27 9.40 1.23 -6.51
C TYR A 27 10.29 2.44 -6.81
N ASP A 28 11.49 2.14 -7.32
CA ASP A 28 12.44 3.19 -7.65
C ASP A 28 11.72 4.31 -8.41
N LYS A 29 10.86 3.89 -9.34
CA LYS A 29 10.11 4.84 -10.14
C LYS A 29 9.47 5.89 -9.22
N ILE A 30 9.02 5.41 -8.07
CA ILE A 30 8.39 6.29 -7.09
C ILE A 30 9.45 6.79 -6.11
N ASP A 31 9.77 8.08 -6.25
CA ASP A 31 10.76 8.69 -5.38
C ASP A 31 10.21 8.76 -3.96
N PRO A 32 11.10 8.46 -3.00
CA PRO A 32 10.76 8.47 -1.57
C PRO A 32 10.52 9.89 -1.05
N GLU A 33 11.42 10.79 -1.39
CA GLU A 33 11.29 12.17 -0.95
C GLU A 33 9.99 12.79 -1.46
N LYS A 34 9.45 12.16 -2.50
CA LYS A 34 8.21 12.62 -3.09
C LYS A 34 7.04 11.81 -2.53
N LEU A 35 7.27 10.51 -2.43
CA LEU A 35 6.25 9.61 -1.91
C LEU A 35 5.58 10.26 -0.69
N SER A 36 4.37 10.74 -0.92
CA SER A 36 3.62 11.39 0.15
C SER A 36 2.16 10.89 0.13
N VAL A 37 1.65 10.61 1.32
CA VAL A 37 0.29 10.13 1.46
C VAL A 37 -0.64 10.99 0.59
N ASN A 38 -0.36 12.28 0.60
CA ASN A 38 -1.16 13.22 -0.17
C ASN A 38 -0.40 13.60 -1.45
N SER A 39 0.05 12.57 -2.16
CA SER A 39 0.78 12.77 -3.40
C SER A 39 0.22 11.87 -4.50
N HIS A 40 -0.27 12.51 -5.55
CA HIS A 40 -0.84 11.79 -6.68
C HIS A 40 0.28 11.08 -7.44
N PHE A 41 -0.07 9.92 -7.99
CA PHE A 41 0.89 9.14 -8.74
C PHE A 41 0.96 9.60 -10.20
N MET A 42 0.08 10.54 -10.52
CA MET A 42 0.02 11.08 -11.87
C MET A 42 0.30 12.59 -11.86
N LYS A 43 -0.37 13.28 -10.97
CA LYS A 43 -0.20 14.72 -10.85
C LYS A 43 1.19 15.02 -10.29
N ASP A 44 1.43 14.54 -9.09
CA ASP A 44 2.71 14.74 -8.43
C ASP A 44 3.77 13.85 -9.09
N LEU A 45 3.83 12.61 -8.60
CA LEU A 45 4.79 11.66 -9.13
C LEU A 45 4.84 11.78 -10.66
N GLY A 46 3.79 11.27 -11.28
CA GLY A 46 3.69 11.31 -12.74
C GLY A 46 4.05 9.94 -13.35
N LEU A 47 3.31 8.94 -12.92
CA LEU A 47 3.55 7.59 -13.42
C LEU A 47 2.50 7.25 -14.49
N ASP A 48 2.49 6.00 -14.89
CA ASP A 48 1.55 5.54 -15.90
C ASP A 48 0.64 4.46 -15.31
N SER A 49 -0.53 4.33 -15.91
CA SER A 49 -1.50 3.34 -15.45
C SER A 49 -0.84 1.97 -15.34
N LEU A 50 -0.06 1.63 -16.37
CA LEU A 50 0.63 0.35 -16.40
C LEU A 50 1.37 0.16 -15.07
N ASP A 51 1.84 1.27 -14.52
CA ASP A 51 2.57 1.22 -13.27
C ASP A 51 1.58 1.29 -12.10
N GLN A 52 0.43 1.90 -12.38
CA GLN A 52 -0.61 2.02 -11.37
C GLN A 52 -1.15 0.66 -10.97
N VAL A 53 -1.41 -0.16 -11.99
CA VAL A 53 -1.93 -1.50 -11.76
C VAL A 53 -0.94 -2.28 -10.88
N GLU A 54 0.33 -1.94 -11.04
CA GLU A 54 1.38 -2.60 -10.28
C GLU A 54 1.36 -2.12 -8.83
N ILE A 55 1.37 -0.80 -8.67
CA ILE A 55 1.36 -0.20 -7.36
C ILE A 55 0.30 -0.89 -6.50
N ILE A 56 -0.85 -1.13 -7.12
CA ILE A 56 -1.95 -1.78 -6.42
C ILE A 56 -1.54 -3.21 -6.06
N MET A 57 -1.23 -3.97 -7.10
CA MET A 57 -0.82 -5.35 -6.91
C MET A 57 0.09 -5.51 -5.69
N ALA A 58 1.14 -4.69 -5.67
CA ALA A 58 2.08 -4.71 -4.57
C ALA A 58 1.33 -4.76 -3.25
N MET A 59 0.40 -3.84 -3.09
CA MET A 59 -0.39 -3.77 -1.88
C MET A 59 -1.21 -5.06 -1.68
N GLU A 60 -1.64 -5.61 -2.80
CA GLU A 60 -2.43 -6.84 -2.77
C GLU A 60 -1.57 -8.00 -2.26
N ASP A 61 -0.26 -7.83 -2.39
CA ASP A 61 0.67 -8.85 -1.94
C ASP A 61 1.22 -8.47 -0.56
N GLU A 62 1.70 -7.24 -0.47
CA GLU A 62 2.25 -6.75 0.78
C GLU A 62 1.25 -6.97 1.92
N PHE A 63 -0.02 -6.96 1.57
CA PHE A 63 -1.07 -7.16 2.55
C PHE A 63 -1.79 -8.49 2.32
N GLY A 64 -1.74 -8.95 1.07
CA GLY A 64 -2.38 -10.20 0.71
C GLY A 64 -3.89 -10.01 0.54
N PHE A 65 -4.26 -9.36 -0.55
CA PHE A 65 -5.67 -9.12 -0.84
C PHE A 65 -5.97 -9.31 -2.33
N GLU A 66 -7.22 -9.05 -2.68
CA GLU A 66 -7.64 -9.18 -4.07
C GLU A 66 -8.47 -7.96 -4.49
N ILE A 67 -7.76 -6.89 -4.82
CA ILE A 67 -8.42 -5.67 -5.24
C ILE A 67 -8.57 -5.67 -6.76
N PRO A 68 -9.84 -5.65 -7.20
CA PRO A 68 -10.19 -5.66 -8.62
C PRO A 68 -9.82 -4.35 -9.32
N ASP A 69 -9.85 -4.36 -10.64
CA ASP A 69 -9.51 -3.17 -11.40
C ASP A 69 -10.58 -2.10 -11.16
N ILE A 70 -11.76 -2.56 -10.79
CA ILE A 70 -12.87 -1.65 -10.53
C ILE A 70 -12.54 -0.79 -9.31
N ASP A 71 -11.72 -1.35 -8.43
CA ASP A 71 -11.32 -0.65 -7.22
C ASP A 71 -9.95 0.00 -7.45
N ALA A 72 -9.00 -0.83 -7.86
CA ALA A 72 -7.65 -0.35 -8.12
C ALA A 72 -7.71 0.94 -8.95
N GLU A 73 -8.69 0.97 -9.84
CA GLU A 73 -8.87 2.13 -10.71
C GLU A 73 -9.36 3.32 -9.89
N LYS A 74 -10.19 3.04 -8.91
CA LYS A 74 -10.73 4.07 -8.04
C LYS A 74 -9.63 4.57 -7.10
N LEU A 75 -8.55 3.81 -7.06
CA LEU A 75 -7.42 4.17 -6.21
C LEU A 75 -6.39 4.94 -7.03
N MET A 76 -6.19 6.19 -6.65
CA MET A 76 -5.23 7.04 -7.33
C MET A 76 -4.23 7.66 -6.35
N CYS A 77 -4.35 7.24 -5.10
CA CYS A 77 -3.47 7.74 -4.06
C CYS A 77 -3.19 6.60 -3.08
N PRO A 78 -2.11 6.77 -2.30
CA PRO A 78 -1.68 5.78 -1.30
C PRO A 78 -2.64 5.71 -0.12
N GLN A 79 -2.96 6.87 0.45
CA GLN A 79 -3.86 6.92 1.59
C GLN A 79 -5.18 6.21 1.25
N GLU A 80 -5.60 6.39 0.01
CA GLU A 80 -6.84 5.78 -0.45
C GLU A 80 -6.80 4.26 -0.24
N ILE A 81 -5.62 3.71 -0.46
CA ILE A 81 -5.42 2.28 -0.30
C ILE A 81 -5.52 1.92 1.19
N VAL A 82 -4.74 2.63 1.99
CA VAL A 82 -4.72 2.40 3.42
C VAL A 82 -6.16 2.21 3.91
N ASP A 83 -7.04 3.11 3.47
CA ASP A 83 -8.43 3.06 3.86
C ASP A 83 -8.98 1.66 3.58
N TYR A 84 -8.65 1.15 2.40
CA TYR A 84 -9.10 -0.16 1.99
C TYR A 84 -8.47 -1.25 2.87
N ILE A 85 -7.26 -0.97 3.32
CA ILE A 85 -6.54 -1.91 4.16
C ILE A 85 -7.09 -1.86 5.58
N ALA A 86 -7.03 -0.66 6.16
CA ALA A 86 -7.52 -0.46 7.51
C ALA A 86 -8.89 -1.15 7.66
N ASP A 87 -9.78 -0.81 6.74
CA ASP A 87 -11.12 -1.37 6.75
C ASP A 87 -11.03 -2.89 6.93
N LYS A 88 -10.13 -3.49 6.14
CA LYS A 88 -9.94 -4.93 6.20
C LYS A 88 -9.72 -5.35 7.65
N LYS A 89 -9.12 -4.45 8.42
CA LYS A 89 -8.85 -4.71 9.82
C LYS A 89 -8.38 -6.16 9.97
N ASP A 90 -7.21 -6.43 9.45
CA ASP A 90 -6.63 -7.77 9.53
C ASP A 90 -5.69 -7.85 10.73
N VAL A 91 -6.07 -8.71 11.66
CA VAL A 91 -5.26 -8.90 12.86
C VAL A 91 -5.07 -10.39 13.13
N TYR A 92 -4.92 -11.13 12.04
CA TYR A 92 -4.74 -12.58 12.13
C TYR A 92 -3.25 -12.93 12.20
N GLU A 93 -2.50 -12.06 12.86
CA GLU A 93 -1.06 -12.27 13.00
C GLU A 93 -0.43 -12.60 11.65
N SER A 94 -0.10 -11.56 10.91
CA SER A 94 0.49 -11.72 9.60
C SER A 94 1.64 -12.75 9.67
N GLY A 95 2.03 -13.23 8.50
CA GLY A 95 3.10 -14.21 8.43
C GLY A 95 3.56 -14.40 6.98
N PRO A 96 4.43 -15.40 6.80
CA PRO A 96 4.99 -15.74 5.48
C PRO A 96 3.94 -16.36 4.55
N SER A 97 3.62 -15.65 3.47
CA SER A 97 2.64 -16.14 2.53
C SER A 97 3.13 -17.44 1.89
N SER A 98 4.28 -17.34 1.24
CA SER A 98 4.87 -18.49 0.59
C SER A 98 5.52 -19.42 1.62
N GLY A 99 4.70 -20.29 2.19
CA GLY A 99 5.16 -21.22 3.20
C GLY A 99 6.14 -20.55 4.16
N GLY A 1 20.69 9.37 18.06
CA GLY A 1 19.77 8.27 18.32
C GLY A 1 19.76 7.29 17.15
N SER A 2 18.57 7.06 16.62
CA SER A 2 18.41 6.14 15.50
C SER A 2 18.83 4.72 15.92
N SER A 3 18.47 3.76 15.09
CA SER A 3 18.79 2.37 15.36
C SER A 3 18.06 1.90 16.61
N GLY A 4 16.80 1.49 16.40
CA GLY A 4 15.98 1.01 17.50
C GLY A 4 15.06 -0.12 17.03
N SER A 5 15.60 -1.33 17.09
CA SER A 5 14.84 -2.50 16.68
C SER A 5 15.06 -3.64 17.68
N SER A 6 14.00 -4.43 17.87
CA SER A 6 14.07 -5.54 18.80
C SER A 6 12.92 -6.52 18.52
N GLY A 7 11.70 -6.00 18.62
CA GLY A 7 10.52 -6.81 18.38
C GLY A 7 9.64 -6.18 17.29
N MET A 8 8.36 -6.07 17.61
CA MET A 8 7.42 -5.49 16.67
C MET A 8 6.18 -4.96 17.39
N PRO A 9 6.11 -3.63 17.49
CA PRO A 9 5.00 -2.94 18.16
C PRO A 9 3.64 -3.45 17.70
N PRO A 10 2.59 -3.09 18.45
CA PRO A 10 1.22 -3.51 18.13
C PRO A 10 0.86 -3.29 16.67
N LEU A 11 -0.34 -3.68 16.28
CA LEU A 11 -0.79 -3.51 14.91
C LEU A 11 -1.78 -2.35 14.84
N THR A 12 -1.30 -1.24 14.30
CA THR A 12 -2.14 -0.05 14.16
C THR A 12 -2.03 0.52 12.75
N LEU A 13 -3.04 1.29 12.38
CA LEU A 13 -3.07 1.90 11.06
C LEU A 13 -1.69 2.46 10.73
N GLU A 14 -1.10 3.12 11.72
CA GLU A 14 0.21 3.72 11.55
C GLU A 14 1.11 2.78 10.74
N GLY A 15 0.84 1.49 10.86
CA GLY A 15 1.62 0.50 10.15
C GLY A 15 1.25 0.47 8.67
N ILE A 16 -0.01 0.16 8.40
CA ILE A 16 -0.50 0.10 7.04
C ILE A 16 0.08 1.26 6.24
N GLN A 17 -0.13 2.46 6.76
CA GLN A 17 0.37 3.66 6.10
C GLN A 17 1.84 3.47 5.71
N ASP A 18 2.68 3.35 6.74
CA ASP A 18 4.11 3.16 6.52
C ASP A 18 4.32 2.25 5.31
N ARG A 19 3.80 1.04 5.42
CA ARG A 19 3.93 0.06 4.34
C ARG A 19 3.58 0.71 3.00
N VAL A 20 2.36 1.23 2.93
CA VAL A 20 1.90 1.88 1.71
C VAL A 20 3.04 2.71 1.11
N LEU A 21 3.89 3.21 1.98
CA LEU A 21 5.02 4.02 1.55
C LEU A 21 6.22 3.10 1.30
N TYR A 22 6.54 2.30 2.31
CA TYR A 22 7.65 1.38 2.22
C TYR A 22 7.63 0.63 0.89
N VAL A 23 6.43 0.24 0.48
CA VAL A 23 6.26 -0.48 -0.77
C VAL A 23 6.42 0.48 -1.94
N LEU A 24 5.69 1.58 -1.86
CA LEU A 24 5.73 2.59 -2.90
C LEU A 24 7.19 2.98 -3.17
N LYS A 25 8.00 2.85 -2.12
CA LYS A 25 9.41 3.18 -2.23
C LYS A 25 10.13 2.09 -3.01
N LEU A 26 9.84 0.85 -2.64
CA LEU A 26 10.45 -0.29 -3.30
C LEU A 26 10.51 -0.03 -4.81
N TYR A 27 9.48 0.63 -5.30
CA TYR A 27 9.40 0.95 -6.72
C TYR A 27 10.38 2.05 -7.09
N ASP A 28 11.44 1.65 -7.78
CA ASP A 28 12.46 2.60 -8.20
C ASP A 28 11.82 3.69 -9.06
N LYS A 29 10.66 3.36 -9.60
CA LYS A 29 9.94 4.29 -10.45
C LYS A 29 9.39 5.43 -9.59
N ILE A 30 9.04 5.09 -8.36
CA ILE A 30 8.50 6.06 -7.43
C ILE A 30 9.63 6.60 -6.55
N ASP A 31 9.54 7.88 -6.24
CA ASP A 31 10.55 8.52 -5.41
C ASP A 31 9.97 8.75 -4.00
N PRO A 32 10.83 8.54 -3.01
CA PRO A 32 10.47 8.70 -1.59
C PRO A 32 10.23 10.16 -1.22
N GLU A 33 11.14 11.03 -1.64
CA GLU A 33 11.02 12.45 -1.35
C GLU A 33 9.72 13.01 -1.95
N LYS A 34 9.35 12.45 -3.09
CA LYS A 34 8.14 12.87 -3.77
C LYS A 34 6.93 12.17 -3.16
N LEU A 35 7.13 10.89 -2.87
CA LEU A 35 6.08 10.08 -2.29
C LEU A 35 5.50 10.81 -1.08
N SER A 36 4.20 10.61 -0.87
CA SER A 36 3.52 11.23 0.25
C SER A 36 2.12 10.65 0.41
N VAL A 37 1.69 10.52 1.65
CA VAL A 37 0.38 9.98 1.95
C VAL A 37 -0.66 10.70 1.09
N ASN A 38 -0.34 11.93 0.74
CA ASN A 38 -1.23 12.75 -0.06
C ASN A 38 -0.50 13.20 -1.33
N SER A 39 -0.04 12.22 -2.09
CA SER A 39 0.67 12.51 -3.32
C SER A 39 0.16 11.60 -4.45
N HIS A 40 -0.49 12.23 -5.42
CA HIS A 40 -1.03 11.49 -6.55
C HIS A 40 0.11 10.76 -7.28
N PHE A 41 -0.29 9.86 -8.16
CA PHE A 41 0.67 9.08 -8.92
C PHE A 41 0.87 9.68 -10.33
N MET A 42 0.25 10.83 -10.53
CA MET A 42 0.34 11.50 -11.82
C MET A 42 0.49 13.03 -11.63
N LYS A 43 -0.33 13.55 -10.73
CA LYS A 43 -0.31 14.98 -10.45
C LYS A 43 1.10 15.38 -10.01
N ASP A 44 1.61 14.64 -9.03
CA ASP A 44 2.93 14.91 -8.50
C ASP A 44 3.94 13.94 -9.14
N LEU A 45 3.75 12.67 -8.82
CA LEU A 45 4.62 11.63 -9.34
C LEU A 45 4.74 11.79 -10.86
N GLY A 46 3.73 11.30 -11.55
CA GLY A 46 3.71 11.38 -13.01
C GLY A 46 3.89 10.01 -13.63
N LEU A 47 3.25 9.02 -13.01
CA LEU A 47 3.32 7.65 -13.51
C LEU A 47 2.12 7.38 -14.41
N ASP A 48 2.00 6.12 -14.82
CA ASP A 48 0.91 5.71 -15.67
C ASP A 48 0.12 4.59 -14.99
N SER A 49 -1.01 4.25 -15.60
CA SER A 49 -1.86 3.21 -15.06
C SER A 49 -1.11 1.88 -15.03
N LEU A 50 -0.39 1.63 -16.13
CA LEU A 50 0.40 0.40 -16.23
C LEU A 50 1.20 0.20 -14.96
N ASP A 51 1.63 1.31 -14.37
CA ASP A 51 2.42 1.27 -13.15
C ASP A 51 1.47 1.21 -11.95
N GLN A 52 0.28 1.76 -12.14
CA GLN A 52 -0.71 1.78 -11.09
C GLN A 52 -1.12 0.36 -10.71
N VAL A 53 -1.33 -0.45 -11.74
CA VAL A 53 -1.72 -1.84 -11.53
C VAL A 53 -0.63 -2.56 -10.75
N GLU A 54 0.59 -2.12 -10.96
CA GLU A 54 1.74 -2.71 -10.27
C GLU A 54 1.76 -2.26 -8.81
N ILE A 55 1.58 -0.96 -8.61
CA ILE A 55 1.59 -0.39 -7.27
C ILE A 55 0.55 -1.12 -6.42
N ILE A 56 -0.64 -1.26 -6.98
CA ILE A 56 -1.73 -1.94 -6.28
C ILE A 56 -1.27 -3.34 -5.87
N MET A 57 -0.93 -4.13 -6.87
CA MET A 57 -0.47 -5.49 -6.63
C MET A 57 0.43 -5.56 -5.40
N ALA A 58 1.36 -4.61 -5.34
CA ALA A 58 2.29 -4.55 -4.22
C ALA A 58 1.51 -4.59 -2.91
N MET A 59 0.46 -3.79 -2.85
CA MET A 59 -0.37 -3.72 -1.66
C MET A 59 -1.21 -4.99 -1.51
N GLU A 60 -1.45 -5.65 -2.64
CA GLU A 60 -2.23 -6.88 -2.65
C GLU A 60 -1.41 -8.03 -2.07
N ASP A 61 -0.09 -7.85 -2.09
CA ASP A 61 0.81 -8.86 -1.56
C ASP A 61 1.25 -8.47 -0.15
N GLU A 62 1.70 -7.22 -0.03
CA GLU A 62 2.15 -6.72 1.25
C GLU A 62 1.08 -6.95 2.32
N PHE A 63 -0.16 -6.81 1.91
CA PHE A 63 -1.29 -7.00 2.82
C PHE A 63 -1.99 -8.33 2.55
N GLY A 64 -1.75 -8.85 1.36
CA GLY A 64 -2.36 -10.11 0.96
C GLY A 64 -3.88 -9.96 0.76
N PHE A 65 -4.23 -9.30 -0.33
CA PHE A 65 -5.63 -9.08 -0.65
C PHE A 65 -5.88 -9.27 -2.14
N GLU A 66 -7.10 -8.93 -2.55
CA GLU A 66 -7.49 -9.06 -3.94
C GLU A 66 -8.31 -7.84 -4.37
N ILE A 67 -7.58 -6.79 -4.75
CA ILE A 67 -8.22 -5.55 -5.18
C ILE A 67 -8.46 -5.62 -6.70
N PRO A 68 -9.75 -5.55 -7.07
CA PRO A 68 -10.17 -5.60 -8.47
C PRO A 68 -9.78 -4.34 -9.24
N ASP A 69 -9.85 -4.41 -10.56
CA ASP A 69 -9.50 -3.26 -11.39
C ASP A 69 -10.49 -2.14 -11.14
N ILE A 70 -11.68 -2.51 -10.69
CA ILE A 70 -12.73 -1.54 -10.40
C ILE A 70 -12.32 -0.72 -9.18
N ASP A 71 -11.47 -1.31 -8.35
CA ASP A 71 -11.01 -0.64 -7.15
C ASP A 71 -9.65 0.02 -7.43
N ALA A 72 -8.75 -0.77 -7.99
CA ALA A 72 -7.42 -0.29 -8.32
C ALA A 72 -7.54 1.02 -9.11
N GLU A 73 -8.60 1.11 -9.90
CA GLU A 73 -8.84 2.29 -10.71
C GLU A 73 -9.30 3.45 -9.82
N LYS A 74 -10.01 3.10 -8.76
CA LYS A 74 -10.50 4.10 -7.83
C LYS A 74 -9.37 4.54 -6.90
N LEU A 75 -8.32 3.73 -6.88
CA LEU A 75 -7.17 4.02 -6.05
C LEU A 75 -6.16 4.84 -6.85
N MET A 76 -5.87 6.03 -6.34
CA MET A 76 -4.93 6.92 -7.00
C MET A 76 -3.83 7.35 -6.04
N CYS A 77 -4.22 7.59 -4.80
CA CYS A 77 -3.28 8.00 -3.78
C CYS A 77 -3.02 6.82 -2.84
N PRO A 78 -1.95 6.95 -2.05
CA PRO A 78 -1.55 5.92 -1.09
C PRO A 78 -2.53 5.81 0.08
N GLN A 79 -3.02 6.95 0.55
CA GLN A 79 -3.94 6.97 1.66
C GLN A 79 -5.24 6.26 1.27
N GLU A 80 -5.57 6.35 -0.01
CA GLU A 80 -6.78 5.73 -0.52
C GLU A 80 -6.74 4.22 -0.29
N ILE A 81 -5.54 3.68 -0.40
CA ILE A 81 -5.34 2.25 -0.21
C ILE A 81 -5.46 1.92 1.28
N VAL A 82 -4.73 2.66 2.09
CA VAL A 82 -4.74 2.46 3.53
C VAL A 82 -6.19 2.25 3.99
N ASP A 83 -7.07 3.08 3.46
CA ASP A 83 -8.48 3.00 3.81
C ASP A 83 -9.00 1.60 3.50
N TYR A 84 -8.61 1.10 2.34
CA TYR A 84 -9.02 -0.23 1.92
C TYR A 84 -8.45 -1.30 2.85
N ILE A 85 -7.24 -1.03 3.34
CA ILE A 85 -6.57 -1.96 4.23
C ILE A 85 -7.24 -1.92 5.61
N ALA A 86 -7.24 -0.73 6.20
CA ALA A 86 -7.84 -0.54 7.51
C ALA A 86 -9.14 -1.34 7.58
N ASP A 87 -9.93 -1.23 6.53
CA ASP A 87 -11.20 -1.92 6.47
C ASP A 87 -10.97 -3.42 6.73
N LYS A 88 -10.02 -3.97 6.00
CA LYS A 88 -9.68 -5.38 6.15
C LYS A 88 -9.25 -5.65 7.59
N LYS A 89 -8.49 -4.71 8.13
CA LYS A 89 -8.01 -4.83 9.50
C LYS A 89 -7.59 -6.28 9.75
N ASP A 90 -6.75 -6.79 8.86
CA ASP A 90 -6.28 -8.16 8.99
C ASP A 90 -7.44 -9.08 9.34
N VAL A 91 -8.17 -9.48 8.30
CA VAL A 91 -9.31 -10.35 8.48
C VAL A 91 -8.88 -11.80 8.29
N TYR A 92 -7.64 -12.08 8.70
CA TYR A 92 -7.09 -13.41 8.58
C TYR A 92 -6.85 -14.03 9.96
N GLU A 93 -7.76 -13.72 10.88
CA GLU A 93 -7.66 -14.23 12.23
C GLU A 93 -7.87 -15.76 12.24
N SER A 94 -6.87 -16.47 11.75
CA SER A 94 -6.93 -17.92 11.70
C SER A 94 -5.65 -18.48 11.09
N GLY A 95 -5.51 -19.79 11.18
CA GLY A 95 -4.34 -20.45 10.64
C GLY A 95 -4.51 -20.76 9.15
N PRO A 96 -3.40 -21.09 8.51
CA PRO A 96 -3.37 -21.42 7.08
C PRO A 96 -4.05 -22.75 6.78
N SER A 97 -4.06 -23.14 5.51
CA SER A 97 -4.67 -24.39 5.11
C SER A 97 -4.06 -24.87 3.78
N SER A 98 -3.38 -26.00 3.87
CA SER A 98 -2.74 -26.57 2.69
C SER A 98 -2.14 -25.47 1.83
N GLY A 99 -0.87 -25.17 2.12
CA GLY A 99 -0.17 -24.14 1.38
C GLY A 99 1.34 -24.22 1.63
N GLY A 1 21.66 -19.48 15.66
CA GLY A 1 20.35 -19.17 15.12
C GLY A 1 19.45 -20.41 15.12
N SER A 2 18.74 -20.57 16.23
CA SER A 2 17.84 -21.71 16.38
C SER A 2 16.47 -21.24 16.86
N SER A 3 15.50 -21.34 15.96
CA SER A 3 14.14 -20.93 16.27
C SER A 3 14.11 -19.43 16.59
N GLY A 4 13.02 -18.79 16.19
CA GLY A 4 12.87 -17.37 16.42
C GLY A 4 11.64 -17.10 17.30
N SER A 5 11.88 -17.11 18.60
CA SER A 5 10.81 -16.87 19.56
C SER A 5 11.00 -15.50 20.21
N SER A 6 10.08 -14.59 19.89
CA SER A 6 10.14 -13.25 20.44
C SER A 6 8.76 -12.59 20.32
N GLY A 7 8.09 -12.49 21.46
CA GLY A 7 6.77 -11.89 21.50
C GLY A 7 6.70 -10.67 20.58
N MET A 8 5.54 -10.50 19.95
CA MET A 8 5.34 -9.39 19.05
C MET A 8 3.85 -9.10 18.86
N PRO A 9 3.31 -8.27 19.76
CA PRO A 9 1.89 -7.89 19.73
C PRO A 9 1.43 -7.46 18.34
N PRO A 10 0.11 -7.41 18.14
CA PRO A 10 -0.49 -7.02 16.87
C PRO A 10 0.13 -5.73 16.32
N LEU A 11 -0.34 -5.31 15.15
CA LEU A 11 0.18 -4.10 14.52
C LEU A 11 -0.84 -2.97 14.70
N THR A 12 -0.60 -1.89 13.98
CA THR A 12 -1.49 -0.74 14.05
C THR A 12 -1.50 0.00 12.71
N LEU A 13 -2.45 0.91 12.57
CA LEU A 13 -2.59 1.69 11.36
C LEU A 13 -1.22 2.24 10.96
N GLU A 14 -0.54 2.80 11.94
CA GLU A 14 0.79 3.37 11.71
C GLU A 14 1.59 2.48 10.75
N GLY A 15 1.31 1.18 10.83
CA GLY A 15 1.99 0.22 9.99
C GLY A 15 1.49 0.32 8.53
N ILE A 16 0.18 0.14 8.38
CA ILE A 16 -0.43 0.20 7.07
C ILE A 16 0.17 1.39 6.29
N GLN A 17 0.05 2.56 6.88
CA GLN A 17 0.57 3.77 6.26
C GLN A 17 2.01 3.54 5.78
N ASP A 18 2.89 3.36 6.74
CA ASP A 18 4.30 3.14 6.43
C ASP A 18 4.40 2.16 5.25
N ARG A 19 4.01 0.93 5.50
CA ARG A 19 4.04 -0.09 4.48
C ARG A 19 3.65 0.49 3.12
N VAL A 20 2.42 0.99 3.07
CA VAL A 20 1.90 1.58 1.85
C VAL A 20 3.01 2.39 1.16
N LEU A 21 3.71 3.16 1.98
CA LEU A 21 4.80 3.98 1.47
C LEU A 21 6.03 3.11 1.22
N TYR A 22 6.46 2.42 2.28
CA TYR A 22 7.61 1.55 2.19
C TYR A 22 7.63 0.80 0.86
N VAL A 23 6.48 0.23 0.52
CA VAL A 23 6.34 -0.52 -0.72
C VAL A 23 6.57 0.42 -1.90
N LEU A 24 5.92 1.57 -1.83
CA LEU A 24 6.04 2.57 -2.89
C LEU A 24 7.51 2.92 -3.09
N LYS A 25 8.22 3.04 -1.98
CA LYS A 25 9.63 3.38 -2.02
C LYS A 25 10.38 2.27 -2.77
N LEU A 26 10.14 1.04 -2.35
CA LEU A 26 10.79 -0.10 -2.97
C LEU A 26 10.81 0.08 -4.49
N TYR A 27 9.79 0.76 -4.99
CA TYR A 27 9.68 1.03 -6.41
C TYR A 27 10.57 2.20 -6.82
N ASP A 28 11.75 1.86 -7.31
CA ASP A 28 12.69 2.87 -7.75
C ASP A 28 11.98 3.89 -8.63
N LYS A 29 11.04 3.40 -9.41
CA LYS A 29 10.27 4.25 -10.31
C LYS A 29 9.69 5.41 -9.51
N ILE A 30 9.35 5.12 -8.26
CA ILE A 30 8.78 6.13 -7.39
C ILE A 30 9.85 6.62 -6.42
N ASP A 31 9.92 7.94 -6.27
CA ASP A 31 10.89 8.54 -5.37
C ASP A 31 10.28 8.67 -3.98
N PRO A 32 11.11 8.36 -2.97
CA PRO A 32 10.69 8.42 -1.56
C PRO A 32 10.48 9.85 -1.08
N GLU A 33 11.45 10.71 -1.38
CA GLU A 33 11.36 12.10 -0.96
C GLU A 33 10.17 12.78 -1.65
N LYS A 34 9.80 12.24 -2.80
CA LYS A 34 8.69 12.78 -3.56
C LYS A 34 7.40 12.11 -3.10
N LEU A 35 7.51 10.83 -2.77
CA LEU A 35 6.35 10.07 -2.32
C LEU A 35 5.76 10.75 -1.08
N SER A 36 4.48 10.47 -0.85
CA SER A 36 3.79 11.04 0.29
C SER A 36 2.30 10.68 0.23
N VAL A 37 1.73 10.50 1.41
CA VAL A 37 0.32 10.15 1.51
C VAL A 37 -0.50 11.08 0.63
N ASN A 38 -0.13 12.36 0.65
CA ASN A 38 -0.82 13.36 -0.14
C ASN A 38 -0.02 13.63 -1.42
N SER A 39 0.36 12.55 -2.08
CA SER A 39 1.12 12.66 -3.31
C SER A 39 0.55 11.71 -4.37
N HIS A 40 -0.26 12.26 -5.25
CA HIS A 40 -0.87 11.49 -6.30
C HIS A 40 0.22 10.83 -7.15
N PHE A 41 -0.15 9.73 -7.81
CA PHE A 41 0.78 9.01 -8.64
C PHE A 41 0.72 9.51 -10.09
N MET A 42 -0.33 10.26 -10.39
CA MET A 42 -0.51 10.81 -11.72
C MET A 42 -0.62 12.33 -11.67
N LYS A 43 -1.44 12.80 -10.74
CA LYS A 43 -1.65 14.24 -10.57
C LYS A 43 -0.35 14.88 -10.06
N ASP A 44 0.55 14.03 -9.61
CA ASP A 44 1.83 14.49 -9.09
C ASP A 44 2.96 13.72 -9.76
N LEU A 45 3.21 12.52 -9.24
CA LEU A 45 4.25 11.67 -9.77
C LEU A 45 4.19 11.69 -11.30
N GLY A 46 2.97 11.67 -11.81
CA GLY A 46 2.76 11.68 -13.25
C GLY A 46 2.84 10.27 -13.83
N LEU A 47 3.07 9.31 -12.94
CA LEU A 47 3.18 7.92 -13.34
C LEU A 47 1.97 7.56 -14.22
N ASP A 48 2.16 6.52 -15.03
CA ASP A 48 1.10 6.06 -15.91
C ASP A 48 0.35 4.91 -15.25
N SER A 49 -0.81 4.61 -15.81
CA SER A 49 -1.64 3.53 -15.29
C SER A 49 -0.77 2.30 -15.03
N LEU A 50 0.15 2.05 -15.95
CA LEU A 50 1.04 0.91 -15.83
C LEU A 50 1.61 0.85 -14.41
N ASP A 51 1.80 2.03 -13.84
CA ASP A 51 2.32 2.12 -12.49
C ASP A 51 1.19 1.86 -11.48
N GLN A 52 0.00 2.30 -11.85
CA GLN A 52 -1.16 2.12 -11.00
C GLN A 52 -1.37 0.62 -10.70
N VAL A 53 -1.36 -0.16 -11.76
CA VAL A 53 -1.55 -1.60 -11.63
C VAL A 53 -0.44 -2.18 -10.75
N GLU A 54 0.78 -1.76 -11.06
CA GLU A 54 1.95 -2.23 -10.32
C GLU A 54 1.79 -1.90 -8.83
N ILE A 55 1.66 -0.61 -8.56
CA ILE A 55 1.51 -0.15 -7.18
C ILE A 55 0.47 -1.02 -6.47
N ILE A 56 -0.72 -1.06 -7.06
CA ILE A 56 -1.80 -1.85 -6.50
C ILE A 56 -1.30 -3.26 -6.19
N MET A 57 -0.85 -3.93 -7.23
CA MET A 57 -0.34 -5.28 -7.10
C MET A 57 0.63 -5.38 -5.92
N ALA A 58 1.44 -4.35 -5.77
CA ALA A 58 2.41 -4.31 -4.69
C ALA A 58 1.70 -4.51 -3.35
N MET A 59 0.57 -3.83 -3.21
CA MET A 59 -0.22 -3.93 -1.99
C MET A 59 -0.92 -5.28 -1.91
N GLU A 60 -1.14 -5.88 -3.07
CA GLU A 60 -1.80 -7.17 -3.13
C GLU A 60 -0.84 -8.28 -2.68
N ASP A 61 0.45 -7.98 -2.77
CA ASP A 61 1.46 -8.93 -2.38
C ASP A 61 1.97 -8.59 -0.97
N GLU A 62 2.27 -7.32 -0.78
CA GLU A 62 2.75 -6.84 0.50
C GLU A 62 1.80 -7.26 1.62
N PHE A 63 0.52 -7.12 1.34
CA PHE A 63 -0.51 -7.49 2.31
C PHE A 63 -1.26 -8.73 1.87
N GLY A 64 -0.72 -9.39 0.85
CA GLY A 64 -1.34 -10.59 0.32
C GLY A 64 -2.85 -10.43 0.18
N PHE A 65 -3.24 -9.54 -0.71
CA PHE A 65 -4.64 -9.27 -0.95
C PHE A 65 -5.00 -9.49 -2.42
N GLU A 66 -6.25 -9.18 -2.75
CA GLU A 66 -6.73 -9.33 -4.11
C GLU A 66 -7.73 -8.22 -4.44
N ILE A 67 -7.18 -7.07 -4.82
CA ILE A 67 -8.01 -5.93 -5.16
C ILE A 67 -8.26 -5.93 -6.68
N PRO A 68 -9.55 -5.97 -7.05
CA PRO A 68 -9.96 -5.96 -8.44
C PRO A 68 -9.72 -4.62 -9.13
N ASP A 69 -9.75 -4.62 -10.45
CA ASP A 69 -9.51 -3.41 -11.21
C ASP A 69 -10.62 -2.40 -10.88
N ILE A 70 -11.75 -2.92 -10.44
CA ILE A 70 -12.89 -2.08 -10.10
C ILE A 70 -12.57 -1.34 -8.79
N ASP A 71 -11.70 -1.93 -8.00
CA ASP A 71 -11.31 -1.34 -6.73
C ASP A 71 -10.00 -0.56 -6.92
N ALA A 72 -9.18 -1.04 -7.83
CA ALA A 72 -7.91 -0.40 -8.12
C ALA A 72 -8.16 0.90 -8.87
N GLU A 73 -9.15 0.86 -9.76
CA GLU A 73 -9.50 2.03 -10.55
C GLU A 73 -9.90 3.19 -9.63
N LYS A 74 -10.48 2.84 -8.50
CA LYS A 74 -10.90 3.85 -7.54
C LYS A 74 -9.69 4.31 -6.72
N LEU A 75 -8.70 3.44 -6.63
CA LEU A 75 -7.49 3.74 -5.89
C LEU A 75 -6.55 4.53 -6.79
N MET A 76 -6.29 5.77 -6.39
CA MET A 76 -5.41 6.64 -7.15
C MET A 76 -4.41 7.34 -6.23
N CYS A 77 -4.29 6.81 -5.02
CA CYS A 77 -3.39 7.39 -4.04
C CYS A 77 -3.06 6.31 -3.00
N PRO A 78 -2.00 6.57 -2.22
CA PRO A 78 -1.55 5.66 -1.17
C PRO A 78 -2.52 5.59 0.00
N GLN A 79 -2.92 6.74 0.50
CA GLN A 79 -3.85 6.80 1.62
C GLN A 79 -5.09 5.96 1.33
N GLU A 80 -5.65 6.18 0.14
CA GLU A 80 -6.83 5.45 -0.27
C GLU A 80 -6.67 3.95 0.03
N ILE A 81 -5.46 3.47 -0.20
CA ILE A 81 -5.15 2.06 0.04
C ILE A 81 -5.18 1.79 1.54
N VAL A 82 -4.49 2.66 2.28
CA VAL A 82 -4.43 2.53 3.73
C VAL A 82 -5.84 2.27 4.28
N ASP A 83 -6.78 3.05 3.77
CA ASP A 83 -8.17 2.92 4.19
C ASP A 83 -8.69 1.54 3.80
N TYR A 84 -8.29 1.10 2.61
CA TYR A 84 -8.72 -0.20 2.11
C TYR A 84 -8.14 -1.33 2.97
N ILE A 85 -6.91 -1.11 3.42
CA ILE A 85 -6.24 -2.10 4.24
C ILE A 85 -6.88 -2.13 5.63
N ALA A 86 -6.90 -0.96 6.26
CA ALA A 86 -7.49 -0.84 7.59
C ALA A 86 -8.75 -1.69 7.66
N ASP A 87 -9.63 -1.47 6.69
CA ASP A 87 -10.88 -2.22 6.63
C ASP A 87 -10.59 -3.71 6.59
N LYS A 88 -9.76 -4.09 5.62
CA LYS A 88 -9.39 -5.48 5.45
C LYS A 88 -8.83 -6.02 6.78
N LYS A 89 -8.05 -5.17 7.44
CA LYS A 89 -7.44 -5.54 8.70
C LYS A 89 -8.54 -5.93 9.69
N ASP A 90 -9.65 -5.20 9.62
CA ASP A 90 -10.78 -5.47 10.50
C ASP A 90 -12.08 -5.27 9.72
N VAL A 91 -12.70 -6.38 9.37
CA VAL A 91 -13.95 -6.34 8.64
C VAL A 91 -14.92 -7.37 9.23
N TYR A 92 -14.59 -7.83 10.41
CA TYR A 92 -15.42 -8.81 11.09
C TYR A 92 -16.13 -9.71 10.09
N GLU A 93 -15.45 -10.78 9.70
CA GLU A 93 -16.00 -11.72 8.75
C GLU A 93 -16.01 -13.13 9.34
N SER A 94 -17.02 -13.90 8.95
CA SER A 94 -17.16 -15.26 9.44
C SER A 94 -17.71 -16.15 8.33
N GLY A 95 -16.82 -16.58 7.45
CA GLY A 95 -17.20 -17.45 6.35
C GLY A 95 -16.39 -18.74 6.35
N PRO A 96 -16.45 -19.45 5.22
CA PRO A 96 -15.74 -20.71 5.03
C PRO A 96 -14.23 -20.53 4.94
N SER A 97 -13.52 -21.03 5.94
CA SER A 97 -12.07 -20.91 5.96
C SER A 97 -11.45 -22.08 6.71
N SER A 98 -12.02 -22.35 7.89
CA SER A 98 -11.53 -23.44 8.71
C SER A 98 -12.71 -24.31 9.18
N GLY A 99 -12.58 -25.60 8.91
CA GLY A 99 -13.62 -26.54 9.29
C GLY A 99 -14.79 -26.50 8.30
N GLY A 1 16.33 6.13 9.08
CA GLY A 1 17.21 5.31 9.89
C GLY A 1 16.41 4.31 10.72
N SER A 2 17.06 3.18 11.02
CA SER A 2 16.42 2.13 11.80
C SER A 2 16.27 2.59 13.26
N SER A 3 15.16 2.19 13.86
CA SER A 3 14.89 2.55 15.24
C SER A 3 13.90 1.55 15.85
N GLY A 4 14.45 0.43 16.32
CA GLY A 4 13.63 -0.60 16.92
C GLY A 4 14.14 -2.00 16.54
N SER A 5 14.39 -2.80 17.57
CA SER A 5 14.88 -4.15 17.36
C SER A 5 14.25 -5.10 18.38
N SER A 6 13.76 -6.22 17.87
CA SER A 6 13.13 -7.22 18.73
C SER A 6 11.82 -6.67 19.29
N GLY A 7 10.72 -7.24 18.83
CA GLY A 7 9.40 -6.82 19.29
C GLY A 7 8.94 -5.56 18.54
N MET A 8 8.03 -5.77 17.61
CA MET A 8 7.49 -4.67 16.82
C MET A 8 6.17 -4.17 17.40
N PRO A 9 5.97 -2.84 17.31
CA PRO A 9 4.75 -2.19 17.80
C PRO A 9 3.49 -2.90 17.36
N PRO A 10 2.41 -2.72 18.14
CA PRO A 10 1.11 -3.34 17.84
C PRO A 10 0.70 -3.16 16.39
N LEU A 11 -0.47 -3.68 16.04
CA LEU A 11 -0.97 -3.57 14.68
C LEU A 11 -1.93 -2.39 14.60
N THR A 12 -1.39 -1.25 14.18
CA THR A 12 -2.19 -0.04 14.05
C THR A 12 -2.06 0.53 12.64
N LEU A 13 -3.07 1.29 12.24
CA LEU A 13 -3.08 1.90 10.93
C LEU A 13 -1.70 2.47 10.63
N GLU A 14 -1.15 3.16 11.61
CA GLU A 14 0.17 3.77 11.47
C GLU A 14 1.10 2.83 10.69
N GLY A 15 0.83 1.54 10.83
CA GLY A 15 1.63 0.53 10.15
C GLY A 15 1.26 0.46 8.66
N ILE A 16 -0.02 0.25 8.42
CA ILE A 16 -0.52 0.16 7.05
C ILE A 16 0.08 1.29 6.22
N GLN A 17 -0.18 2.52 6.67
CA GLN A 17 0.32 3.69 5.98
C GLN A 17 1.80 3.51 5.62
N ASP A 18 2.61 3.34 6.66
CA ASP A 18 4.04 3.15 6.47
C ASP A 18 4.27 2.20 5.31
N ARG A 19 3.66 1.02 5.39
CA ARG A 19 3.79 0.02 4.35
C ARG A 19 3.47 0.63 2.99
N VAL A 20 2.28 1.19 2.89
CA VAL A 20 1.84 1.80 1.64
C VAL A 20 3.01 2.62 1.05
N LEU A 21 3.72 3.30 1.93
CA LEU A 21 4.85 4.10 1.51
C LEU A 21 6.06 3.20 1.26
N TYR A 22 6.48 2.52 2.32
CA TYR A 22 7.62 1.62 2.23
C TYR A 22 7.56 0.80 0.94
N VAL A 23 6.37 0.28 0.66
CA VAL A 23 6.18 -0.53 -0.54
C VAL A 23 6.37 0.35 -1.77
N LEU A 24 5.72 1.50 -1.76
CA LEU A 24 5.80 2.45 -2.86
C LEU A 24 7.25 2.87 -3.04
N LYS A 25 7.98 2.90 -1.93
CA LYS A 25 9.38 3.30 -1.95
C LYS A 25 10.17 2.27 -2.75
N LEU A 26 9.98 1.01 -2.39
CA LEU A 26 10.67 -0.09 -3.06
C LEU A 26 10.71 0.19 -4.56
N TYR A 27 9.64 0.82 -5.05
CA TYR A 27 9.55 1.14 -6.46
C TYR A 27 10.42 2.34 -6.81
N ASP A 28 11.57 2.03 -7.38
CA ASP A 28 12.52 3.07 -7.77
C ASP A 28 11.78 4.16 -8.55
N LYS A 29 10.81 3.72 -9.34
CA LYS A 29 10.02 4.64 -10.14
C LYS A 29 9.40 5.70 -9.23
N ILE A 30 9.03 5.27 -8.03
CA ILE A 30 8.42 6.17 -7.06
C ILE A 30 9.53 6.73 -6.15
N ASP A 31 9.72 8.03 -6.24
CA ASP A 31 10.74 8.69 -5.43
C ASP A 31 10.21 8.86 -4.00
N PRO A 32 11.10 8.57 -3.04
CA PRO A 32 10.77 8.67 -1.61
C PRO A 32 10.58 10.11 -1.16
N GLU A 33 11.51 10.99 -1.56
CA GLU A 33 11.42 12.39 -1.19
C GLU A 33 10.11 12.99 -1.68
N LYS A 34 9.48 12.28 -2.60
CA LYS A 34 8.21 12.73 -3.16
C LYS A 34 7.07 11.90 -2.58
N LEU A 35 7.33 10.61 -2.43
CA LEU A 35 6.33 9.70 -1.88
C LEU A 35 5.68 10.34 -0.67
N SER A 36 4.35 10.39 -0.69
CA SER A 36 3.60 10.97 0.40
C SER A 36 2.21 10.33 0.47
N VAL A 37 1.71 10.22 1.69
CA VAL A 37 0.39 9.63 1.91
C VAL A 37 -0.65 10.40 1.08
N ASN A 38 -0.37 11.68 0.89
CA ASN A 38 -1.27 12.53 0.14
C ASN A 38 -0.60 12.94 -1.18
N SER A 39 0.03 11.96 -1.82
CA SER A 39 0.71 12.19 -3.08
C SER A 39 0.15 11.27 -4.16
N HIS A 40 -0.28 11.89 -5.25
CA HIS A 40 -0.85 11.13 -6.36
C HIS A 40 0.22 10.21 -6.95
N PHE A 41 -0.08 9.67 -8.13
CA PHE A 41 0.84 8.78 -8.80
C PHE A 41 1.02 9.19 -10.26
N MET A 42 -0.09 9.59 -10.87
CA MET A 42 -0.07 10.00 -12.26
C MET A 42 0.00 11.53 -12.38
N LYS A 43 -0.30 12.19 -11.27
CA LYS A 43 -0.28 13.64 -11.23
C LYS A 43 1.10 14.11 -10.74
N ASP A 44 1.30 13.99 -9.44
CA ASP A 44 2.55 14.40 -8.84
C ASP A 44 3.69 13.56 -9.44
N LEU A 45 3.80 12.33 -8.94
CA LEU A 45 4.84 11.44 -9.42
C LEU A 45 4.91 11.49 -10.95
N GLY A 46 3.75 11.27 -11.56
CA GLY A 46 3.66 11.29 -13.01
C GLY A 46 3.93 9.91 -13.60
N LEU A 47 3.34 8.90 -12.96
CA LEU A 47 3.51 7.54 -13.41
C LEU A 47 2.37 7.17 -14.36
N ASP A 48 2.59 6.09 -15.11
CA ASP A 48 1.58 5.63 -16.06
C ASP A 48 0.68 4.60 -15.38
N SER A 49 -0.37 4.21 -16.08
CA SER A 49 -1.31 3.24 -15.56
C SER A 49 -0.57 1.95 -15.17
N LEU A 50 0.36 1.56 -16.02
CA LEU A 50 1.15 0.37 -15.78
C LEU A 50 1.64 0.37 -14.33
N ASP A 51 2.06 1.55 -13.89
CA ASP A 51 2.56 1.71 -12.54
C ASP A 51 1.40 1.58 -11.55
N GLN A 52 0.23 2.03 -11.99
CA GLN A 52 -0.96 1.97 -11.16
C GLN A 52 -1.24 0.53 -10.74
N VAL A 53 -1.43 -0.32 -11.73
CA VAL A 53 -1.71 -1.73 -11.47
C VAL A 53 -0.65 -2.28 -10.52
N GLU A 54 0.61 -2.04 -10.88
CA GLU A 54 1.72 -2.51 -10.07
C GLU A 54 1.59 -1.99 -8.63
N ILE A 55 1.57 -0.67 -8.51
CA ILE A 55 1.45 -0.05 -7.21
C ILE A 55 0.30 -0.69 -6.44
N ILE A 56 -0.77 -0.97 -7.16
CA ILE A 56 -1.95 -1.58 -6.57
C ILE A 56 -1.59 -3.00 -6.10
N MET A 57 -1.18 -3.82 -7.06
CA MET A 57 -0.82 -5.19 -6.76
C MET A 57 0.15 -5.25 -5.59
N ALA A 58 1.16 -4.38 -5.64
CA ALA A 58 2.15 -4.34 -4.58
C ALA A 58 1.46 -4.42 -3.22
N MET A 59 0.38 -3.66 -3.09
CA MET A 59 -0.38 -3.65 -1.85
C MET A 59 -1.16 -4.95 -1.67
N GLU A 60 -1.65 -5.47 -2.79
CA GLU A 60 -2.41 -6.70 -2.77
C GLU A 60 -1.53 -7.86 -2.28
N ASP A 61 -0.23 -7.68 -2.45
CA ASP A 61 0.72 -8.70 -2.03
C ASP A 61 1.25 -8.36 -0.64
N GLU A 62 1.64 -7.10 -0.48
CA GLU A 62 2.16 -6.64 0.79
C GLU A 62 1.19 -6.97 1.92
N PHE A 63 -0.08 -6.82 1.64
CA PHE A 63 -1.12 -7.11 2.61
C PHE A 63 -1.80 -8.46 2.32
N GLY A 64 -1.66 -8.88 1.08
CA GLY A 64 -2.25 -10.14 0.66
C GLY A 64 -3.76 -10.00 0.49
N PHE A 65 -4.15 -9.15 -0.44
CA PHE A 65 -5.57 -8.92 -0.70
C PHE A 65 -5.88 -9.10 -2.19
N GLU A 66 -7.15 -8.88 -2.52
CA GLU A 66 -7.60 -9.02 -3.90
C GLU A 66 -8.42 -7.81 -4.31
N ILE A 67 -7.71 -6.74 -4.66
CA ILE A 67 -8.36 -5.51 -5.09
C ILE A 67 -8.61 -5.56 -6.60
N PRO A 68 -9.90 -5.56 -6.97
CA PRO A 68 -10.32 -5.59 -8.37
C PRO A 68 -10.01 -4.30 -9.11
N ASP A 69 -10.36 -4.26 -10.38
CA ASP A 69 -10.11 -3.07 -11.18
C ASP A 69 -11.14 -1.99 -10.82
N ILE A 70 -12.28 -2.44 -10.32
CA ILE A 70 -13.34 -1.54 -9.93
C ILE A 70 -12.88 -0.72 -8.72
N ASP A 71 -11.91 -1.26 -8.00
CA ASP A 71 -11.38 -0.59 -6.82
C ASP A 71 -10.09 0.14 -7.19
N ALA A 72 -9.15 -0.63 -7.72
CA ALA A 72 -7.86 -0.07 -8.11
C ALA A 72 -8.10 1.23 -8.88
N GLU A 73 -9.09 1.19 -9.77
CA GLU A 73 -9.42 2.36 -10.57
C GLU A 73 -9.78 3.54 -9.66
N LYS A 74 -10.49 3.22 -8.58
CA LYS A 74 -10.90 4.24 -7.63
C LYS A 74 -9.69 4.69 -6.82
N LEU A 75 -8.68 3.84 -6.80
CA LEU A 75 -7.46 4.14 -6.06
C LEU A 75 -6.55 5.01 -6.92
N MET A 76 -6.19 6.16 -6.37
CA MET A 76 -5.33 7.09 -7.07
C MET A 76 -4.10 7.45 -6.22
N CYS A 77 -4.36 7.64 -4.94
CA CYS A 77 -3.29 7.98 -4.01
C CYS A 77 -3.05 6.79 -3.08
N PRO A 78 -1.94 6.88 -2.33
CA PRO A 78 -1.54 5.83 -1.38
C PRO A 78 -2.47 5.75 -0.18
N GLN A 79 -2.96 6.91 0.25
CA GLN A 79 -3.86 6.95 1.40
C GLN A 79 -5.17 6.23 1.08
N GLU A 80 -5.60 6.38 -0.16
CA GLU A 80 -6.83 5.75 -0.61
C GLU A 80 -6.78 4.24 -0.35
N ILE A 81 -5.60 3.67 -0.57
CA ILE A 81 -5.39 2.25 -0.35
C ILE A 81 -5.49 1.94 1.14
N VAL A 82 -4.72 2.69 1.92
CA VAL A 82 -4.71 2.51 3.36
C VAL A 82 -6.15 2.36 3.86
N ASP A 83 -7.02 3.20 3.32
CA ASP A 83 -8.42 3.17 3.71
C ASP A 83 -8.99 1.78 3.48
N TYR A 84 -8.65 1.22 2.31
CA TYR A 84 -9.11 -0.10 1.95
C TYR A 84 -8.51 -1.17 2.87
N ILE A 85 -7.27 -0.92 3.28
CA ILE A 85 -6.57 -1.84 4.15
C ILE A 85 -7.20 -1.78 5.55
N ALA A 86 -7.18 -0.60 6.13
CA ALA A 86 -7.75 -0.40 7.45
C ALA A 86 -9.05 -1.21 7.57
N ASP A 87 -9.89 -1.06 6.56
CA ASP A 87 -11.16 -1.76 6.54
C ASP A 87 -10.92 -3.25 6.80
N LYS A 88 -10.02 -3.81 6.01
CA LYS A 88 -9.69 -5.23 6.15
C LYS A 88 -9.29 -5.52 7.59
N LYS A 89 -8.55 -4.58 8.18
CA LYS A 89 -8.10 -4.73 9.55
C LYS A 89 -7.69 -6.18 9.80
N ASP A 90 -6.55 -6.54 9.22
CA ASP A 90 -6.03 -7.90 9.36
C ASP A 90 -7.01 -8.88 8.72
N VAL A 91 -6.44 -9.88 8.06
CA VAL A 91 -7.25 -10.89 7.40
C VAL A 91 -7.36 -12.12 8.30
N TYR A 92 -7.01 -11.91 9.56
CA TYR A 92 -7.07 -12.99 10.54
C TYR A 92 -6.82 -14.34 9.88
N GLU A 93 -5.54 -14.67 9.73
CA GLU A 93 -5.16 -15.92 9.11
C GLU A 93 -3.63 -16.07 9.12
N SER A 94 -3.17 -17.14 9.74
CA SER A 94 -1.75 -17.41 9.82
C SER A 94 -0.98 -16.11 10.10
N GLY A 95 -1.02 -15.70 11.36
CA GLY A 95 -0.34 -14.48 11.77
C GLY A 95 0.10 -14.57 13.24
N PRO A 96 0.40 -13.40 13.80
CA PRO A 96 0.85 -13.27 15.20
C PRO A 96 -0.28 -13.57 16.18
N SER A 97 -1.51 -13.31 15.77
CA SER A 97 -2.65 -13.56 16.63
C SER A 97 -3.83 -14.06 15.79
N SER A 98 -4.58 -14.99 16.38
CA SER A 98 -5.73 -15.56 15.70
C SER A 98 -7.00 -14.81 16.10
N GLY A 99 -7.79 -14.46 15.09
CA GLY A 99 -9.03 -13.74 15.33
C GLY A 99 -10.05 -14.62 16.06
N GLY A 1 22.02 4.88 6.80
CA GLY A 1 21.74 3.46 6.90
C GLY A 1 21.51 2.85 5.51
N SER A 2 20.67 1.83 5.47
CA SER A 2 20.36 1.15 4.23
C SER A 2 19.30 0.08 4.46
N SER A 3 19.62 -0.84 5.35
CA SER A 3 18.71 -1.93 5.67
C SER A 3 19.19 -2.67 6.93
N GLY A 4 18.57 -2.35 8.05
CA GLY A 4 18.93 -2.98 9.31
C GLY A 4 17.70 -3.18 10.19
N SER A 5 17.48 -2.22 11.08
CA SER A 5 16.35 -2.27 11.98
C SER A 5 16.39 -3.58 12.78
N SER A 6 15.51 -3.64 13.78
CA SER A 6 15.43 -4.82 14.63
C SER A 6 14.00 -5.02 15.13
N GLY A 7 13.58 -6.27 15.12
CA GLY A 7 12.24 -6.61 15.56
C GLY A 7 11.20 -6.28 14.48
N MET A 8 10.01 -6.83 14.66
CA MET A 8 8.94 -6.61 13.71
C MET A 8 7.63 -6.27 14.43
N PRO A 9 7.44 -4.97 14.69
CA PRO A 9 6.25 -4.46 15.37
C PRO A 9 4.96 -5.02 14.79
N PRO A 10 3.91 -5.09 15.62
CA PRO A 10 2.60 -5.61 15.21
C PRO A 10 2.13 -5.01 13.89
N LEU A 11 1.02 -5.52 13.38
CA LEU A 11 0.48 -5.03 12.12
C LEU A 11 -0.71 -4.11 12.42
N THR A 12 -0.48 -2.81 12.23
CA THR A 12 -1.52 -1.83 12.47
C THR A 12 -1.46 -0.72 11.41
N LEU A 13 -2.44 0.17 11.47
CA LEU A 13 -2.50 1.27 10.53
C LEU A 13 -1.10 1.84 10.32
N GLU A 14 -0.51 2.30 11.42
CA GLU A 14 0.83 2.87 11.37
C GLU A 14 1.73 2.01 10.49
N GLY A 15 1.69 0.70 10.74
CA GLY A 15 2.49 -0.23 9.99
C GLY A 15 2.03 -0.31 8.54
N ILE A 16 0.72 -0.31 8.37
CA ILE A 16 0.14 -0.38 7.04
C ILE A 16 0.62 0.81 6.21
N GLN A 17 0.41 2.00 6.75
CA GLN A 17 0.83 3.22 6.07
C GLN A 17 2.30 3.13 5.68
N ASP A 18 3.14 3.10 6.69
CA ASP A 18 4.58 3.01 6.48
C ASP A 18 4.86 2.05 5.33
N ARG A 19 4.19 0.90 5.39
CA ARG A 19 4.37 -0.11 4.36
C ARG A 19 3.93 0.43 2.99
N VAL A 20 2.77 1.07 2.99
CA VAL A 20 2.23 1.64 1.78
C VAL A 20 3.29 2.53 1.12
N LEU A 21 4.04 3.21 1.96
CA LEU A 21 5.09 4.10 1.49
C LEU A 21 6.35 3.27 1.16
N TYR A 22 6.68 2.40 2.09
CA TYR A 22 7.85 1.54 1.93
C TYR A 22 7.80 0.80 0.59
N VAL A 23 6.67 0.15 0.34
CA VAL A 23 6.49 -0.59 -0.89
C VAL A 23 6.53 0.37 -2.07
N LEU A 24 5.87 1.51 -1.89
CA LEU A 24 5.81 2.52 -2.94
C LEU A 24 7.23 3.04 -3.20
N LYS A 25 8.03 3.04 -2.14
CA LYS A 25 9.40 3.51 -2.24
C LYS A 25 10.21 2.53 -3.10
N LEU A 26 10.09 1.25 -2.75
CA LEU A 26 10.79 0.22 -3.47
C LEU A 26 10.73 0.50 -4.97
N TYR A 27 9.65 1.17 -5.37
CA TYR A 27 9.45 1.51 -6.77
C TYR A 27 10.26 2.75 -7.14
N ASP A 28 11.40 2.51 -7.78
CA ASP A 28 12.26 3.60 -8.21
C ASP A 28 11.43 4.64 -8.97
N LYS A 29 10.49 4.14 -9.76
CA LYS A 29 9.63 5.00 -10.54
C LYS A 29 8.99 6.04 -9.62
N ILE A 30 8.70 5.61 -8.41
CA ILE A 30 8.09 6.49 -7.43
C ILE A 30 9.17 7.05 -6.50
N ASP A 31 9.42 8.34 -6.66
CA ASP A 31 10.42 9.01 -5.85
C ASP A 31 9.94 9.09 -4.41
N PRO A 32 10.87 8.82 -3.48
CA PRO A 32 10.59 8.84 -2.04
C PRO A 32 10.34 10.26 -1.52
N GLU A 33 11.23 11.17 -1.91
CA GLU A 33 11.11 12.56 -1.47
C GLU A 33 9.74 13.12 -1.89
N LYS A 34 9.11 12.43 -2.83
CA LYS A 34 7.81 12.85 -3.33
C LYS A 34 6.73 11.94 -2.74
N LEU A 35 7.09 10.67 -2.59
CA LEU A 35 6.16 9.70 -2.04
C LEU A 35 5.53 10.25 -0.75
N SER A 36 4.33 10.79 -0.90
CA SER A 36 3.63 11.37 0.23
C SER A 36 2.17 10.92 0.21
N VAL A 37 1.69 10.51 1.38
CA VAL A 37 0.31 10.05 1.50
C VAL A 37 -0.60 10.97 0.69
N ASN A 38 -0.43 12.27 0.91
CA ASN A 38 -1.23 13.25 0.20
C ASN A 38 -0.57 13.58 -1.14
N SER A 39 -0.15 12.52 -1.82
CA SER A 39 0.50 12.68 -3.12
C SER A 39 -0.11 11.71 -4.13
N HIS A 40 -0.49 12.25 -5.26
CA HIS A 40 -1.09 11.45 -6.31
C HIS A 40 0.01 10.69 -7.07
N PHE A 41 -0.41 9.70 -7.85
CA PHE A 41 0.52 8.90 -8.62
C PHE A 41 0.72 9.49 -10.02
N MET A 42 0.20 10.70 -10.20
CA MET A 42 0.30 11.38 -11.47
C MET A 42 0.37 12.90 -11.28
N LYS A 43 -0.60 13.41 -10.53
CA LYS A 43 -0.66 14.84 -10.27
C LYS A 43 0.75 15.37 -10.02
N ASP A 44 1.46 14.69 -9.13
CA ASP A 44 2.82 15.08 -8.81
C ASP A 44 3.78 13.95 -9.17
N LEU A 45 3.56 12.81 -8.55
CA LEU A 45 4.40 11.65 -8.79
C LEU A 45 4.71 11.57 -10.29
N GLY A 46 3.66 11.52 -11.08
CA GLY A 46 3.80 11.45 -12.53
C GLY A 46 4.10 10.01 -12.97
N LEU A 47 3.08 9.18 -12.91
CA LEU A 47 3.23 7.78 -13.30
C LEU A 47 2.19 7.45 -14.39
N ASP A 48 2.17 6.18 -14.77
CA ASP A 48 1.25 5.73 -15.79
C ASP A 48 0.40 4.59 -15.23
N SER A 49 -0.79 4.44 -15.80
CA SER A 49 -1.71 3.40 -15.37
C SER A 49 -0.96 2.07 -15.23
N LEU A 50 -0.06 1.84 -16.16
CA LEU A 50 0.73 0.61 -16.17
C LEU A 50 1.39 0.45 -14.80
N ASP A 51 1.74 1.57 -14.21
CA ASP A 51 2.38 1.56 -12.89
C ASP A 51 1.31 1.44 -11.81
N GLN A 52 0.11 1.86 -12.17
CA GLN A 52 -1.00 1.80 -11.23
C GLN A 52 -1.34 0.36 -10.89
N VAL A 53 -1.22 -0.50 -11.89
CA VAL A 53 -1.51 -1.91 -11.72
C VAL A 53 -0.46 -2.53 -10.79
N GLU A 54 0.76 -2.06 -10.94
CA GLU A 54 1.86 -2.55 -10.13
C GLU A 54 1.71 -2.09 -8.68
N ILE A 55 1.63 -0.77 -8.53
CA ILE A 55 1.48 -0.19 -7.21
C ILE A 55 0.47 -1.00 -6.40
N ILE A 56 -0.71 -1.19 -6.98
CA ILE A 56 -1.76 -1.95 -6.33
C ILE A 56 -1.22 -3.34 -5.96
N MET A 57 -0.73 -4.03 -6.98
CA MET A 57 -0.19 -5.37 -6.77
C MET A 57 0.71 -5.41 -5.54
N ALA A 58 1.53 -4.39 -5.42
CA ALA A 58 2.45 -4.29 -4.30
C ALA A 58 1.67 -4.44 -2.99
N MET A 59 0.54 -3.75 -2.92
CA MET A 59 -0.30 -3.81 -1.74
C MET A 59 -1.05 -5.13 -1.66
N GLU A 60 -1.13 -5.81 -2.80
CA GLU A 60 -1.81 -7.09 -2.87
C GLU A 60 -0.90 -8.20 -2.36
N ASP A 61 0.39 -7.93 -2.41
CA ASP A 61 1.38 -8.90 -1.95
C ASP A 61 1.80 -8.56 -0.52
N GLU A 62 2.12 -7.29 -0.31
CA GLU A 62 2.53 -6.82 1.00
C GLU A 62 1.51 -7.24 2.05
N PHE A 63 0.24 -7.08 1.70
CA PHE A 63 -0.84 -7.43 2.61
C PHE A 63 -1.60 -8.67 2.10
N GLY A 64 -0.97 -9.36 1.17
CA GLY A 64 -1.57 -10.55 0.60
C GLY A 64 -3.09 -10.38 0.44
N PHE A 65 -3.45 -9.52 -0.50
CA PHE A 65 -4.86 -9.25 -0.76
C PHE A 65 -5.17 -9.41 -2.25
N GLU A 66 -6.43 -9.20 -2.58
CA GLU A 66 -6.88 -9.31 -3.97
C GLU A 66 -7.81 -8.16 -4.32
N ILE A 67 -7.21 -7.11 -4.86
CA ILE A 67 -7.97 -5.93 -5.26
C ILE A 67 -8.16 -5.93 -6.77
N PRO A 68 -9.44 -5.97 -7.19
CA PRO A 68 -9.80 -5.97 -8.61
C PRO A 68 -9.52 -4.64 -9.28
N ASP A 69 -9.52 -4.64 -10.61
CA ASP A 69 -9.27 -3.42 -11.36
C ASP A 69 -10.36 -2.40 -11.06
N ILE A 70 -11.51 -2.92 -10.66
CA ILE A 70 -12.65 -2.06 -10.34
C ILE A 70 -12.37 -1.33 -9.03
N ASP A 71 -11.53 -1.95 -8.21
CA ASP A 71 -11.18 -1.37 -6.92
C ASP A 71 -9.85 -0.62 -7.05
N ALA A 72 -9.04 -1.08 -7.98
CA ALA A 72 -7.74 -0.47 -8.22
C ALA A 72 -7.93 0.85 -8.96
N GLU A 73 -8.90 0.84 -9.88
CA GLU A 73 -9.19 2.02 -10.66
C GLU A 73 -9.62 3.17 -9.76
N LYS A 74 -10.30 2.80 -8.67
CA LYS A 74 -10.77 3.78 -7.72
C LYS A 74 -9.60 4.27 -6.85
N LEU A 75 -8.59 3.41 -6.76
CA LEU A 75 -7.42 3.73 -5.97
C LEU A 75 -6.42 4.51 -6.85
N MET A 76 -6.20 5.76 -6.48
CA MET A 76 -5.28 6.61 -7.22
C MET A 76 -4.30 7.30 -6.27
N CYS A 77 -4.26 6.80 -5.05
CA CYS A 77 -3.37 7.36 -4.04
C CYS A 77 -3.02 6.25 -3.04
N PRO A 78 -1.95 6.51 -2.27
CA PRO A 78 -1.45 5.57 -1.26
C PRO A 78 -2.40 5.45 -0.07
N GLN A 79 -2.79 6.59 0.49
CA GLN A 79 -3.70 6.60 1.62
C GLN A 79 -4.98 5.85 1.29
N GLU A 80 -5.45 6.07 0.07
CA GLU A 80 -6.67 5.41 -0.39
C GLU A 80 -6.59 3.91 -0.14
N ILE A 81 -5.41 3.36 -0.37
CA ILE A 81 -5.19 1.93 -0.18
C ILE A 81 -5.25 1.61 1.32
N VAL A 82 -4.51 2.38 2.09
CA VAL A 82 -4.47 2.19 3.53
C VAL A 82 -5.90 1.99 4.05
N ASP A 83 -6.79 2.83 3.57
CA ASP A 83 -8.18 2.75 3.97
C ASP A 83 -8.72 1.34 3.67
N TYR A 84 -8.35 0.85 2.50
CA TYR A 84 -8.79 -0.48 2.09
C TYR A 84 -8.19 -1.56 2.99
N ILE A 85 -6.99 -1.27 3.50
CA ILE A 85 -6.31 -2.21 4.37
C ILE A 85 -6.89 -2.10 5.78
N ALA A 86 -6.71 -0.91 6.36
CA ALA A 86 -7.21 -0.66 7.71
C ALA A 86 -8.59 -1.32 7.87
N ASP A 87 -9.39 -1.16 6.83
CA ASP A 87 -10.73 -1.73 6.85
C ASP A 87 -10.64 -3.25 6.75
N LYS A 88 -9.83 -3.70 5.80
CA LYS A 88 -9.64 -5.13 5.59
C LYS A 88 -9.31 -5.80 6.92
N LYS A 89 -8.61 -5.04 7.76
CA LYS A 89 -8.21 -5.54 9.07
C LYS A 89 -9.45 -5.62 9.98
N ASP A 90 -10.17 -4.52 10.04
CA ASP A 90 -11.36 -4.45 10.86
C ASP A 90 -12.34 -5.54 10.43
N VAL A 91 -13.40 -5.68 11.20
CA VAL A 91 -14.42 -6.68 10.91
C VAL A 91 -15.51 -6.06 10.03
N TYR A 92 -15.09 -5.09 9.22
CA TYR A 92 -16.01 -4.41 8.33
C TYR A 92 -16.16 -5.17 7.01
N GLU A 93 -16.28 -6.49 7.13
CA GLU A 93 -16.42 -7.33 5.97
C GLU A 93 -17.79 -7.11 5.33
N SER A 94 -17.81 -7.16 4.00
CA SER A 94 -19.04 -6.96 3.25
C SER A 94 -18.90 -7.56 1.85
N GLY A 95 -20.03 -7.63 1.16
CA GLY A 95 -20.04 -8.18 -0.19
C GLY A 95 -19.62 -7.12 -1.22
N PRO A 96 -18.97 -7.60 -2.28
CA PRO A 96 -18.49 -6.74 -3.37
C PRO A 96 -19.63 -6.16 -4.19
N SER A 97 -20.58 -5.53 -3.53
CA SER A 97 -21.71 -4.94 -4.21
C SER A 97 -22.21 -5.88 -5.31
N SER A 98 -22.96 -6.89 -4.90
CA SER A 98 -23.50 -7.86 -5.84
C SER A 98 -22.36 -8.69 -6.44
N GLY A 99 -22.65 -9.96 -6.66
CA GLY A 99 -21.67 -10.86 -7.24
C GLY A 99 -21.15 -10.33 -8.57
N GLY A 1 26.44 -4.32 8.07
CA GLY A 1 25.37 -3.35 8.27
C GLY A 1 25.34 -2.87 9.72
N SER A 2 24.80 -1.67 9.90
CA SER A 2 24.70 -1.09 11.23
C SER A 2 23.37 -0.35 11.37
N SER A 3 22.46 -0.97 12.13
CA SER A 3 21.16 -0.38 12.35
C SER A 3 20.54 -0.94 13.64
N GLY A 4 19.54 -0.23 14.14
CA GLY A 4 18.87 -0.65 15.36
C GLY A 4 17.46 -1.17 15.06
N SER A 5 16.74 -1.48 16.12
CA SER A 5 15.39 -2.00 15.98
C SER A 5 15.41 -3.34 15.25
N SER A 6 14.70 -4.30 15.80
CA SER A 6 14.63 -5.62 15.22
C SER A 6 13.37 -6.34 15.68
N GLY A 7 12.30 -6.18 14.91
CA GLY A 7 11.04 -6.81 15.23
C GLY A 7 9.95 -6.42 14.23
N MET A 8 8.76 -6.94 14.46
CA MET A 8 7.63 -6.66 13.58
C MET A 8 6.37 -6.34 14.39
N PRO A 9 6.26 -5.06 14.77
CA PRO A 9 5.11 -4.57 15.55
C PRO A 9 3.78 -5.03 14.98
N PRO A 10 2.72 -4.95 15.79
CA PRO A 10 1.37 -5.34 15.39
C PRO A 10 0.98 -4.76 14.04
N LEU A 11 -0.09 -5.29 13.45
CA LEU A 11 -0.56 -4.81 12.16
C LEU A 11 -1.66 -3.76 12.37
N THR A 12 -1.24 -2.51 12.41
CA THR A 12 -2.16 -1.40 12.59
C THR A 12 -1.99 -0.36 11.50
N LEU A 13 -2.92 0.58 11.46
CA LEU A 13 -2.89 1.64 10.47
C LEU A 13 -1.46 2.18 10.35
N GLU A 14 -0.86 2.42 11.52
CA GLU A 14 0.49 2.94 11.57
C GLU A 14 1.42 2.06 10.73
N GLY A 15 1.17 0.77 10.78
CA GLY A 15 1.97 -0.19 10.04
C GLY A 15 1.55 -0.23 8.57
N ILE A 16 0.26 -0.08 8.34
CA ILE A 16 -0.28 -0.10 7.00
C ILE A 16 0.30 1.08 6.21
N GLN A 17 0.20 2.26 6.81
CA GLN A 17 0.71 3.47 6.18
C GLN A 17 2.18 3.29 5.81
N ASP A 18 3.00 3.14 6.84
CA ASP A 18 4.43 2.97 6.63
C ASP A 18 4.66 2.03 5.45
N ARG A 19 3.88 0.96 5.42
CA ARG A 19 3.99 -0.02 4.35
C ARG A 19 3.60 0.62 3.01
N VAL A 20 2.47 1.29 3.02
CA VAL A 20 1.97 1.94 1.81
C VAL A 20 3.11 2.73 1.17
N LEU A 21 3.95 3.30 2.02
CA LEU A 21 5.07 4.08 1.54
C LEU A 21 6.25 3.15 1.26
N TYR A 22 6.53 2.28 2.23
CA TYR A 22 7.62 1.33 2.10
C TYR A 22 7.60 0.66 0.73
N VAL A 23 6.44 0.12 0.38
CA VAL A 23 6.27 -0.54 -0.90
C VAL A 23 6.50 0.46 -2.03
N LEU A 24 5.90 1.63 -1.87
CA LEU A 24 6.02 2.68 -2.86
C LEU A 24 7.50 3.07 -3.00
N LYS A 25 8.22 2.93 -1.91
CA LYS A 25 9.64 3.27 -1.89
C LYS A 25 10.41 2.19 -2.65
N LEU A 26 9.94 0.96 -2.51
CA LEU A 26 10.58 -0.17 -3.18
C LEU A 26 10.61 0.08 -4.68
N TYR A 27 9.61 0.81 -5.15
CA TYR A 27 9.52 1.13 -6.56
C TYR A 27 10.42 2.31 -6.92
N ASP A 28 11.59 1.98 -7.45
CA ASP A 28 12.55 2.99 -7.84
C ASP A 28 11.84 4.08 -8.65
N LYS A 29 10.94 3.64 -9.52
CA LYS A 29 10.19 4.56 -10.34
C LYS A 29 9.57 5.65 -9.46
N ILE A 30 9.14 5.23 -8.28
CA ILE A 30 8.53 6.15 -7.34
C ILE A 30 9.61 6.76 -6.46
N ASP A 31 9.48 8.06 -6.21
CA ASP A 31 10.43 8.77 -5.38
C ASP A 31 9.86 8.93 -3.98
N PRO A 32 10.72 8.69 -2.99
CA PRO A 32 10.35 8.81 -1.56
C PRO A 32 10.11 10.25 -1.14
N GLU A 33 11.04 11.12 -1.50
CA GLU A 33 10.93 12.53 -1.15
C GLU A 33 9.66 13.13 -1.77
N LYS A 34 9.29 12.58 -2.93
CA LYS A 34 8.11 13.06 -3.63
C LYS A 34 6.88 12.29 -3.12
N LEU A 35 7.10 11.01 -2.81
CA LEU A 35 6.03 10.17 -2.32
C LEU A 35 5.45 10.77 -1.04
N SER A 36 4.15 10.60 -0.89
CA SER A 36 3.45 11.12 0.27
C SER A 36 2.03 10.57 0.33
N VAL A 37 1.48 10.56 1.53
CA VAL A 37 0.13 10.07 1.74
C VAL A 37 -0.80 10.72 0.72
N ASN A 38 -0.39 11.88 0.24
CA ASN A 38 -1.17 12.61 -0.75
C ASN A 38 -0.30 12.92 -1.96
N SER A 39 0.20 11.87 -2.58
CA SER A 39 1.05 12.02 -3.75
C SER A 39 0.47 11.23 -4.93
N HIS A 40 -0.32 11.92 -5.73
CA HIS A 40 -0.94 11.30 -6.90
C HIS A 40 0.14 10.67 -7.77
N PHE A 41 0.04 9.37 -7.94
CA PHE A 41 0.99 8.63 -8.76
C PHE A 41 0.81 8.96 -10.24
N MET A 42 -0.30 9.63 -10.53
CA MET A 42 -0.61 10.00 -11.91
C MET A 42 -0.29 11.48 -12.15
N LYS A 43 -0.47 12.27 -11.10
CA LYS A 43 -0.20 13.70 -11.19
C LYS A 43 1.16 14.00 -10.56
N ASP A 44 1.15 14.12 -9.24
CA ASP A 44 2.37 14.40 -8.51
C ASP A 44 3.53 13.63 -9.14
N LEU A 45 3.47 12.31 -9.00
CA LEU A 45 4.51 11.46 -9.54
C LEU A 45 4.54 11.61 -11.06
N GLY A 46 3.39 11.34 -11.68
CA GLY A 46 3.28 11.45 -13.12
C GLY A 46 3.47 10.08 -13.79
N LEU A 47 3.19 9.04 -13.01
CA LEU A 47 3.33 7.68 -13.51
C LEU A 47 2.14 7.36 -14.42
N ASP A 48 2.21 6.19 -15.04
CA ASP A 48 1.15 5.75 -15.93
C ASP A 48 0.33 4.66 -15.25
N SER A 49 -0.91 4.52 -15.71
CA SER A 49 -1.80 3.53 -15.15
C SER A 49 -1.10 2.17 -15.05
N LEU A 50 -0.35 1.85 -16.10
CA LEU A 50 0.38 0.61 -16.15
C LEU A 50 1.21 0.45 -14.87
N ASP A 51 1.63 1.58 -14.33
CA ASP A 51 2.42 1.58 -13.11
C ASP A 51 1.49 1.63 -11.91
N GLN A 52 0.30 2.17 -12.13
CA GLN A 52 -0.69 2.28 -11.07
C GLN A 52 -1.17 0.88 -10.65
N VAL A 53 -1.44 0.06 -11.65
CA VAL A 53 -1.91 -1.29 -11.40
C VAL A 53 -0.87 -2.04 -10.55
N GLU A 54 0.39 -1.81 -10.89
CA GLU A 54 1.48 -2.44 -10.17
C GLU A 54 1.47 -2.02 -8.70
N ILE A 55 1.56 -0.72 -8.49
CA ILE A 55 1.56 -0.17 -7.14
C ILE A 55 0.49 -0.88 -6.30
N ILE A 56 -0.71 -0.91 -6.86
CA ILE A 56 -1.82 -1.56 -6.18
C ILE A 56 -1.45 -3.00 -5.85
N MET A 57 -1.07 -3.74 -6.89
CA MET A 57 -0.68 -5.13 -6.72
C MET A 57 0.39 -5.27 -5.64
N ALA A 58 1.14 -4.20 -5.44
CA ALA A 58 2.19 -4.19 -4.44
C ALA A 58 1.58 -4.29 -3.05
N MET A 59 0.46 -3.58 -2.88
CA MET A 59 -0.23 -3.58 -1.60
C MET A 59 -1.03 -4.87 -1.41
N GLU A 60 -1.43 -5.45 -2.53
CA GLU A 60 -2.20 -6.69 -2.51
C GLU A 60 -1.32 -7.86 -2.08
N ASP A 61 -0.03 -7.72 -2.38
CA ASP A 61 0.93 -8.76 -2.03
C ASP A 61 1.41 -8.55 -0.59
N GLU A 62 1.68 -7.29 -0.28
CA GLU A 62 2.14 -6.94 1.06
C GLU A 62 1.12 -7.37 2.11
N PHE A 63 -0.14 -7.16 1.78
CA PHE A 63 -1.22 -7.54 2.69
C PHE A 63 -1.93 -8.80 2.20
N GLY A 64 -1.44 -9.32 1.09
CA GLY A 64 -2.02 -10.52 0.51
C GLY A 64 -3.53 -10.37 0.33
N PHE A 65 -3.91 -9.23 -0.22
CA PHE A 65 -5.31 -8.95 -0.47
C PHE A 65 -5.66 -9.12 -1.94
N GLU A 66 -6.92 -8.84 -2.26
CA GLU A 66 -7.40 -8.97 -3.63
C GLU A 66 -8.09 -7.68 -4.07
N ILE A 67 -7.29 -6.73 -4.52
CA ILE A 67 -7.82 -5.45 -4.97
C ILE A 67 -7.91 -5.45 -6.50
N PRO A 68 -9.16 -5.58 -6.99
CA PRO A 68 -9.43 -5.60 -8.43
C PRO A 68 -9.21 -4.25 -9.09
N ASP A 69 -8.96 -4.25 -10.38
CA ASP A 69 -8.73 -3.02 -11.11
C ASP A 69 -9.89 -2.05 -10.84
N ILE A 70 -11.07 -2.63 -10.65
CA ILE A 70 -12.26 -1.83 -10.39
C ILE A 70 -12.05 -1.03 -9.10
N ASP A 71 -11.40 -1.68 -8.14
CA ASP A 71 -11.13 -1.05 -6.87
C ASP A 71 -9.77 -0.35 -6.91
N ALA A 72 -9.01 -0.68 -7.96
CA ALA A 72 -7.70 -0.10 -8.14
C ALA A 72 -7.82 1.25 -8.86
N GLU A 73 -8.54 1.22 -9.97
CA GLU A 73 -8.75 2.41 -10.76
C GLU A 73 -9.28 3.55 -9.87
N LYS A 74 -9.96 3.15 -8.81
CA LYS A 74 -10.52 4.11 -7.88
C LYS A 74 -9.42 4.64 -6.96
N LEU A 75 -8.39 3.82 -6.79
CA LEU A 75 -7.27 4.20 -5.95
C LEU A 75 -6.27 5.01 -6.78
N MET A 76 -6.15 6.28 -6.42
CA MET A 76 -5.24 7.18 -7.11
C MET A 76 -4.12 7.66 -6.17
N CYS A 77 -4.41 7.61 -4.89
CA CYS A 77 -3.46 8.04 -3.88
C CYS A 77 -3.22 6.87 -2.93
N PRO A 78 -2.12 6.98 -2.16
CA PRO A 78 -1.73 5.96 -1.18
C PRO A 78 -2.66 5.92 0.02
N GLN A 79 -2.96 7.09 0.56
CA GLN A 79 -3.85 7.17 1.71
C GLN A 79 -5.13 6.36 1.46
N GLU A 80 -5.65 6.49 0.24
CA GLU A 80 -6.85 5.79 -0.13
C GLU A 80 -6.70 4.28 0.14
N ILE A 81 -5.49 3.80 -0.09
CA ILE A 81 -5.19 2.39 0.14
C ILE A 81 -5.23 2.10 1.63
N VAL A 82 -4.59 2.97 2.38
CA VAL A 82 -4.54 2.82 3.83
C VAL A 82 -5.96 2.67 4.38
N ASP A 83 -6.86 3.47 3.80
CA ASP A 83 -8.25 3.43 4.22
C ASP A 83 -8.81 2.03 3.99
N TYR A 84 -8.51 1.48 2.82
CA TYR A 84 -8.98 0.14 2.48
C TYR A 84 -8.47 -0.89 3.49
N ILE A 85 -7.15 -1.04 3.51
CA ILE A 85 -6.52 -1.99 4.42
C ILE A 85 -7.24 -1.95 5.77
N ALA A 86 -7.24 -0.78 6.37
CA ALA A 86 -7.87 -0.61 7.67
C ALA A 86 -9.32 -1.12 7.59
N ASP A 87 -10.09 -0.49 6.72
CA ASP A 87 -11.48 -0.87 6.55
C ASP A 87 -11.58 -2.39 6.43
N LYS A 88 -10.52 -2.97 5.86
CA LYS A 88 -10.48 -4.42 5.69
C LYS A 88 -10.20 -5.08 7.04
N LYS A 89 -9.31 -4.47 7.79
CA LYS A 89 -8.95 -4.99 9.11
C LYS A 89 -8.85 -6.51 9.04
N ASP A 90 -7.70 -6.98 8.59
CA ASP A 90 -7.46 -8.41 8.47
C ASP A 90 -7.90 -9.11 9.76
N VAL A 91 -9.05 -9.75 9.69
CA VAL A 91 -9.59 -10.45 10.84
C VAL A 91 -9.57 -11.96 10.57
N TYR A 92 -8.81 -12.33 9.55
CA TYR A 92 -8.69 -13.73 9.18
C TYR A 92 -9.97 -14.50 9.50
N GLU A 93 -10.91 -14.45 8.56
CA GLU A 93 -12.18 -15.12 8.73
C GLU A 93 -12.73 -15.56 7.37
N SER A 94 -12.38 -16.78 6.99
CA SER A 94 -12.82 -17.33 5.73
C SER A 94 -12.44 -16.39 4.58
N GLY A 95 -12.64 -16.88 3.36
CA GLY A 95 -12.32 -16.09 2.19
C GLY A 95 -11.89 -16.99 1.03
N PRO A 96 -11.28 -16.36 0.01
CA PRO A 96 -10.79 -17.06 -1.18
C PRO A 96 -9.59 -17.94 -0.89
N SER A 97 -9.23 -18.77 -1.85
CA SER A 97 -8.09 -19.66 -1.68
C SER A 97 -6.86 -19.09 -2.40
N SER A 98 -5.70 -19.35 -1.82
CA SER A 98 -4.45 -18.88 -2.39
C SER A 98 -3.93 -19.89 -3.40
N GLY A 99 -4.09 -19.54 -4.68
CA GLY A 99 -3.63 -20.39 -5.76
C GLY A 99 -2.17 -20.79 -5.56
N GLY A 1 19.17 5.51 8.26
CA GLY A 1 18.99 5.78 9.67
C GLY A 1 18.29 4.61 10.38
N SER A 2 18.94 4.14 11.43
CA SER A 2 18.39 3.03 12.20
C SER A 2 17.92 1.92 11.26
N SER A 3 18.79 0.96 11.04
CA SER A 3 18.49 -0.16 10.16
C SER A 3 17.27 -0.92 10.70
N GLY A 4 16.73 -1.78 9.85
CA GLY A 4 15.57 -2.57 10.22
C GLY A 4 15.55 -3.90 9.47
N SER A 5 16.09 -4.92 10.11
CA SER A 5 16.14 -6.25 9.52
C SER A 5 14.72 -6.76 9.28
N SER A 6 13.95 -6.82 10.35
CA SER A 6 12.58 -7.30 10.26
C SER A 6 11.72 -6.58 11.31
N GLY A 7 10.46 -6.38 10.94
CA GLY A 7 9.53 -5.71 11.84
C GLY A 7 9.29 -6.54 13.10
N MET A 8 8.05 -6.51 13.59
CA MET A 8 7.69 -7.23 14.78
C MET A 8 6.35 -6.75 15.34
N PRO A 9 6.28 -5.42 15.56
CA PRO A 9 5.08 -4.77 16.10
C PRO A 9 3.82 -5.21 15.36
N PRO A 10 2.69 -5.24 16.10
CA PRO A 10 1.40 -5.63 15.54
C PRO A 10 1.09 -4.93 14.22
N LEU A 11 -0.04 -5.28 13.61
CA LEU A 11 -0.41 -4.68 12.35
C LEU A 11 -1.51 -3.64 12.61
N THR A 12 -1.15 -2.38 12.40
CA THR A 12 -2.08 -1.29 12.60
C THR A 12 -1.95 -0.27 11.47
N LEU A 13 -2.85 0.72 11.50
CA LEU A 13 -2.85 1.76 10.48
C LEU A 13 -1.44 2.31 10.32
N GLU A 14 -0.77 2.48 11.46
CA GLU A 14 0.59 3.00 11.46
C GLU A 14 1.49 2.11 10.60
N GLY A 15 1.23 0.81 10.66
CA GLY A 15 2.02 -0.14 9.90
C GLY A 15 1.52 -0.22 8.45
N ILE A 16 0.23 -0.02 8.28
CA ILE A 16 -0.37 -0.06 6.97
C ILE A 16 0.21 1.06 6.11
N GLN A 17 0.13 2.27 6.65
CA GLN A 17 0.65 3.44 5.96
C GLN A 17 2.11 3.23 5.56
N ASP A 18 2.95 3.13 6.58
CA ASP A 18 4.38 2.93 6.35
C ASP A 18 4.57 1.93 5.21
N ARG A 19 3.82 0.84 5.29
CA ARG A 19 3.90 -0.20 4.28
C ARG A 19 3.53 0.37 2.90
N VAL A 20 2.41 1.08 2.88
CA VAL A 20 1.93 1.69 1.65
C VAL A 20 3.06 2.49 1.01
N LEU A 21 3.64 3.37 1.81
CA LEU A 21 4.73 4.22 1.35
C LEU A 21 5.94 3.34 1.02
N TYR A 22 6.21 2.42 1.92
CA TYR A 22 7.34 1.51 1.74
C TYR A 22 7.27 0.80 0.39
N VAL A 23 6.17 0.07 0.21
CA VAL A 23 5.95 -0.66 -1.03
C VAL A 23 6.15 0.29 -2.22
N LEU A 24 5.71 1.53 -2.03
CA LEU A 24 5.83 2.53 -3.07
C LEU A 24 7.31 2.90 -3.25
N LYS A 25 7.97 3.11 -2.12
CA LYS A 25 9.38 3.46 -2.16
C LYS A 25 10.19 2.31 -2.77
N LEU A 26 9.69 1.10 -2.54
CA LEU A 26 10.34 -0.09 -3.06
C LEU A 26 10.28 -0.07 -4.59
N TYR A 27 9.41 0.78 -5.10
CA TYR A 27 9.23 0.90 -6.54
C TYR A 27 10.42 1.64 -7.18
N ASP A 28 11.22 2.25 -6.32
CA ASP A 28 12.39 2.99 -6.78
C ASP A 28 11.93 4.21 -7.56
N LYS A 29 11.35 3.95 -8.73
CA LYS A 29 10.87 5.01 -9.58
C LYS A 29 10.09 6.03 -8.73
N ILE A 30 9.45 5.51 -7.70
CA ILE A 30 8.66 6.35 -6.81
C ILE A 30 9.59 6.97 -5.75
N ASP A 31 9.90 8.23 -5.95
CA ASP A 31 10.77 8.94 -5.03
C ASP A 31 10.04 9.16 -3.71
N PRO A 32 10.76 8.90 -2.61
CA PRO A 32 10.22 9.05 -1.25
C PRO A 32 9.99 10.51 -0.88
N GLU A 33 10.98 11.34 -1.15
CA GLU A 33 10.87 12.77 -0.84
C GLU A 33 9.65 13.37 -1.54
N LYS A 34 9.40 12.90 -2.76
CA LYS A 34 8.27 13.39 -3.52
C LYS A 34 7.00 12.66 -3.06
N LEU A 35 7.14 11.37 -2.82
CA LEU A 35 6.02 10.56 -2.38
C LEU A 35 5.40 11.20 -1.14
N SER A 36 4.11 10.93 -0.96
CA SER A 36 3.40 11.46 0.18
C SER A 36 1.94 10.97 0.16
N VAL A 37 1.43 10.71 1.35
CA VAL A 37 0.06 10.23 1.49
C VAL A 37 -0.83 10.99 0.50
N ASN A 38 -0.80 12.31 0.60
CA ASN A 38 -1.60 13.15 -0.27
C ASN A 38 -0.82 13.42 -1.57
N SER A 39 -0.24 12.36 -2.10
CA SER A 39 0.53 12.46 -3.33
C SER A 39 -0.10 11.60 -4.42
N HIS A 40 -0.24 12.20 -5.60
CA HIS A 40 -0.81 11.49 -6.73
C HIS A 40 0.26 10.69 -7.45
N PHE A 41 -0.18 9.66 -8.17
CA PHE A 41 0.73 8.82 -8.90
C PHE A 41 0.95 9.33 -10.33
N MET A 42 0.48 10.56 -10.55
CA MET A 42 0.61 11.18 -11.85
C MET A 42 0.70 12.71 -11.73
N LYS A 43 -0.21 13.25 -10.92
CA LYS A 43 -0.24 14.69 -10.70
C LYS A 43 1.16 15.18 -10.37
N ASP A 44 1.76 14.54 -9.38
CA ASP A 44 3.10 14.91 -8.95
C ASP A 44 4.09 13.79 -9.34
N LEU A 45 3.88 12.64 -8.72
CA LEU A 45 4.73 11.49 -8.98
C LEU A 45 5.05 11.42 -10.46
N GLY A 46 4.02 11.14 -11.25
CA GLY A 46 4.18 11.04 -12.69
C GLY A 46 4.47 9.61 -13.12
N LEU A 47 3.50 8.74 -12.86
CA LEU A 47 3.64 7.33 -13.21
C LEU A 47 2.56 6.96 -14.22
N ASP A 48 2.84 5.90 -14.97
CA ASP A 48 1.91 5.42 -15.97
C ASP A 48 0.94 4.41 -15.34
N SER A 49 -0.16 4.17 -16.03
CA SER A 49 -1.16 3.24 -15.55
C SER A 49 -0.51 1.89 -15.23
N LEU A 50 0.28 1.42 -16.18
CA LEU A 50 0.96 0.14 -16.01
C LEU A 50 1.70 0.14 -14.67
N ASP A 51 1.98 1.34 -14.18
CA ASP A 51 2.68 1.48 -12.92
C ASP A 51 1.66 1.53 -11.78
N GLN A 52 0.48 2.02 -12.10
CA GLN A 52 -0.59 2.12 -11.11
C GLN A 52 -1.20 0.73 -10.85
N VAL A 53 -1.31 -0.04 -11.93
CA VAL A 53 -1.88 -1.38 -11.83
C VAL A 53 -0.96 -2.25 -10.97
N GLU A 54 0.32 -2.22 -11.31
CA GLU A 54 1.30 -3.00 -10.58
C GLU A 54 1.35 -2.56 -9.12
N ILE A 55 1.24 -1.27 -8.92
CA ILE A 55 1.27 -0.71 -7.58
C ILE A 55 0.15 -1.34 -6.74
N ILE A 56 -1.08 -1.09 -7.17
CA ILE A 56 -2.24 -1.63 -6.48
C ILE A 56 -1.95 -3.07 -6.05
N MET A 57 -1.47 -3.85 -7.01
CA MET A 57 -1.16 -5.24 -6.75
C MET A 57 -0.14 -5.37 -5.60
N ALA A 58 0.86 -4.51 -5.65
CA ALA A 58 1.90 -4.51 -4.63
C ALA A 58 1.24 -4.54 -3.25
N MET A 59 0.16 -3.79 -3.12
CA MET A 59 -0.56 -3.73 -1.86
C MET A 59 -1.38 -4.99 -1.64
N GLU A 60 -1.90 -5.53 -2.73
CA GLU A 60 -2.71 -6.74 -2.67
C GLU A 60 -1.86 -7.91 -2.19
N ASP A 61 -0.56 -7.80 -2.42
CA ASP A 61 0.36 -8.85 -2.01
C ASP A 61 0.90 -8.52 -0.61
N GLU A 62 1.36 -7.30 -0.46
CA GLU A 62 1.91 -6.86 0.81
C GLU A 62 0.86 -7.02 1.92
N PHE A 63 -0.39 -6.98 1.52
CA PHE A 63 -1.49 -7.12 2.46
C PHE A 63 -2.25 -8.43 2.22
N GLY A 64 -2.09 -8.96 1.02
CA GLY A 64 -2.75 -10.20 0.67
C GLY A 64 -4.26 -10.00 0.50
N PHE A 65 -4.61 -9.28 -0.55
CA PHE A 65 -6.01 -9.00 -0.84
C PHE A 65 -6.30 -9.13 -2.33
N GLU A 66 -7.58 -8.99 -2.67
CA GLU A 66 -8.01 -9.08 -4.06
C GLU A 66 -8.75 -7.81 -4.47
N ILE A 67 -7.97 -6.83 -4.92
CA ILE A 67 -8.55 -5.57 -5.36
C ILE A 67 -8.79 -5.62 -6.86
N PRO A 68 -10.07 -5.59 -7.24
CA PRO A 68 -10.49 -5.64 -8.64
C PRO A 68 -10.15 -4.34 -9.39
N ASP A 69 -10.11 -4.42 -10.71
CA ASP A 69 -9.80 -3.25 -11.51
C ASP A 69 -10.82 -2.15 -11.22
N ILE A 70 -12.01 -2.58 -10.80
CA ILE A 70 -13.07 -1.65 -10.48
C ILE A 70 -12.69 -0.83 -9.25
N ASP A 71 -11.83 -1.43 -8.43
CA ASP A 71 -11.37 -0.77 -7.22
C ASP A 71 -9.98 -0.18 -7.45
N ALA A 72 -9.10 -1.02 -7.97
CA ALA A 72 -7.73 -0.59 -8.25
C ALA A 72 -7.77 0.72 -9.03
N GLU A 73 -8.81 0.87 -9.83
CA GLU A 73 -8.98 2.07 -10.64
C GLU A 73 -9.39 3.25 -9.75
N LYS A 74 -10.23 2.95 -8.78
CA LYS A 74 -10.71 3.98 -7.86
C LYS A 74 -9.56 4.41 -6.96
N LEU A 75 -8.52 3.59 -6.93
CA LEU A 75 -7.35 3.89 -6.11
C LEU A 75 -6.33 4.67 -6.94
N MET A 76 -6.18 5.93 -6.59
CA MET A 76 -5.25 6.81 -7.28
C MET A 76 -4.32 7.52 -6.30
N CYS A 77 -4.23 6.96 -5.11
CA CYS A 77 -3.39 7.53 -4.07
C CYS A 77 -3.10 6.44 -3.04
N PRO A 78 -2.04 6.67 -2.25
CA PRO A 78 -1.61 5.75 -1.20
C PRO A 78 -2.58 5.70 -0.03
N GLN A 79 -2.95 6.89 0.47
CA GLN A 79 -3.88 6.97 1.58
C GLN A 79 -5.16 6.20 1.26
N GLU A 80 -5.65 6.40 0.05
CA GLU A 80 -6.86 5.72 -0.39
C GLU A 80 -6.77 4.22 -0.12
N ILE A 81 -5.59 3.68 -0.40
CA ILE A 81 -5.36 2.25 -0.20
C ILE A 81 -5.41 1.95 1.30
N VAL A 82 -4.64 2.71 2.05
CA VAL A 82 -4.59 2.54 3.50
C VAL A 82 -6.01 2.31 4.03
N ASP A 83 -6.93 3.14 3.55
CA ASP A 83 -8.30 3.05 3.97
C ASP A 83 -8.84 1.65 3.68
N TYR A 84 -8.49 1.15 2.50
CA TYR A 84 -8.91 -0.18 2.09
C TYR A 84 -8.33 -1.25 3.02
N ILE A 85 -7.16 -0.93 3.56
CA ILE A 85 -6.48 -1.86 4.46
C ILE A 85 -7.05 -1.70 5.87
N ALA A 86 -6.86 -0.50 6.41
CA ALA A 86 -7.34 -0.21 7.75
C ALA A 86 -8.71 -0.84 7.94
N ASP A 87 -9.54 -0.72 6.92
CA ASP A 87 -10.88 -1.28 6.97
C ASP A 87 -10.79 -2.80 7.07
N LYS A 88 -10.00 -3.38 6.19
CA LYS A 88 -9.82 -4.83 6.17
C LYS A 88 -9.46 -5.30 7.58
N LYS A 89 -8.68 -4.48 8.27
CA LYS A 89 -8.26 -4.79 9.62
C LYS A 89 -7.91 -6.28 9.70
N ASP A 90 -6.69 -6.60 9.27
CA ASP A 90 -6.22 -7.97 9.29
C ASP A 90 -6.37 -8.54 10.70
N VAL A 91 -6.85 -9.78 10.75
CA VAL A 91 -7.04 -10.44 12.03
C VAL A 91 -5.91 -11.45 12.25
N TYR A 92 -4.72 -11.06 11.81
CA TYR A 92 -3.56 -11.92 11.96
C TYR A 92 -2.84 -11.65 13.27
N GLU A 93 -3.63 -11.42 14.31
CA GLU A 93 -3.08 -11.15 15.63
C GLU A 93 -3.78 -12.00 16.69
N SER A 94 -5.10 -11.90 16.69
CA SER A 94 -5.90 -12.65 17.65
C SER A 94 -5.69 -14.15 17.43
N GLY A 95 -5.00 -14.77 18.39
CA GLY A 95 -4.73 -16.19 18.31
C GLY A 95 -3.45 -16.54 19.09
N PRO A 96 -2.33 -16.61 18.35
CA PRO A 96 -1.02 -16.94 18.93
C PRO A 96 -0.49 -15.82 19.81
N SER A 97 -0.52 -14.60 19.29
CA SER A 97 -0.04 -13.45 20.05
C SER A 97 -1.20 -12.58 20.49
N SER A 98 -1.22 -12.26 21.77
CA SER A 98 -2.27 -11.43 22.34
C SER A 98 -3.62 -12.13 22.19
N GLY A 99 -4.46 -11.97 23.21
CA GLY A 99 -5.77 -12.59 23.20
C GLY A 99 -6.80 -11.64 22.57
N GLY A 1 15.62 10.96 1.72
CA GLY A 1 16.31 9.76 1.27
C GLY A 1 16.38 8.72 2.39
N SER A 2 17.49 7.99 2.40
CA SER A 2 17.69 6.97 3.41
C SER A 2 16.62 5.89 3.28
N SER A 3 17.02 4.67 3.60
CA SER A 3 16.09 3.54 3.53
C SER A 3 16.26 2.64 4.75
N GLY A 4 15.42 2.88 5.75
CA GLY A 4 15.47 2.10 6.97
C GLY A 4 14.09 1.54 7.33
N SER A 5 14.10 0.32 7.83
CA SER A 5 12.86 -0.33 8.21
C SER A 5 13.13 -1.38 9.30
N SER A 6 12.08 -1.74 10.02
CA SER A 6 12.18 -2.72 11.07
C SER A 6 11.00 -3.70 11.01
N GLY A 7 9.81 -3.15 11.21
CA GLY A 7 8.61 -3.96 11.17
C GLY A 7 8.60 -4.97 12.33
N MET A 8 7.41 -5.18 12.87
CA MET A 8 7.23 -6.11 13.97
C MET A 8 5.89 -5.91 14.66
N PRO A 9 5.64 -4.66 15.07
CA PRO A 9 4.40 -4.28 15.76
C PRO A 9 3.17 -4.81 15.04
N PRO A 10 2.04 -4.85 15.76
CA PRO A 10 0.76 -5.32 15.21
C PRO A 10 0.45 -4.70 13.85
N LEU A 11 -0.52 -5.29 13.15
CA LEU A 11 -0.91 -4.78 11.85
C LEU A 11 -2.03 -3.74 12.02
N THR A 12 -1.62 -2.48 12.00
CA THR A 12 -2.58 -1.38 12.14
C THR A 12 -2.29 -0.29 11.12
N LEU A 13 -3.18 0.68 11.09
CA LEU A 13 -3.04 1.79 10.15
C LEU A 13 -1.58 2.24 10.12
N GLU A 14 -1.07 2.60 11.29
CA GLU A 14 0.31 3.04 11.41
C GLU A 14 1.21 2.20 10.49
N GLY A 15 1.20 0.90 10.73
CA GLY A 15 2.00 -0.02 9.94
C GLY A 15 1.56 -0.01 8.48
N ILE A 16 0.26 -0.09 8.29
CA ILE A 16 -0.30 -0.10 6.94
C ILE A 16 0.26 1.09 6.16
N GLN A 17 0.09 2.27 6.72
CA GLN A 17 0.57 3.49 6.09
C GLN A 17 2.04 3.34 5.72
N ASP A 18 2.88 3.28 6.75
CA ASP A 18 4.31 3.14 6.55
C ASP A 18 4.57 2.18 5.39
N ARG A 19 3.84 1.07 5.42
CA ARG A 19 3.99 0.05 4.38
C ARG A 19 3.58 0.63 3.02
N VAL A 20 2.43 1.29 3.01
CA VAL A 20 1.92 1.89 1.80
C VAL A 20 3.02 2.72 1.14
N LEU A 21 3.90 3.25 1.98
CA LEU A 21 5.01 4.07 1.51
C LEU A 21 6.22 3.18 1.27
N TYR A 22 6.42 2.25 2.19
CA TYR A 22 7.55 1.32 2.09
C TYR A 22 7.55 0.61 0.74
N VAL A 23 6.38 0.10 0.37
CA VAL A 23 6.24 -0.61 -0.90
C VAL A 23 6.42 0.38 -2.05
N LEU A 24 5.78 1.53 -1.90
CA LEU A 24 5.85 2.56 -2.92
C LEU A 24 7.30 3.04 -3.05
N LYS A 25 8.04 2.89 -1.95
CA LYS A 25 9.43 3.31 -1.93
C LYS A 25 10.28 2.25 -2.63
N LEU A 26 10.02 1.00 -2.29
CA LEU A 26 10.75 -0.10 -2.87
C LEU A 26 10.77 0.03 -4.40
N TYR A 27 9.75 0.72 -4.90
CA TYR A 27 9.62 0.94 -6.34
C TYR A 27 10.47 2.13 -6.78
N ASP A 28 11.60 1.81 -7.39
CA ASP A 28 12.51 2.83 -7.87
C ASP A 28 11.75 3.83 -8.74
N LYS A 29 10.79 3.29 -9.49
CA LYS A 29 9.98 4.11 -10.38
C LYS A 29 9.34 5.24 -9.57
N ILE A 30 9.03 4.93 -8.31
CA ILE A 30 8.41 5.89 -7.43
C ILE A 30 9.48 6.50 -6.52
N ASP A 31 9.44 7.81 -6.37
CA ASP A 31 10.39 8.51 -5.53
C ASP A 31 9.77 8.76 -4.15
N PRO A 32 10.61 8.60 -3.12
CA PRO A 32 10.19 8.80 -1.73
C PRO A 32 9.90 10.26 -1.41
N GLU A 33 10.80 11.14 -1.82
CA GLU A 33 10.63 12.56 -1.57
C GLU A 33 9.28 13.04 -2.13
N LYS A 34 8.99 12.59 -3.35
CA LYS A 34 7.76 12.97 -4.01
C LYS A 34 6.59 12.20 -3.37
N LEU A 35 6.85 10.93 -3.07
CA LEU A 35 5.84 10.09 -2.45
C LEU A 35 5.30 10.77 -1.20
N SER A 36 4.00 10.65 -1.01
CA SER A 36 3.35 11.25 0.14
C SER A 36 1.95 10.66 0.32
N VAL A 37 1.54 10.55 1.57
CA VAL A 37 0.23 10.00 1.89
C VAL A 37 -0.82 10.69 1.02
N ASN A 38 -0.66 12.00 0.86
CA ASN A 38 -1.59 12.78 0.06
C ASN A 38 -0.89 13.19 -1.24
N SER A 39 -0.37 12.20 -1.93
CA SER A 39 0.32 12.44 -3.20
C SER A 39 -0.44 11.76 -4.34
N HIS A 40 -0.14 12.20 -5.56
CA HIS A 40 -0.78 11.65 -6.73
C HIS A 40 0.24 10.84 -7.54
N PHE A 41 -0.27 9.80 -8.18
CA PHE A 41 0.59 8.94 -8.98
C PHE A 41 0.72 9.47 -10.41
N MET A 42 0.22 10.69 -10.60
CA MET A 42 0.28 11.33 -11.91
C MET A 42 0.58 12.82 -11.77
N LYS A 43 -0.39 13.55 -11.23
CA LYS A 43 -0.24 14.97 -11.04
C LYS A 43 1.18 15.28 -10.57
N ASP A 44 1.47 14.87 -9.34
CA ASP A 44 2.78 15.09 -8.77
C ASP A 44 3.76 14.03 -9.30
N LEU A 45 3.63 12.84 -8.75
CA LEU A 45 4.48 11.74 -9.15
C LEU A 45 4.67 11.77 -10.67
N GLY A 46 3.63 11.35 -11.37
CA GLY A 46 3.67 11.34 -12.83
C GLY A 46 3.97 9.93 -13.35
N LEU A 47 3.21 8.97 -12.85
CA LEU A 47 3.40 7.58 -13.25
C LEU A 47 2.37 7.24 -14.34
N ASP A 48 2.34 5.96 -14.69
CA ASP A 48 1.42 5.50 -15.72
C ASP A 48 0.52 4.41 -15.13
N SER A 49 -0.62 4.20 -15.77
CA SER A 49 -1.56 3.19 -15.32
C SER A 49 -0.86 1.84 -15.17
N LEU A 50 -0.03 1.54 -16.16
CA LEU A 50 0.71 0.28 -16.14
C LEU A 50 1.40 0.12 -14.79
N ASP A 51 1.75 1.25 -14.20
CA ASP A 51 2.42 1.24 -12.91
C ASP A 51 1.37 1.18 -11.80
N GLN A 52 0.19 1.69 -12.11
CA GLN A 52 -0.91 1.70 -11.16
C GLN A 52 -1.29 0.27 -10.78
N VAL A 53 -1.26 -0.60 -11.78
CA VAL A 53 -1.60 -2.00 -11.57
C VAL A 53 -0.54 -2.65 -10.68
N GLU A 54 0.69 -2.17 -10.83
CA GLU A 54 1.79 -2.70 -10.04
C GLU A 54 1.68 -2.25 -8.59
N ILE A 55 1.55 -0.94 -8.41
CA ILE A 55 1.43 -0.37 -7.08
C ILE A 55 0.39 -1.16 -6.29
N ILE A 56 -0.83 -1.14 -6.81
CA ILE A 56 -1.93 -1.84 -6.16
C ILE A 56 -1.48 -3.25 -5.79
N MET A 57 -1.16 -4.03 -6.81
CA MET A 57 -0.70 -5.40 -6.61
C MET A 57 0.33 -5.47 -5.48
N ALA A 58 1.18 -4.45 -5.45
CA ALA A 58 2.22 -4.39 -4.44
C ALA A 58 1.59 -4.51 -3.05
N MET A 59 0.48 -3.79 -2.87
CA MET A 59 -0.23 -3.81 -1.60
C MET A 59 -0.89 -5.16 -1.37
N GLU A 60 -1.59 -5.63 -2.40
CA GLU A 60 -2.28 -6.90 -2.32
C GLU A 60 -1.32 -8.01 -1.89
N ASP A 61 -0.05 -7.79 -2.18
CA ASP A 61 0.99 -8.75 -1.83
C ASP A 61 1.61 -8.35 -0.49
N GLU A 62 1.64 -7.05 -0.25
CA GLU A 62 2.21 -6.52 0.99
C GLU A 62 1.26 -6.79 2.16
N PHE A 63 -0.02 -6.86 1.83
CA PHE A 63 -1.04 -7.10 2.85
C PHE A 63 -1.67 -8.47 2.66
N GLY A 64 -1.70 -8.91 1.42
CA GLY A 64 -2.27 -10.21 1.09
C GLY A 64 -3.78 -10.09 0.81
N PHE A 65 -4.10 -9.22 -0.13
CA PHE A 65 -5.49 -9.00 -0.49
C PHE A 65 -5.69 -9.15 -2.01
N GLU A 66 -6.89 -8.78 -2.45
CA GLU A 66 -7.22 -8.87 -3.86
C GLU A 66 -8.06 -7.67 -4.29
N ILE A 67 -7.37 -6.63 -4.74
CA ILE A 67 -8.04 -5.42 -5.18
C ILE A 67 -8.32 -5.51 -6.68
N PRO A 68 -9.61 -5.42 -7.02
CA PRO A 68 -10.07 -5.49 -8.41
C PRO A 68 -9.67 -4.25 -9.21
N ASP A 69 -9.92 -4.29 -10.51
CA ASP A 69 -9.59 -3.16 -11.36
C ASP A 69 -10.57 -2.01 -11.10
N ILE A 70 -11.75 -2.39 -10.61
CA ILE A 70 -12.77 -1.41 -10.32
C ILE A 70 -12.34 -0.56 -9.12
N ASP A 71 -11.46 -1.14 -8.31
CA ASP A 71 -10.96 -0.45 -7.13
C ASP A 71 -9.60 0.18 -7.45
N ALA A 72 -8.75 -0.63 -8.10
CA ALA A 72 -7.43 -0.17 -8.46
C ALA A 72 -7.54 1.14 -9.25
N GLU A 73 -8.67 1.28 -9.95
CA GLU A 73 -8.91 2.47 -10.74
C GLU A 73 -9.31 3.64 -9.83
N LYS A 74 -10.04 3.30 -8.78
CA LYS A 74 -10.48 4.32 -7.84
C LYS A 74 -9.33 4.67 -6.89
N LEU A 75 -8.29 3.85 -6.94
CA LEU A 75 -7.13 4.07 -6.10
C LEU A 75 -6.08 4.85 -6.88
N MET A 76 -5.90 6.11 -6.47
CA MET A 76 -4.93 6.97 -7.13
C MET A 76 -4.01 7.63 -6.11
N CYS A 77 -4.04 7.10 -4.89
CA CYS A 77 -3.22 7.63 -3.82
C CYS A 77 -3.01 6.52 -2.78
N PRO A 78 -1.94 6.69 -1.98
CA PRO A 78 -1.58 5.72 -0.94
C PRO A 78 -2.57 5.73 0.22
N GLN A 79 -3.04 6.91 0.58
CA GLN A 79 -3.99 7.03 1.66
C GLN A 79 -5.30 6.32 1.32
N GLU A 80 -5.63 6.34 0.04
CA GLU A 80 -6.85 5.70 -0.43
C GLU A 80 -6.77 4.18 -0.19
N ILE A 81 -5.54 3.68 -0.18
CA ILE A 81 -5.32 2.26 0.03
C ILE A 81 -5.39 1.96 1.53
N VAL A 82 -4.65 2.76 2.29
CA VAL A 82 -4.63 2.58 3.74
C VAL A 82 -6.06 2.37 4.25
N ASP A 83 -6.98 3.14 3.68
CA ASP A 83 -8.37 3.05 4.07
C ASP A 83 -8.88 1.64 3.78
N TYR A 84 -8.51 1.13 2.62
CA TYR A 84 -8.92 -0.20 2.21
C TYR A 84 -8.34 -1.26 3.15
N ILE A 85 -7.11 -1.02 3.59
CA ILE A 85 -6.44 -1.94 4.48
C ILE A 85 -7.05 -1.82 5.88
N ALA A 86 -7.04 -0.60 6.39
CA ALA A 86 -7.60 -0.34 7.71
C ALA A 86 -8.98 -0.97 7.82
N ASP A 87 -9.68 -0.96 6.69
CA ASP A 87 -11.03 -1.52 6.64
C ASP A 87 -10.96 -3.02 6.93
N LYS A 88 -9.92 -3.65 6.40
CA LYS A 88 -9.72 -5.08 6.60
C LYS A 88 -9.29 -5.33 8.03
N LYS A 89 -8.64 -4.33 8.62
CA LYS A 89 -8.17 -4.44 9.98
C LYS A 89 -7.91 -5.91 10.32
N ASP A 90 -7.21 -6.59 9.42
CA ASP A 90 -6.91 -7.99 9.60
C ASP A 90 -8.20 -8.81 9.56
N VAL A 91 -8.48 -9.36 8.39
CA VAL A 91 -9.69 -10.15 8.21
C VAL A 91 -9.29 -11.63 8.05
N TYR A 92 -8.29 -12.03 8.83
CA TYR A 92 -7.81 -13.40 8.77
C TYR A 92 -8.69 -14.32 9.63
N GLU A 93 -9.99 -14.18 9.46
CA GLU A 93 -10.93 -14.99 10.22
C GLU A 93 -12.14 -15.34 9.34
N SER A 94 -12.13 -16.57 8.85
CA SER A 94 -13.22 -17.04 8.01
C SER A 94 -13.51 -18.51 8.31
N GLY A 95 -14.51 -18.72 9.15
CA GLY A 95 -14.90 -20.07 9.53
C GLY A 95 -16.39 -20.30 9.27
N PRO A 96 -16.90 -21.38 9.87
CA PRO A 96 -18.31 -21.76 9.75
C PRO A 96 -19.25 -20.79 10.48
N SER A 97 -19.42 -19.61 9.91
CA SER A 97 -20.28 -18.60 10.51
C SER A 97 -21.73 -18.84 10.08
N SER A 98 -22.60 -18.89 11.08
CA SER A 98 -24.02 -19.10 10.82
C SER A 98 -24.20 -20.30 9.89
N GLY A 99 -24.19 -21.49 10.48
CA GLY A 99 -24.35 -22.70 9.71
C GLY A 99 -23.97 -23.93 10.55
N GLY A 1 22.47 5.46 1.90
CA GLY A 1 21.19 5.34 2.57
C GLY A 1 21.30 4.45 3.81
N SER A 2 20.20 3.79 4.12
CA SER A 2 20.17 2.90 5.27
C SER A 2 18.81 2.18 5.33
N SER A 3 18.77 1.13 6.14
CA SER A 3 17.56 0.35 6.30
C SER A 3 17.40 -0.09 7.76
N GLY A 4 16.15 -0.28 8.15
CA GLY A 4 15.85 -0.70 9.50
C GLY A 4 14.38 -0.48 9.85
N SER A 5 14.15 0.00 11.06
CA SER A 5 12.79 0.26 11.52
C SER A 5 12.02 -1.05 11.60
N SER A 6 11.68 -1.43 12.83
CA SER A 6 10.93 -2.65 13.06
C SER A 6 10.06 -2.50 14.31
N GLY A 7 9.11 -3.41 14.44
CA GLY A 7 8.21 -3.39 15.58
C GLY A 7 7.99 -4.80 16.13
N MET A 8 6.75 -5.26 16.04
CA MET A 8 6.39 -6.58 16.52
C MET A 8 4.88 -6.75 16.62
N PRO A 9 4.26 -5.81 17.35
CA PRO A 9 2.81 -5.79 17.56
C PRO A 9 2.03 -5.98 16.26
N PRO A 10 0.72 -6.24 16.38
CA PRO A 10 -0.16 -6.44 15.22
C PRO A 10 0.04 -5.37 14.15
N LEU A 11 -0.72 -5.48 13.07
CA LEU A 11 -0.62 -4.53 11.98
C LEU A 11 -1.79 -3.54 12.07
N THR A 12 -1.45 -2.27 12.21
CA THR A 12 -2.45 -1.23 12.31
C THR A 12 -2.22 -0.17 11.22
N LEU A 13 -3.14 0.78 11.18
CA LEU A 13 -3.05 1.86 10.21
C LEU A 13 -1.61 2.37 10.14
N GLU A 14 -1.14 2.85 11.28
CA GLU A 14 0.21 3.37 11.37
C GLU A 14 1.19 2.45 10.62
N GLY A 15 0.99 1.16 10.81
CA GLY A 15 1.83 0.18 10.15
C GLY A 15 1.52 0.08 8.66
N ILE A 16 0.22 0.05 8.37
CA ILE A 16 -0.23 -0.04 6.99
C ILE A 16 0.34 1.13 6.19
N GLN A 17 0.09 2.32 6.70
CA GLN A 17 0.58 3.53 6.05
C GLN A 17 2.07 3.42 5.77
N ASP A 18 2.85 3.37 6.85
CA ASP A 18 4.29 3.26 6.72
C ASP A 18 4.63 2.28 5.59
N ARG A 19 3.91 1.17 5.58
CA ARG A 19 4.13 0.15 4.57
C ARG A 19 3.74 0.68 3.19
N VAL A 20 2.57 1.30 3.14
CA VAL A 20 2.08 1.86 1.88
C VAL A 20 3.19 2.68 1.23
N LEU A 21 3.93 3.39 2.06
CA LEU A 21 5.02 4.22 1.58
C LEU A 21 6.23 3.34 1.28
N TYR A 22 6.54 2.47 2.24
CA TYR A 22 7.66 1.56 2.09
C TYR A 22 7.61 0.82 0.74
N VAL A 23 6.49 0.15 0.53
CA VAL A 23 6.29 -0.59 -0.71
C VAL A 23 6.43 0.35 -1.90
N LEU A 24 5.71 1.47 -1.81
CA LEU A 24 5.74 2.46 -2.88
C LEU A 24 7.19 2.91 -3.11
N LYS A 25 7.91 3.08 -2.01
CA LYS A 25 9.30 3.50 -2.07
C LYS A 25 10.11 2.45 -2.83
N LEU A 26 9.96 1.21 -2.39
CA LEU A 26 10.68 0.11 -3.02
C LEU A 26 10.63 0.27 -4.53
N TYR A 27 9.49 0.74 -5.01
CA TYR A 27 9.30 0.94 -6.44
C TYR A 27 10.07 2.18 -6.92
N ASP A 28 11.23 1.91 -7.50
CA ASP A 28 12.08 2.99 -8.01
C ASP A 28 11.22 3.97 -8.81
N LYS A 29 10.29 3.41 -9.57
CA LYS A 29 9.41 4.22 -10.39
C LYS A 29 8.79 5.32 -9.51
N ILE A 30 8.48 4.94 -8.28
CA ILE A 30 7.88 5.88 -7.34
C ILE A 30 8.98 6.51 -6.48
N ASP A 31 9.25 7.78 -6.76
CA ASP A 31 10.27 8.50 -6.02
C ASP A 31 9.75 8.81 -4.62
N PRO A 32 10.66 8.69 -3.64
CA PRO A 32 10.35 8.94 -2.23
C PRO A 32 10.12 10.42 -1.95
N GLU A 33 10.99 11.27 -2.50
CA GLU A 33 10.87 12.70 -2.30
C GLU A 33 9.44 13.16 -2.60
N LYS A 34 8.79 12.42 -3.49
CA LYS A 34 7.42 12.74 -3.87
C LYS A 34 6.46 11.88 -3.06
N LEU A 35 6.80 10.60 -2.96
CA LEU A 35 5.97 9.66 -2.21
C LEU A 35 5.47 10.33 -0.93
N SER A 36 4.15 10.47 -0.85
CA SER A 36 3.53 11.09 0.31
C SER A 36 2.08 10.62 0.44
N VAL A 37 1.62 10.54 1.68
CA VAL A 37 0.26 10.12 1.95
C VAL A 37 -0.68 10.78 0.95
N ASN A 38 -0.44 12.06 0.72
CA ASN A 38 -1.27 12.82 -0.21
C ASN A 38 -0.46 13.10 -1.48
N SER A 39 0.14 12.05 -2.00
CA SER A 39 0.94 12.18 -3.21
C SER A 39 0.22 11.50 -4.38
N HIS A 40 -0.16 12.32 -5.35
CA HIS A 40 -0.86 11.82 -6.53
C HIS A 40 0.13 11.07 -7.42
N PHE A 41 -0.33 9.94 -7.93
CA PHE A 41 0.49 9.12 -8.80
C PHE A 41 0.36 9.58 -10.26
N MET A 42 -0.17 10.77 -10.43
CA MET A 42 -0.36 11.32 -11.76
C MET A 42 -0.01 12.81 -11.78
N LYS A 43 -0.51 13.52 -10.78
CA LYS A 43 -0.26 14.95 -10.68
C LYS A 43 1.18 15.17 -10.19
N ASP A 44 1.39 14.85 -8.93
CA ASP A 44 2.70 15.02 -8.33
C ASP A 44 3.68 14.04 -8.97
N LEU A 45 3.76 12.86 -8.38
CA LEU A 45 4.65 11.82 -8.89
C LEU A 45 4.63 11.85 -10.42
N GLY A 46 3.46 11.52 -10.96
CA GLY A 46 3.30 11.49 -12.40
C GLY A 46 3.61 10.10 -12.97
N LEU A 47 2.80 9.14 -12.57
CA LEU A 47 2.98 7.77 -13.03
C LEU A 47 1.90 7.44 -14.06
N ASP A 48 1.97 6.22 -14.57
CA ASP A 48 1.00 5.77 -15.55
C ASP A 48 0.09 4.70 -14.93
N SER A 49 -0.87 4.26 -15.71
CA SER A 49 -1.81 3.25 -15.25
C SER A 49 -1.09 1.92 -15.02
N LEU A 50 -0.27 1.56 -15.99
CA LEU A 50 0.50 0.33 -15.92
C LEU A 50 1.25 0.28 -14.59
N ASP A 51 1.54 1.46 -14.07
CA ASP A 51 2.26 1.58 -12.81
C ASP A 51 1.27 1.43 -11.65
N GLN A 52 0.02 1.75 -11.94
CA GLN A 52 -1.02 1.65 -10.93
C GLN A 52 -1.40 0.19 -10.68
N VAL A 53 -1.41 -0.58 -11.77
CA VAL A 53 -1.74 -1.99 -11.68
C VAL A 53 -0.67 -2.71 -10.86
N GLU A 54 0.54 -2.19 -10.93
CA GLU A 54 1.66 -2.77 -10.21
C GLU A 54 1.61 -2.35 -8.74
N ILE A 55 1.58 -1.05 -8.53
CA ILE A 55 1.55 -0.50 -7.18
C ILE A 55 0.54 -1.31 -6.34
N ILE A 56 -0.65 -1.46 -6.90
CA ILE A 56 -1.70 -2.20 -6.21
C ILE A 56 -1.19 -3.60 -5.88
N MET A 57 -0.75 -4.30 -6.91
CA MET A 57 -0.24 -5.65 -6.73
C MET A 57 0.73 -5.72 -5.55
N ALA A 58 1.52 -4.67 -5.40
CA ALA A 58 2.48 -4.59 -4.32
C ALA A 58 1.74 -4.64 -2.98
N MET A 59 0.64 -3.91 -2.92
CA MET A 59 -0.16 -3.87 -1.71
C MET A 59 -0.99 -5.14 -1.55
N GLU A 60 -1.23 -5.79 -2.68
CA GLU A 60 -2.01 -7.03 -2.69
C GLU A 60 -1.18 -8.19 -2.13
N ASP A 61 0.14 -8.00 -2.18
CA ASP A 61 1.05 -9.02 -1.68
C ASP A 61 1.42 -8.71 -0.23
N GLU A 62 1.84 -7.46 -0.01
CA GLU A 62 2.22 -7.04 1.32
C GLU A 62 1.06 -7.24 2.30
N PHE A 63 -0.14 -7.06 1.79
CA PHE A 63 -1.33 -7.23 2.60
C PHE A 63 -2.06 -8.52 2.25
N GLY A 64 -1.56 -9.19 1.22
CA GLY A 64 -2.15 -10.43 0.77
C GLY A 64 -3.66 -10.27 0.53
N PHE A 65 -3.99 -9.24 -0.23
CA PHE A 65 -5.39 -8.97 -0.55
C PHE A 65 -5.67 -9.17 -2.04
N GLU A 66 -6.90 -8.90 -2.42
CA GLU A 66 -7.31 -9.04 -3.80
C GLU A 66 -8.11 -7.81 -4.25
N ILE A 67 -7.37 -6.78 -4.64
CA ILE A 67 -8.00 -5.55 -5.09
C ILE A 67 -8.25 -5.63 -6.59
N PRO A 68 -9.53 -5.48 -6.96
CA PRO A 68 -9.95 -5.54 -8.37
C PRO A 68 -9.49 -4.32 -9.16
N ASP A 69 -9.73 -4.34 -10.46
CA ASP A 69 -9.33 -3.24 -11.32
C ASP A 69 -10.27 -2.06 -11.11
N ILE A 70 -11.48 -2.39 -10.66
CA ILE A 70 -12.49 -1.38 -10.41
C ILE A 70 -12.06 -0.51 -9.23
N ASP A 71 -11.23 -1.09 -8.38
CA ASP A 71 -10.73 -0.37 -7.22
C ASP A 71 -9.34 0.20 -7.52
N ALA A 72 -8.49 -0.68 -8.03
CA ALA A 72 -7.13 -0.29 -8.37
C ALA A 72 -7.17 0.98 -9.21
N GLU A 73 -8.20 1.08 -10.04
CA GLU A 73 -8.38 2.23 -10.90
C GLU A 73 -8.84 3.43 -10.08
N LYS A 74 -9.56 3.15 -9.02
CA LYS A 74 -10.07 4.20 -8.14
C LYS A 74 -8.96 4.63 -7.18
N LEU A 75 -7.95 3.79 -7.06
CA LEU A 75 -6.83 4.07 -6.17
C LEU A 75 -5.77 4.85 -6.96
N MET A 76 -5.52 6.08 -6.51
CA MET A 76 -4.54 6.93 -7.14
C MET A 76 -3.65 7.61 -6.10
N CYS A 77 -3.70 7.09 -4.89
CA CYS A 77 -2.92 7.64 -3.80
C CYS A 77 -2.72 6.54 -2.75
N PRO A 78 -1.67 6.72 -1.93
CA PRO A 78 -1.33 5.78 -0.86
C PRO A 78 -2.36 5.78 0.27
N GLN A 79 -2.82 6.97 0.65
CA GLN A 79 -3.79 7.09 1.70
C GLN A 79 -5.07 6.33 1.35
N GLU A 80 -5.41 6.39 0.07
CA GLU A 80 -6.60 5.72 -0.42
C GLU A 80 -6.51 4.21 -0.15
N ILE A 81 -5.33 3.67 -0.40
CA ILE A 81 -5.10 2.25 -0.19
C ILE A 81 -5.26 1.93 1.30
N VAL A 82 -4.51 2.65 2.11
CA VAL A 82 -4.54 2.46 3.54
C VAL A 82 -6.00 2.29 3.99
N ASP A 83 -6.86 3.16 3.46
CA ASP A 83 -8.28 3.12 3.79
C ASP A 83 -8.82 1.72 3.49
N TYR A 84 -8.43 1.20 2.33
CA TYR A 84 -8.87 -0.11 1.91
C TYR A 84 -8.33 -1.20 2.83
N ILE A 85 -7.11 -0.96 3.30
CA ILE A 85 -6.46 -1.90 4.20
C ILE A 85 -7.09 -1.81 5.58
N ALA A 86 -6.96 -0.64 6.19
CA ALA A 86 -7.51 -0.41 7.51
C ALA A 86 -8.90 -1.04 7.59
N ASP A 87 -9.70 -0.76 6.57
CA ASP A 87 -11.06 -1.27 6.51
C ASP A 87 -11.04 -2.75 6.90
N LYS A 88 -10.17 -3.49 6.24
CA LYS A 88 -10.05 -4.92 6.51
C LYS A 88 -9.78 -5.14 8.00
N LYS A 89 -8.95 -4.26 8.55
CA LYS A 89 -8.60 -4.34 9.96
C LYS A 89 -8.42 -5.81 10.35
N ASP A 90 -7.82 -6.56 9.43
CA ASP A 90 -7.58 -7.98 9.67
C ASP A 90 -8.91 -8.73 9.66
N VAL A 91 -9.05 -9.61 8.70
CA VAL A 91 -10.27 -10.40 8.56
C VAL A 91 -10.09 -11.73 9.30
N TYR A 92 -9.07 -11.77 10.16
CA TYR A 92 -8.79 -12.96 10.93
C TYR A 92 -9.19 -14.22 10.16
N GLU A 93 -8.26 -14.70 9.35
CA GLU A 93 -8.50 -15.90 8.55
C GLU A 93 -9.07 -17.02 9.44
N SER A 94 -10.03 -17.74 8.88
CA SER A 94 -10.65 -18.84 9.61
C SER A 94 -9.65 -19.97 9.82
N GLY A 95 -9.31 -20.19 11.08
CA GLY A 95 -8.36 -21.23 11.43
C GLY A 95 -9.08 -22.54 11.78
N PRO A 96 -8.36 -23.65 11.60
CA PRO A 96 -8.89 -24.99 11.88
C PRO A 96 -9.08 -25.24 13.37
N SER A 97 -8.26 -24.59 14.18
CA SER A 97 -8.35 -24.75 15.63
C SER A 97 -8.43 -23.37 16.30
N SER A 98 -9.40 -23.25 17.19
CA SER A 98 -9.59 -21.99 17.91
C SER A 98 -9.96 -22.27 19.37
N GLY A 99 -11.07 -22.99 19.52
CA GLY A 99 -11.54 -23.34 20.85
C GLY A 99 -12.38 -22.21 21.45
N GLY A 1 19.43 -5.98 12.46
CA GLY A 1 20.72 -5.60 11.91
C GLY A 1 20.55 -4.95 10.52
N SER A 2 20.76 -5.76 9.50
CA SER A 2 20.64 -5.28 8.13
C SER A 2 19.23 -5.53 7.61
N SER A 3 18.36 -4.55 7.82
CA SER A 3 16.99 -4.65 7.38
C SER A 3 16.28 -5.77 8.14
N GLY A 4 15.20 -5.40 8.81
CA GLY A 4 14.43 -6.36 9.59
C GLY A 4 13.10 -5.76 10.04
N SER A 5 12.46 -6.46 10.96
CA SER A 5 11.17 -6.00 11.49
C SER A 5 10.90 -6.66 12.84
N SER A 6 9.85 -6.20 13.49
CA SER A 6 9.47 -6.73 14.79
C SER A 6 7.97 -6.48 15.03
N GLY A 7 7.49 -7.08 16.12
CA GLY A 7 6.08 -6.94 16.47
C GLY A 7 5.26 -8.11 15.94
N MET A 8 5.32 -9.21 16.67
CA MET A 8 4.58 -10.41 16.28
C MET A 8 3.14 -10.07 15.90
N PRO A 9 2.46 -9.37 16.83
CA PRO A 9 1.06 -8.96 16.64
C PRO A 9 0.83 -8.30 15.29
N PRO A 10 -0.43 -8.30 14.83
CA PRO A 10 -0.82 -7.72 13.55
C PRO A 10 -0.23 -6.32 13.35
N LEU A 11 -0.51 -5.72 12.20
CA LEU A 11 -0.01 -4.40 11.91
C LEU A 11 -1.18 -3.40 11.87
N THR A 12 -0.98 -2.28 12.52
CA THR A 12 -2.00 -1.25 12.58
C THR A 12 -1.85 -0.28 11.40
N LEU A 13 -2.73 0.71 11.37
CA LEU A 13 -2.71 1.70 10.31
C LEU A 13 -1.29 2.25 10.17
N GLU A 14 -0.73 2.65 11.30
CA GLU A 14 0.62 3.20 11.31
C GLU A 14 1.55 2.33 10.45
N GLY A 15 1.38 1.03 10.58
CA GLY A 15 2.19 0.09 9.83
C GLY A 15 1.75 0.02 8.36
N ILE A 16 0.43 0.05 8.18
CA ILE A 16 -0.14 0.00 6.85
C ILE A 16 0.44 1.14 6.00
N GLN A 17 0.29 2.35 6.52
CA GLN A 17 0.79 3.53 5.83
C GLN A 17 2.28 3.37 5.51
N ASP A 18 3.07 3.28 6.57
CA ASP A 18 4.51 3.12 6.40
C ASP A 18 4.78 2.11 5.28
N ARG A 19 3.99 1.04 5.28
CA ARG A 19 4.14 0.01 4.28
C ARG A 19 3.74 0.54 2.90
N VAL A 20 2.59 1.18 2.85
CA VAL A 20 2.09 1.74 1.61
C VAL A 20 3.22 2.52 0.92
N LEU A 21 3.90 3.33 1.72
CA LEU A 21 5.00 4.14 1.20
C LEU A 21 6.19 3.23 0.89
N TYR A 22 6.60 2.49 1.91
CA TYR A 22 7.73 1.58 1.76
C TYR A 22 7.65 0.83 0.42
N VAL A 23 6.53 0.17 0.21
CA VAL A 23 6.32 -0.58 -1.02
C VAL A 23 6.51 0.35 -2.22
N LEU A 24 5.92 1.52 -2.12
CA LEU A 24 6.01 2.51 -3.18
C LEU A 24 7.48 2.92 -3.36
N LYS A 25 8.17 3.08 -2.24
CA LYS A 25 9.56 3.46 -2.26
C LYS A 25 10.35 2.46 -3.11
N LEU A 26 10.08 1.19 -2.86
CA LEU A 26 10.75 0.14 -3.60
C LEU A 26 10.73 0.46 -5.09
N TYR A 27 9.70 1.18 -5.50
CA TYR A 27 9.55 1.57 -6.89
C TYR A 27 10.42 2.79 -7.22
N ASP A 28 11.57 2.51 -7.83
CA ASP A 28 12.49 3.57 -8.20
C ASP A 28 11.72 4.70 -8.88
N LYS A 29 10.75 4.31 -9.70
CA LYS A 29 9.94 5.28 -10.41
C LYS A 29 9.36 6.29 -9.41
N ILE A 30 9.03 5.79 -8.23
CA ILE A 30 8.47 6.63 -7.19
C ILE A 30 9.59 7.09 -6.26
N ASP A 31 9.85 8.38 -6.29
CA ASP A 31 10.90 8.96 -5.45
C ASP A 31 10.36 9.13 -4.03
N PRO A 32 11.24 8.81 -3.06
CA PRO A 32 10.91 8.90 -1.64
C PRO A 32 10.77 10.35 -1.18
N GLU A 33 11.70 11.20 -1.59
CA GLU A 33 11.67 12.60 -1.21
C GLU A 33 10.34 13.23 -1.64
N LYS A 34 9.66 12.54 -2.55
CA LYS A 34 8.38 13.02 -3.04
C LYS A 34 7.25 12.17 -2.46
N LEU A 35 7.50 10.87 -2.42
CA LEU A 35 6.51 9.94 -1.89
C LEU A 35 5.85 10.55 -0.66
N SER A 36 4.55 10.32 -0.54
CA SER A 36 3.79 10.84 0.59
C SER A 36 2.40 10.22 0.60
N VAL A 37 1.93 9.94 1.81
CA VAL A 37 0.62 9.34 1.99
C VAL A 37 -0.41 10.16 1.21
N ASN A 38 -0.04 11.40 0.91
CA ASN A 38 -0.93 12.29 0.18
C ASN A 38 -0.56 12.24 -1.31
N SER A 39 0.73 12.28 -1.58
CA SER A 39 1.22 12.24 -2.94
C SER A 39 0.29 11.38 -3.80
N HIS A 40 0.18 11.76 -5.06
CA HIS A 40 -0.66 11.03 -5.99
C HIS A 40 0.21 10.35 -7.05
N PHE A 41 -0.15 9.11 -7.36
CA PHE A 41 0.59 8.33 -8.34
C PHE A 41 0.55 9.01 -9.71
N MET A 42 -0.33 9.99 -9.82
CA MET A 42 -0.48 10.73 -11.07
C MET A 42 -0.35 12.24 -10.84
N LYS A 43 -1.28 12.76 -10.06
CA LYS A 43 -1.28 14.18 -9.75
C LYS A 43 0.16 14.68 -9.62
N ASP A 44 0.75 14.34 -8.48
CA ASP A 44 2.13 14.75 -8.21
C ASP A 44 3.08 13.84 -8.99
N LEU A 45 3.23 12.63 -8.49
CA LEU A 45 4.10 11.65 -9.13
C LEU A 45 3.98 11.78 -10.65
N GLY A 46 2.86 11.30 -11.17
CA GLY A 46 2.61 11.36 -12.60
C GLY A 46 3.04 10.05 -13.28
N LEU A 47 2.46 8.97 -12.82
CA LEU A 47 2.78 7.66 -13.37
C LEU A 47 1.66 7.23 -14.33
N ASP A 48 1.96 6.24 -15.14
CA ASP A 48 1.00 5.73 -16.10
C ASP A 48 0.17 4.62 -15.45
N SER A 49 -1.07 4.51 -15.89
CA SER A 49 -1.97 3.50 -15.36
C SER A 49 -1.25 2.15 -15.29
N LEU A 50 -0.55 1.83 -16.36
CA LEU A 50 0.19 0.59 -16.44
C LEU A 50 1.01 0.40 -15.16
N ASP A 51 1.55 1.51 -14.68
CA ASP A 51 2.36 1.49 -13.47
C ASP A 51 1.44 1.53 -12.25
N GLN A 52 0.25 2.11 -12.46
CA GLN A 52 -0.72 2.23 -11.38
C GLN A 52 -1.17 0.84 -10.93
N VAL A 53 -1.38 -0.04 -11.90
CA VAL A 53 -1.81 -1.39 -11.61
C VAL A 53 -0.74 -2.10 -10.78
N GLU A 54 0.51 -1.86 -11.16
CA GLU A 54 1.63 -2.46 -10.45
C GLU A 54 1.66 -2.00 -8.99
N ILE A 55 1.62 -0.69 -8.83
CA ILE A 55 1.64 -0.10 -7.50
C ILE A 55 0.65 -0.86 -6.60
N ILE A 56 -0.57 -0.97 -7.07
CA ILE A 56 -1.61 -1.66 -6.32
C ILE A 56 -1.16 -3.10 -6.05
N MET A 57 -0.84 -3.80 -7.13
CA MET A 57 -0.39 -5.18 -7.03
C MET A 57 0.57 -5.36 -5.85
N ALA A 58 1.49 -4.40 -5.73
CA ALA A 58 2.46 -4.44 -4.65
C ALA A 58 1.74 -4.53 -3.31
N MET A 59 0.77 -3.65 -3.14
CA MET A 59 -0.01 -3.62 -1.91
C MET A 59 -0.83 -4.90 -1.75
N GLU A 60 -1.32 -5.39 -2.88
CA GLU A 60 -2.12 -6.60 -2.87
C GLU A 60 -1.32 -7.78 -2.31
N ASP A 61 -0.02 -7.75 -2.60
CA ASP A 61 0.87 -8.80 -2.13
C ASP A 61 1.39 -8.44 -0.73
N GLU A 62 1.62 -7.14 -0.54
CA GLU A 62 2.11 -6.65 0.74
C GLU A 62 1.21 -7.14 1.87
N PHE A 63 -0.07 -7.23 1.57
CA PHE A 63 -1.04 -7.68 2.55
C PHE A 63 -1.69 -8.99 2.14
N GLY A 64 -1.77 -9.19 0.82
CA GLY A 64 -2.36 -10.40 0.29
C GLY A 64 -3.87 -10.27 0.18
N PHE A 65 -4.31 -9.24 -0.53
CA PHE A 65 -5.73 -8.99 -0.71
C PHE A 65 -6.12 -9.16 -2.18
N GLU A 66 -5.12 -9.38 -3.01
CA GLU A 66 -5.35 -9.55 -4.44
C GLU A 66 -6.46 -8.61 -4.92
N ILE A 67 -6.48 -7.43 -4.33
CA ILE A 67 -7.48 -6.43 -4.68
C ILE A 67 -7.71 -6.46 -6.20
N PRO A 68 -9.00 -6.41 -6.57
CA PRO A 68 -9.42 -6.43 -7.97
C PRO A 68 -9.05 -5.15 -8.71
N ASP A 69 -9.40 -5.07 -9.98
CA ASP A 69 -9.11 -3.89 -10.77
C ASP A 69 -10.18 -2.84 -10.53
N ILE A 70 -11.36 -3.31 -10.13
CA ILE A 70 -12.47 -2.42 -9.87
C ILE A 70 -12.12 -1.51 -8.69
N ASP A 71 -11.22 -2.00 -7.85
CA ASP A 71 -10.79 -1.24 -6.68
C ASP A 71 -9.45 -0.57 -6.99
N ALA A 72 -8.51 -1.39 -7.43
CA ALA A 72 -7.18 -0.88 -7.75
C ALA A 72 -7.30 0.37 -8.62
N GLU A 73 -8.39 0.42 -9.37
CA GLU A 73 -8.66 1.56 -10.24
C GLU A 73 -9.20 2.73 -9.44
N LYS A 74 -10.00 2.40 -8.43
CA LYS A 74 -10.59 3.41 -7.57
C LYS A 74 -9.50 4.06 -6.72
N LEU A 75 -8.36 3.38 -6.66
CA LEU A 75 -7.24 3.86 -5.88
C LEU A 75 -6.35 4.75 -6.76
N MET A 76 -5.96 5.89 -6.20
CA MET A 76 -5.12 6.82 -6.92
C MET A 76 -3.91 7.23 -6.09
N CYS A 77 -4.17 7.47 -4.80
CA CYS A 77 -3.10 7.85 -3.88
C CYS A 77 -2.81 6.67 -2.96
N PRO A 78 -1.70 6.81 -2.22
CA PRO A 78 -1.27 5.78 -1.27
C PRO A 78 -2.17 5.67 -0.05
N GLN A 79 -2.78 6.80 0.32
CA GLN A 79 -3.68 6.82 1.46
C GLN A 79 -4.98 6.09 1.13
N GLU A 80 -5.38 6.19 -0.13
CA GLU A 80 -6.60 5.55 -0.59
C GLU A 80 -6.55 4.05 -0.30
N ILE A 81 -5.39 3.46 -0.56
CA ILE A 81 -5.21 2.04 -0.32
C ILE A 81 -5.32 1.76 1.17
N VAL A 82 -4.54 2.49 1.95
CA VAL A 82 -4.55 2.33 3.39
C VAL A 82 -6.00 2.18 3.87
N ASP A 83 -6.86 3.05 3.36
CA ASP A 83 -8.26 3.02 3.73
C ASP A 83 -8.81 1.61 3.51
N TYR A 84 -8.47 1.05 2.35
CA TYR A 84 -8.93 -0.28 2.00
C TYR A 84 -8.27 -1.34 2.91
N ILE A 85 -7.03 -1.07 3.28
CA ILE A 85 -6.29 -1.98 4.14
C ILE A 85 -6.92 -1.99 5.53
N ALA A 86 -6.86 -0.83 6.17
CA ALA A 86 -7.42 -0.69 7.50
C ALA A 86 -8.77 -1.39 7.56
N ASP A 87 -9.48 -1.34 6.46
CA ASP A 87 -10.79 -1.98 6.37
C ASP A 87 -10.64 -3.48 6.63
N LYS A 88 -9.68 -4.07 5.93
CA LYS A 88 -9.43 -5.49 6.08
C LYS A 88 -9.14 -5.81 7.55
N LYS A 89 -8.44 -4.89 8.20
CA LYS A 89 -8.11 -5.05 9.60
C LYS A 89 -9.39 -5.25 10.41
N ASP A 90 -10.35 -4.38 10.16
CA ASP A 90 -11.63 -4.44 10.85
C ASP A 90 -12.76 -4.54 9.83
N VAL A 91 -13.24 -5.77 9.65
CA VAL A 91 -14.33 -6.02 8.70
C VAL A 91 -15.55 -6.53 9.46
N TYR A 92 -15.75 -5.97 10.65
CA TYR A 92 -16.88 -6.38 11.48
C TYR A 92 -18.11 -5.52 11.18
N GLU A 93 -18.26 -5.18 9.90
CA GLU A 93 -19.39 -4.37 9.47
C GLU A 93 -19.93 -4.89 8.13
N SER A 94 -21.25 -4.86 8.02
CA SER A 94 -21.91 -5.32 6.81
C SER A 94 -21.59 -4.38 5.65
N GLY A 95 -21.89 -3.10 5.87
CA GLY A 95 -21.64 -2.09 4.85
C GLY A 95 -22.76 -2.07 3.82
N PRO A 96 -23.00 -0.87 3.26
CA PRO A 96 -24.04 -0.66 2.25
C PRO A 96 -23.70 -1.32 0.92
N SER A 97 -23.92 -2.63 0.85
CA SER A 97 -23.64 -3.36 -0.37
C SER A 97 -24.94 -3.83 -1.01
N SER A 98 -24.97 -3.76 -2.34
CA SER A 98 -26.14 -4.17 -3.09
C SER A 98 -26.32 -5.68 -3.00
N GLY A 99 -25.31 -6.40 -3.49
CA GLY A 99 -25.35 -7.85 -3.47
C GLY A 99 -24.82 -8.40 -2.15
N GLY A 1 24.63 -3.74 6.14
CA GLY A 1 24.09 -2.47 6.58
C GLY A 1 24.06 -2.39 8.11
N SER A 2 23.19 -3.18 8.70
CA SER A 2 23.06 -3.21 10.14
C SER A 2 22.46 -1.89 10.64
N SER A 3 21.16 -1.92 10.91
CA SER A 3 20.47 -0.74 11.39
C SER A 3 19.04 -1.10 11.79
N GLY A 4 18.92 -1.66 12.99
CA GLY A 4 17.62 -2.06 13.50
C GLY A 4 17.36 -3.53 13.24
N SER A 5 17.07 -4.25 14.32
CA SER A 5 16.79 -5.67 14.22
C SER A 5 16.05 -6.16 15.47
N SER A 6 15.13 -7.09 15.26
CA SER A 6 14.35 -7.64 16.36
C SER A 6 13.37 -6.59 16.87
N GLY A 7 12.18 -7.06 17.22
CA GLY A 7 11.14 -6.17 17.73
C GLY A 7 9.80 -6.45 17.04
N MET A 8 9.71 -6.05 15.78
CA MET A 8 8.50 -6.25 15.02
C MET A 8 7.26 -6.04 15.89
N PRO A 9 7.08 -4.77 16.31
CA PRO A 9 5.94 -4.37 17.14
C PRO A 9 4.61 -4.91 16.61
N PRO A 10 3.56 -4.80 17.44
CA PRO A 10 2.22 -5.27 17.08
C PRO A 10 1.80 -4.79 15.69
N LEU A 11 0.59 -5.16 15.29
CA LEU A 11 0.08 -4.77 13.98
C LEU A 11 -0.87 -3.59 14.15
N THR A 12 -0.51 -2.48 13.51
CA THR A 12 -1.32 -1.28 13.59
C THR A 12 -1.28 -0.53 12.25
N LEU A 13 -2.21 0.41 12.10
CA LEU A 13 -2.29 1.20 10.89
C LEU A 13 -0.89 1.70 10.52
N GLU A 14 -0.20 2.22 11.53
CA GLU A 14 1.14 2.74 11.33
C GLU A 14 1.95 1.80 10.44
N GLY A 15 1.61 0.51 10.52
CA GLY A 15 2.29 -0.50 9.74
C GLY A 15 1.82 -0.48 8.28
N ILE A 16 0.50 -0.34 8.12
CA ILE A 16 -0.09 -0.30 6.79
C ILE A 16 0.54 0.86 6.00
N GLN A 17 0.44 2.04 6.56
CA GLN A 17 0.99 3.23 5.92
C GLN A 17 2.46 3.00 5.55
N ASP A 18 3.28 2.87 6.58
CA ASP A 18 4.70 2.65 6.38
C ASP A 18 4.90 1.67 5.22
N ARG A 19 4.14 0.59 5.28
CA ARG A 19 4.23 -0.43 4.24
C ARG A 19 3.88 0.16 2.88
N VAL A 20 2.72 0.81 2.83
CA VAL A 20 2.27 1.43 1.60
C VAL A 20 3.41 2.24 0.98
N LEU A 21 3.92 3.17 1.77
CA LEU A 21 5.01 4.02 1.31
C LEU A 21 6.23 3.15 1.02
N TYR A 22 6.59 2.32 1.99
CA TYR A 22 7.73 1.44 1.86
C TYR A 22 7.69 0.69 0.52
N VAL A 23 6.52 0.12 0.24
CA VAL A 23 6.33 -0.63 -0.99
C VAL A 23 6.47 0.32 -2.19
N LEU A 24 5.89 1.50 -2.02
CA LEU A 24 5.93 2.50 -3.07
C LEU A 24 7.38 2.94 -3.30
N LYS A 25 8.13 2.96 -2.21
CA LYS A 25 9.53 3.35 -2.27
C LYS A 25 10.30 2.33 -3.12
N LEU A 26 10.07 1.06 -2.82
CA LEU A 26 10.75 0.00 -3.54
C LEU A 26 10.64 0.25 -5.05
N TYR A 27 9.57 0.95 -5.42
CA TYR A 27 9.34 1.27 -6.81
C TYR A 27 10.12 2.53 -7.22
N ASP A 28 11.24 2.29 -7.90
CA ASP A 28 12.08 3.37 -8.36
C ASP A 28 11.22 4.44 -9.03
N LYS A 29 10.21 3.97 -9.76
CA LYS A 29 9.31 4.87 -10.45
C LYS A 29 8.77 5.91 -9.46
N ILE A 30 8.56 5.45 -8.23
CA ILE A 30 8.05 6.32 -7.18
C ILE A 30 9.22 6.83 -6.34
N ASP A 31 9.19 8.14 -6.09
CA ASP A 31 10.23 8.76 -5.31
C ASP A 31 9.75 8.92 -3.86
N PRO A 32 10.69 8.72 -2.92
CA PRO A 32 10.40 8.83 -1.49
C PRO A 32 10.15 10.27 -1.05
N GLU A 33 11.00 11.18 -1.51
CA GLU A 33 10.86 12.58 -1.17
C GLU A 33 9.54 13.12 -1.70
N LYS A 34 9.23 12.73 -2.94
CA LYS A 34 8.00 13.17 -3.57
C LYS A 34 6.82 12.38 -3.01
N LEU A 35 7.10 11.14 -2.64
CA LEU A 35 6.08 10.27 -2.08
C LEU A 35 5.43 10.96 -0.88
N SER A 36 4.10 10.85 -0.82
CA SER A 36 3.35 11.45 0.26
C SER A 36 2.02 10.73 0.44
N VAL A 37 1.68 10.47 1.69
CA VAL A 37 0.43 9.79 2.01
C VAL A 37 -0.71 10.45 1.22
N ASN A 38 -0.51 11.72 0.92
CA ASN A 38 -1.52 12.47 0.18
C ASN A 38 -0.90 13.03 -1.10
N SER A 39 -0.29 12.13 -1.86
CA SER A 39 0.34 12.52 -3.11
C SER A 39 -0.20 11.69 -4.27
N HIS A 40 -0.55 12.38 -5.35
CA HIS A 40 -1.09 11.71 -6.53
C HIS A 40 0.06 11.03 -7.30
N PHE A 41 -0.29 9.95 -7.98
CA PHE A 41 0.68 9.22 -8.76
C PHE A 41 0.81 9.79 -10.17
N MET A 42 0.06 10.86 -10.41
CA MET A 42 0.08 11.52 -11.70
C MET A 42 0.06 13.04 -11.56
N LYS A 43 -0.90 13.51 -10.77
CA LYS A 43 -1.05 14.93 -10.54
C LYS A 43 0.33 15.54 -10.27
N ASP A 44 0.97 15.05 -9.23
CA ASP A 44 2.29 15.53 -8.85
C ASP A 44 3.35 14.57 -9.39
N LEU A 45 3.35 13.37 -8.85
CA LEU A 45 4.30 12.36 -9.26
C LEU A 45 4.46 12.39 -10.79
N GLY A 46 3.54 11.71 -11.45
CA GLY A 46 3.56 11.66 -12.90
C GLY A 46 3.90 10.26 -13.40
N LEU A 47 3.13 9.28 -12.93
CA LEU A 47 3.35 7.91 -13.32
C LEU A 47 2.30 7.49 -14.36
N ASP A 48 2.50 6.32 -14.92
CA ASP A 48 1.58 5.81 -15.92
C ASP A 48 0.67 4.75 -15.28
N SER A 49 -0.37 4.40 -16.01
CA SER A 49 -1.32 3.41 -15.53
C SER A 49 -0.58 2.18 -15.03
N LEU A 50 0.48 1.83 -15.74
CA LEU A 50 1.29 0.68 -15.38
C LEU A 50 1.75 0.82 -13.93
N ASP A 51 1.68 2.04 -13.43
CA ASP A 51 2.09 2.33 -12.06
C ASP A 51 0.97 1.89 -11.11
N GLN A 52 -0.26 2.09 -11.56
CA GLN A 52 -1.41 1.73 -10.75
C GLN A 52 -1.53 0.21 -10.66
N VAL A 53 -1.42 -0.44 -11.80
CA VAL A 53 -1.50 -1.89 -11.86
C VAL A 53 -0.40 -2.50 -10.99
N GLU A 54 0.74 -1.83 -10.99
CA GLU A 54 1.88 -2.30 -10.21
C GLU A 54 1.73 -1.88 -8.74
N ILE A 55 1.47 -0.60 -8.55
CA ILE A 55 1.29 -0.06 -7.21
C ILE A 55 0.32 -0.95 -6.44
N ILE A 56 -0.84 -1.17 -7.04
CA ILE A 56 -1.86 -2.00 -6.42
C ILE A 56 -1.33 -3.43 -6.27
N MET A 57 -0.84 -3.97 -7.39
CA MET A 57 -0.31 -5.31 -7.40
C MET A 57 0.71 -5.51 -6.27
N ALA A 58 1.27 -4.40 -5.81
CA ALA A 58 2.25 -4.43 -4.75
C ALA A 58 1.54 -4.66 -3.41
N MET A 59 0.45 -3.92 -3.23
CA MET A 59 -0.33 -4.03 -2.01
C MET A 59 -1.03 -5.38 -1.93
N GLU A 60 -1.25 -5.96 -3.09
CA GLU A 60 -1.93 -7.26 -3.17
C GLU A 60 -0.99 -8.37 -2.69
N ASP A 61 0.31 -8.06 -2.73
CA ASP A 61 1.31 -9.02 -2.32
C ASP A 61 1.76 -8.70 -0.89
N GLU A 62 2.01 -7.42 -0.65
CA GLU A 62 2.44 -6.97 0.67
C GLU A 62 1.48 -7.47 1.74
N PHE A 63 0.19 -7.37 1.43
CA PHE A 63 -0.84 -7.82 2.36
C PHE A 63 -1.58 -9.04 1.82
N GLY A 64 -0.98 -9.66 0.82
CA GLY A 64 -1.55 -10.84 0.21
C GLY A 64 -3.08 -10.71 0.11
N PHE A 65 -3.50 -9.68 -0.62
CA PHE A 65 -4.92 -9.43 -0.80
C PHE A 65 -5.34 -9.69 -2.25
N GLU A 66 -6.61 -9.42 -2.52
CA GLU A 66 -7.14 -9.62 -3.86
C GLU A 66 -8.07 -8.47 -4.23
N ILE A 67 -7.46 -7.35 -4.59
CA ILE A 67 -8.22 -6.17 -4.98
C ILE A 67 -8.42 -6.16 -6.50
N PRO A 68 -9.70 -6.06 -6.90
CA PRO A 68 -10.07 -6.04 -8.32
C PRO A 68 -9.64 -4.74 -9.01
N ASP A 69 -9.70 -4.76 -10.34
CA ASP A 69 -9.30 -3.58 -11.11
C ASP A 69 -10.30 -2.45 -10.83
N ILE A 70 -11.50 -2.83 -10.42
CA ILE A 70 -12.53 -1.87 -10.13
C ILE A 70 -12.19 -1.14 -8.83
N ASP A 71 -11.43 -1.82 -7.98
CA ASP A 71 -11.02 -1.26 -6.70
C ASP A 71 -9.59 -0.73 -6.82
N ALA A 72 -8.89 -1.22 -7.84
CA ALA A 72 -7.52 -0.81 -8.08
C ALA A 72 -7.51 0.47 -8.91
N GLU A 73 -8.25 0.42 -10.01
CA GLU A 73 -8.34 1.56 -10.91
C GLU A 73 -8.85 2.79 -10.16
N LYS A 74 -9.49 2.52 -9.03
CA LYS A 74 -10.03 3.59 -8.20
C LYS A 74 -8.94 4.14 -7.30
N LEU A 75 -7.95 3.31 -7.05
CA LEU A 75 -6.83 3.69 -6.20
C LEU A 75 -5.82 4.51 -7.02
N MET A 76 -5.56 5.72 -6.56
CA MET A 76 -4.62 6.59 -7.23
C MET A 76 -3.67 7.26 -6.23
N CYS A 77 -3.76 6.80 -5.00
CA CYS A 77 -2.91 7.34 -3.94
C CYS A 77 -2.65 6.23 -2.92
N PRO A 78 -1.64 6.47 -2.08
CA PRO A 78 -1.24 5.51 -1.03
C PRO A 78 -2.28 5.42 0.09
N GLN A 79 -2.70 6.57 0.60
CA GLN A 79 -3.68 6.59 1.67
C GLN A 79 -4.98 5.91 1.21
N GLU A 80 -5.31 6.12 -0.05
CA GLU A 80 -6.51 5.53 -0.62
C GLU A 80 -6.50 4.02 -0.43
N ILE A 81 -5.29 3.48 -0.29
CA ILE A 81 -5.13 2.05 -0.10
C ILE A 81 -5.28 1.71 1.38
N VAL A 82 -4.59 2.49 2.21
CA VAL A 82 -4.64 2.29 3.65
C VAL A 82 -6.10 2.11 4.09
N ASP A 83 -6.94 3.02 3.61
CA ASP A 83 -8.35 2.97 3.95
C ASP A 83 -8.90 1.59 3.62
N TYR A 84 -8.50 1.08 2.47
CA TYR A 84 -8.94 -0.23 2.03
C TYR A 84 -8.37 -1.34 2.92
N ILE A 85 -7.13 -1.13 3.35
CA ILE A 85 -6.47 -2.08 4.22
C ILE A 85 -7.07 -2.01 5.62
N ALA A 86 -7.00 -0.82 6.19
CA ALA A 86 -7.52 -0.60 7.53
C ALA A 86 -8.84 -1.36 7.69
N ASP A 87 -9.74 -1.12 6.74
CA ASP A 87 -11.04 -1.77 6.77
C ASP A 87 -10.84 -3.29 6.75
N LYS A 88 -10.09 -3.74 5.77
CA LYS A 88 -9.82 -5.16 5.62
C LYS A 88 -9.23 -5.70 6.93
N LYS A 89 -8.70 -4.77 7.72
CA LYS A 89 -8.11 -5.14 9.00
C LYS A 89 -9.16 -5.05 10.09
N ASP A 90 -10.00 -4.03 9.98
CA ASP A 90 -11.06 -3.82 10.96
C ASP A 90 -11.89 -5.10 11.09
N VAL A 91 -12.91 -5.02 11.93
CA VAL A 91 -13.78 -6.16 12.14
C VAL A 91 -15.13 -5.90 11.48
N TYR A 92 -15.08 -5.26 10.32
CA TYR A 92 -16.29 -4.95 9.58
C TYR A 92 -16.18 -5.42 8.12
N GLU A 93 -15.71 -4.51 7.29
CA GLU A 93 -15.56 -4.81 5.87
C GLU A 93 -16.92 -5.08 5.23
N SER A 94 -17.35 -4.14 4.41
CA SER A 94 -18.63 -4.26 3.73
C SER A 94 -18.76 -5.65 3.11
N GLY A 95 -17.84 -5.94 2.20
CA GLY A 95 -17.84 -7.24 1.52
C GLY A 95 -17.51 -7.07 0.04
N PRO A 96 -16.98 -8.16 -0.55
CA PRO A 96 -16.60 -8.19 -1.96
C PRO A 96 -17.81 -8.17 -2.89
N SER A 97 -18.79 -9.02 -2.61
CA SER A 97 -19.98 -9.08 -3.42
C SER A 97 -21.22 -8.93 -2.53
N SER A 98 -21.87 -7.78 -2.66
CA SER A 98 -23.06 -7.50 -1.89
C SER A 98 -24.07 -6.73 -2.74
N GLY A 99 -24.82 -7.48 -3.55
CA GLY A 99 -25.81 -6.88 -4.41
C GLY A 99 -27.19 -6.86 -3.74
N GLY A 1 24.64 6.42 5.81
CA GLY A 1 23.70 5.35 5.51
C GLY A 1 23.01 4.84 6.78
N SER A 2 21.71 5.05 6.83
CA SER A 2 20.93 4.62 7.98
C SER A 2 19.45 4.94 7.75
N SER A 3 18.68 3.89 7.54
CA SER A 3 17.24 4.05 7.31
C SER A 3 16.56 2.68 7.31
N GLY A 4 15.81 2.42 8.37
CA GLY A 4 15.11 1.15 8.50
C GLY A 4 13.62 1.39 8.72
N SER A 5 13.01 0.48 9.47
CA SER A 5 11.59 0.58 9.76
C SER A 5 11.15 -0.60 10.64
N SER A 6 11.19 -1.78 10.04
CA SER A 6 10.80 -3.00 10.75
C SER A 6 9.32 -2.92 11.13
N GLY A 7 8.58 -3.94 10.72
CA GLY A 7 7.16 -4.01 11.02
C GLY A 7 6.84 -5.23 11.88
N MET A 8 7.41 -5.24 13.07
CA MET A 8 7.20 -6.34 13.99
C MET A 8 5.78 -6.31 14.58
N PRO A 9 5.43 -5.14 15.13
CA PRO A 9 4.12 -4.92 15.74
C PRO A 9 2.98 -5.37 14.83
N PRO A 10 1.79 -5.58 15.42
CA PRO A 10 0.60 -6.02 14.69
C PRO A 10 0.37 -5.21 13.42
N LEU A 11 -0.53 -5.68 12.57
CA LEU A 11 -0.83 -4.98 11.34
C LEU A 11 -1.93 -3.96 11.59
N THR A 12 -1.52 -2.73 11.84
CA THR A 12 -2.46 -1.66 12.10
C THR A 12 -2.25 -0.51 11.11
N LEU A 13 -3.20 0.42 11.11
CA LEU A 13 -3.12 1.57 10.22
C LEU A 13 -1.69 2.07 10.16
N GLU A 14 -1.16 2.40 11.34
CA GLU A 14 0.20 2.89 11.44
C GLU A 14 1.14 2.06 10.56
N GLY A 15 0.99 0.75 10.68
CA GLY A 15 1.81 -0.18 9.92
C GLY A 15 1.38 -0.20 8.45
N ILE A 16 0.07 -0.14 8.25
CA ILE A 16 -0.48 -0.16 6.90
C ILE A 16 0.10 1.02 6.10
N GLN A 17 -0.05 2.21 6.68
CA GLN A 17 0.44 3.41 6.03
C GLN A 17 1.93 3.25 5.69
N ASP A 18 2.73 3.16 6.75
CA ASP A 18 4.17 3.01 6.58
C ASP A 18 4.44 2.04 5.44
N ARG A 19 3.72 0.93 5.44
CA ARG A 19 3.88 -0.08 4.42
C ARG A 19 3.54 0.50 3.04
N VAL A 20 2.41 1.20 2.99
CA VAL A 20 1.96 1.81 1.74
C VAL A 20 3.09 2.66 1.16
N LEU A 21 3.79 3.35 2.06
CA LEU A 21 4.90 4.20 1.65
C LEU A 21 6.13 3.33 1.38
N TYR A 22 6.33 2.35 2.26
CA TYR A 22 7.46 1.45 2.11
C TYR A 22 7.42 0.72 0.78
N VAL A 23 6.27 0.12 0.50
CA VAL A 23 6.09 -0.60 -0.75
C VAL A 23 6.23 0.35 -1.93
N LEU A 24 5.60 1.51 -1.79
CA LEU A 24 5.64 2.53 -2.83
C LEU A 24 7.09 2.99 -3.02
N LYS A 25 7.85 2.92 -1.93
CA LYS A 25 9.24 3.33 -1.96
C LYS A 25 10.04 2.34 -2.80
N LEU A 26 9.76 1.05 -2.57
CA LEU A 26 10.45 -0.01 -3.29
C LEU A 26 10.49 0.35 -4.78
N TYR A 27 9.43 0.97 -5.24
CA TYR A 27 9.33 1.37 -6.64
C TYR A 27 10.23 2.57 -6.92
N ASP A 28 11.39 2.29 -7.48
CA ASP A 28 12.34 3.34 -7.82
C ASP A 28 11.61 4.47 -8.54
N LYS A 29 10.67 4.07 -9.39
CA LYS A 29 9.91 5.04 -10.16
C LYS A 29 9.28 6.06 -9.20
N ILE A 30 8.87 5.56 -8.05
CA ILE A 30 8.27 6.42 -7.04
C ILE A 30 9.34 6.94 -6.10
N ASP A 31 9.66 8.21 -6.26
CA ASP A 31 10.68 8.85 -5.44
C ASP A 31 10.16 8.95 -3.99
N PRO A 32 11.05 8.61 -3.04
CA PRO A 32 10.74 8.65 -1.62
C PRO A 32 10.58 10.07 -1.10
N GLU A 33 11.53 10.94 -1.43
CA GLU A 33 11.48 12.31 -0.99
C GLU A 33 10.16 12.96 -1.43
N LYS A 34 9.53 12.34 -2.41
CA LYS A 34 8.27 12.84 -2.94
C LYS A 34 7.12 12.01 -2.36
N LEU A 35 7.35 10.71 -2.28
CA LEU A 35 6.34 9.80 -1.76
C LEU A 35 5.72 10.42 -0.49
N SER A 36 4.42 10.68 -0.59
CA SER A 36 3.70 11.26 0.54
C SER A 36 2.22 10.91 0.44
N VAL A 37 1.66 10.53 1.58
CA VAL A 37 0.25 10.16 1.64
C VAL A 37 -0.56 11.14 0.77
N ASN A 38 -0.17 12.40 0.86
CA ASN A 38 -0.86 13.44 0.10
C ASN A 38 -0.10 13.70 -1.20
N SER A 39 0.20 12.61 -1.90
CA SER A 39 0.92 12.70 -3.15
C SER A 39 0.29 11.76 -4.18
N HIS A 40 -0.08 12.34 -5.32
CA HIS A 40 -0.69 11.56 -6.38
C HIS A 40 0.34 10.61 -6.98
N PHE A 41 -0.05 9.99 -8.09
CA PHE A 41 0.83 9.05 -8.76
C PHE A 41 1.04 9.44 -10.23
N MET A 42 -0.02 9.99 -10.81
CA MET A 42 0.03 10.41 -12.20
C MET A 42 0.14 11.94 -12.30
N LYS A 43 -0.35 12.60 -11.27
CA LYS A 43 -0.30 14.06 -11.23
C LYS A 43 1.10 14.51 -10.85
N ASP A 44 1.38 14.43 -9.55
CA ASP A 44 2.69 14.83 -9.05
C ASP A 44 3.76 13.92 -9.64
N LEU A 45 3.85 12.73 -9.07
CA LEU A 45 4.84 11.75 -9.53
C LEU A 45 4.89 11.78 -11.06
N GLY A 46 3.79 11.33 -11.66
CA GLY A 46 3.71 11.29 -13.11
C GLY A 46 3.99 9.88 -13.64
N LEU A 47 3.41 8.90 -12.97
CA LEU A 47 3.59 7.52 -13.36
C LEU A 47 2.54 7.16 -14.41
N ASP A 48 2.74 5.99 -15.02
CA ASP A 48 1.83 5.52 -16.04
C ASP A 48 0.75 4.64 -15.39
N SER A 49 -0.24 4.29 -16.20
CA SER A 49 -1.33 3.45 -15.70
C SER A 49 -0.81 2.05 -15.39
N LEU A 50 -0.04 1.51 -16.33
CA LEU A 50 0.53 0.19 -16.16
C LEU A 50 1.25 0.11 -14.81
N ASP A 51 1.72 1.26 -14.37
CA ASP A 51 2.43 1.33 -13.09
C ASP A 51 1.42 1.38 -11.95
N GLN A 52 0.23 1.87 -12.28
CA GLN A 52 -0.84 1.99 -11.30
C GLN A 52 -1.41 0.61 -10.96
N VAL A 53 -1.29 -0.30 -11.94
CA VAL A 53 -1.79 -1.65 -11.76
C VAL A 53 -0.79 -2.44 -10.90
N GLU A 54 0.46 -2.03 -10.97
CA GLU A 54 1.51 -2.69 -10.21
C GLU A 54 1.47 -2.24 -8.75
N ILE A 55 1.42 -0.93 -8.58
CA ILE A 55 1.38 -0.35 -7.24
C ILE A 55 0.33 -1.08 -6.41
N ILE A 56 -0.88 -1.14 -6.95
CA ILE A 56 -1.98 -1.80 -6.27
C ILE A 56 -1.53 -3.20 -5.83
N MET A 57 -1.18 -4.01 -6.81
CA MET A 57 -0.73 -5.36 -6.55
C MET A 57 0.25 -5.40 -5.38
N ALA A 58 1.19 -4.47 -5.42
CA ALA A 58 2.20 -4.39 -4.37
C ALA A 58 1.52 -4.47 -3.01
N MET A 59 0.38 -3.78 -2.91
CA MET A 59 -0.37 -3.78 -1.66
C MET A 59 -1.03 -5.14 -1.41
N GLU A 60 -1.71 -5.62 -2.44
CA GLU A 60 -2.39 -6.90 -2.35
C GLU A 60 -1.41 -8.00 -1.97
N ASP A 61 -0.14 -7.76 -2.27
CA ASP A 61 0.91 -8.72 -1.95
C ASP A 61 1.45 -8.42 -0.55
N GLU A 62 1.58 -7.14 -0.25
CA GLU A 62 2.08 -6.72 1.05
C GLU A 62 1.04 -7.01 2.14
N PHE A 63 -0.21 -7.08 1.72
CA PHE A 63 -1.30 -7.36 2.64
C PHE A 63 -1.91 -8.73 2.38
N GLY A 64 -1.85 -9.14 1.12
CA GLY A 64 -2.39 -10.43 0.72
C GLY A 64 -3.88 -10.32 0.39
N PHE A 65 -4.25 -9.16 -0.14
CA PHE A 65 -5.62 -8.91 -0.52
C PHE A 65 -5.83 -9.09 -2.03
N GLU A 66 -7.03 -8.75 -2.48
CA GLU A 66 -7.35 -8.86 -3.88
C GLU A 66 -8.24 -7.70 -4.32
N ILE A 67 -7.58 -6.62 -4.75
CA ILE A 67 -8.30 -5.44 -5.19
C ILE A 67 -8.48 -5.50 -6.71
N PRO A 68 -9.76 -5.56 -7.12
CA PRO A 68 -10.12 -5.62 -8.54
C PRO A 68 -9.85 -4.31 -9.27
N ASP A 69 -9.75 -4.39 -10.59
CA ASP A 69 -9.48 -3.21 -11.39
C ASP A 69 -10.57 -2.17 -11.13
N ILE A 70 -11.72 -2.66 -10.70
CA ILE A 70 -12.85 -1.78 -10.41
C ILE A 70 -12.56 -1.00 -9.12
N ASP A 71 -11.72 -1.60 -8.28
CA ASP A 71 -11.35 -0.97 -7.02
C ASP A 71 -9.97 -0.33 -7.15
N ALA A 72 -9.14 -0.93 -7.99
CA ALA A 72 -7.81 -0.42 -8.22
C ALA A 72 -7.89 0.91 -8.95
N GLU A 73 -8.92 1.04 -9.77
CA GLU A 73 -9.13 2.25 -10.54
C GLU A 73 -9.59 3.39 -9.62
N LYS A 74 -10.35 3.01 -8.60
CA LYS A 74 -10.85 3.98 -7.65
C LYS A 74 -9.71 4.48 -6.77
N LEU A 75 -8.59 3.78 -6.87
CA LEU A 75 -7.41 4.14 -6.08
C LEU A 75 -6.45 4.96 -6.96
N MET A 76 -6.21 6.18 -6.51
CA MET A 76 -5.32 7.07 -7.24
C MET A 76 -4.28 7.69 -6.30
N CYS A 77 -4.31 7.24 -5.06
CA CYS A 77 -3.37 7.73 -4.07
C CYS A 77 -3.09 6.60 -3.06
N PRO A 78 -2.02 6.80 -2.28
CA PRO A 78 -1.59 5.82 -1.28
C PRO A 78 -2.56 5.75 -0.09
N GLN A 79 -2.90 6.91 0.46
CA GLN A 79 -3.82 6.96 1.59
C GLN A 79 -5.14 6.28 1.22
N GLU A 80 -5.61 6.59 0.02
CA GLU A 80 -6.86 6.02 -0.45
C GLU A 80 -6.85 4.50 -0.30
N ILE A 81 -5.66 3.93 -0.40
CA ILE A 81 -5.50 2.49 -0.27
C ILE A 81 -5.54 2.11 1.21
N VAL A 82 -4.75 2.83 2.00
CA VAL A 82 -4.68 2.58 3.42
C VAL A 82 -6.10 2.41 3.97
N ASP A 83 -7.00 3.25 3.47
CA ASP A 83 -8.39 3.20 3.90
C ASP A 83 -8.96 1.82 3.59
N TYR A 84 -8.64 1.32 2.40
CA TYR A 84 -9.13 0.02 1.97
C TYR A 84 -8.56 -1.08 2.86
N ILE A 85 -7.37 -0.83 3.40
CA ILE A 85 -6.72 -1.80 4.27
C ILE A 85 -7.31 -1.69 5.67
N ALA A 86 -7.16 -0.52 6.25
CA ALA A 86 -7.68 -0.27 7.59
C ALA A 86 -9.05 -0.96 7.74
N ASP A 87 -9.89 -0.73 6.74
CA ASP A 87 -11.23 -1.30 6.74
C ASP A 87 -11.12 -2.83 6.85
N LYS A 88 -10.29 -3.39 5.98
CA LYS A 88 -10.08 -4.83 5.97
C LYS A 88 -9.74 -5.31 7.39
N LYS A 89 -8.98 -4.49 8.08
CA LYS A 89 -8.57 -4.81 9.44
C LYS A 89 -8.16 -6.29 9.51
N ASP A 90 -6.95 -6.55 9.07
CA ASP A 90 -6.42 -7.90 9.07
C ASP A 90 -6.73 -8.56 10.42
N VAL A 91 -7.22 -9.79 10.35
CA VAL A 91 -7.56 -10.54 11.54
C VAL A 91 -6.35 -11.37 11.99
N TYR A 92 -5.17 -10.84 11.69
CA TYR A 92 -3.93 -11.50 12.05
C TYR A 92 -3.53 -11.18 13.49
N GLU A 93 -4.52 -11.22 14.38
CA GLU A 93 -4.28 -10.93 15.78
C GLU A 93 -5.50 -11.32 16.62
N SER A 94 -5.23 -11.68 17.87
CA SER A 94 -6.29 -12.07 18.77
C SER A 94 -5.86 -11.83 20.22
N GLY A 95 -6.71 -11.14 20.96
CA GLY A 95 -6.44 -10.83 22.35
C GLY A 95 -6.72 -9.36 22.65
N PRO A 96 -6.99 -9.09 23.94
CA PRO A 96 -7.28 -7.74 24.42
C PRO A 96 -6.06 -6.84 24.38
N SER A 97 -6.05 -5.91 23.42
CA SER A 97 -4.93 -4.99 23.30
C SER A 97 -3.60 -5.76 23.35
N SER A 98 -3.19 -6.26 22.19
CA SER A 98 -1.95 -7.00 22.10
C SER A 98 -1.84 -7.98 23.28
N GLY A 99 -2.44 -9.15 23.09
CA GLY A 99 -2.41 -10.17 24.12
C GLY A 99 -3.50 -9.92 25.17
#